data_5BZH
# 
_entry.id   5BZH 
# 
_audit_conform.dict_name       mmcif_pdbx.dic 
_audit_conform.dict_version    5.399 
_audit_conform.dict_location   http://mmcif.pdb.org/dictionaries/ascii/mmcif_pdbx.dic 
# 
loop_
_database_2.database_id 
_database_2.database_code 
_database_2.pdbx_database_accession 
_database_2.pdbx_DOI 
PDB   5BZH         pdb_00005bzh 10.2210/pdb5bzh/pdb 
WWPDB D_1000210186 ?            ?                   
# 
loop_
_pdbx_audit_revision_history.ordinal 
_pdbx_audit_revision_history.data_content_type 
_pdbx_audit_revision_history.major_revision 
_pdbx_audit_revision_history.minor_revision 
_pdbx_audit_revision_history.revision_date 
1 'Structure model' 1 0 2016-06-29 
2 'Structure model' 1 1 2024-11-20 
# 
_pdbx_audit_revision_details.ordinal             1 
_pdbx_audit_revision_details.revision_ordinal    1 
_pdbx_audit_revision_details.data_content_type   'Structure model' 
_pdbx_audit_revision_details.provider            repository 
_pdbx_audit_revision_details.type                'Initial release' 
_pdbx_audit_revision_details.description         ? 
_pdbx_audit_revision_details.details             ? 
# 
loop_
_pdbx_audit_revision_group.ordinal 
_pdbx_audit_revision_group.revision_ordinal 
_pdbx_audit_revision_group.data_content_type 
_pdbx_audit_revision_group.group 
1 2 'Structure model' 'Data collection'      
2 2 'Structure model' 'Database references'  
3 2 'Structure model' 'Derived calculations' 
4 2 'Structure model' 'Structure summary'    
# 
loop_
_pdbx_audit_revision_category.ordinal 
_pdbx_audit_revision_category.revision_ordinal 
_pdbx_audit_revision_category.data_content_type 
_pdbx_audit_revision_category.category 
1 2 'Structure model' chem_comp_atom            
2 2 'Structure model' chem_comp_bond            
3 2 'Structure model' citation                  
4 2 'Structure model' database_2                
5 2 'Structure model' pdbx_entry_details        
6 2 'Structure model' pdbx_modification_feature 
7 2 'Structure model' pdbx_struct_oper_list     
# 
loop_
_pdbx_audit_revision_item.ordinal 
_pdbx_audit_revision_item.revision_ordinal 
_pdbx_audit_revision_item.data_content_type 
_pdbx_audit_revision_item.item 
1 2 'Structure model' '_citation.journal_id_CSD'                  
2 2 'Structure model' '_database_2.pdbx_DOI'                      
3 2 'Structure model' '_database_2.pdbx_database_accession'       
4 2 'Structure model' '_pdbx_struct_oper_list.symmetry_operation' 
# 
_pdbx_database_status.status_code                     REL 
_pdbx_database_status.status_code_sf                  REL 
_pdbx_database_status.status_code_mr                  ? 
_pdbx_database_status.entry_id                        5BZH 
_pdbx_database_status.recvd_initial_deposition_date   2015-06-11 
_pdbx_database_status.SG_entry                        N 
_pdbx_database_status.deposit_site                    RCSB 
_pdbx_database_status.process_site                    RCSB 
_pdbx_database_status.status_code_cs                  ? 
_pdbx_database_status.methods_development_category    ? 
_pdbx_database_status.pdb_format_compatible           Y 
_pdbx_database_status.status_code_nmr_data            ? 
# 
loop_
_audit_author.name 
_audit_author.pdbx_ordinal 
'Liu, L.K.'    1 
'Finzel, B.C.' 2 
# 
_citation.abstract                  ? 
_citation.abstract_id_CAS           ? 
_citation.book_id_ISBN              ? 
_citation.book_publisher            ? 
_citation.book_publisher_city       ? 
_citation.book_title                ? 
_citation.coordinate_linkage        ? 
_citation.country                   ? 
_citation.database_id_Medline       ? 
_citation.details                   ? 
_citation.id                        primary 
_citation.journal_abbrev            'To Be Published' 
_citation.journal_id_ASTM           ? 
_citation.journal_id_CSD            0353 
_citation.journal_id_ISSN           ? 
_citation.journal_full              ? 
_citation.journal_issue             ? 
_citation.journal_volume            ? 
_citation.language                  ? 
_citation.page_first                ? 
_citation.page_last                 ? 
_citation.title                     'Crystal structure of the murine cd44 hyaluronan binding domain complex with a small molecule' 
_citation.year                      ? 
_citation.database_id_CSD           ? 
_citation.pdbx_database_id_DOI      ? 
_citation.pdbx_database_id_PubMed   ? 
_citation.unpublished_flag          ? 
# 
loop_
_citation_author.citation_id 
_citation_author.name 
_citation_author.ordinal 
_citation_author.identifier_ORCID 
primary 'Liu, L.K.'    1 ? 
primary 'Finzel, B.C.' 2 ? 
# 
loop_
_entity.id 
_entity.type 
_entity.src_method 
_entity.pdbx_description 
_entity.formula_weight 
_entity.pdbx_number_of_molecules 
_entity.pdbx_ec 
_entity.pdbx_mutation 
_entity.pdbx_fragment 
_entity.details 
1 polymer     man 'CD44 antigen'                                      16855.803 1  ? 'H23M, Q24N' ? ? 
2 non-polymer syn 'DIMETHYL SULFOXIDE'                                78.133    1  ? ?            ? ? 
3 non-polymer syn '3-(3,4-dihydroisoquinolin-2(1H)-yl)propan-1-amine' 190.285   1  ? ?            ? ? 
4 water       nat water                                               18.015    53 ? ?            ? ? 
# 
_entity_name_com.entity_id   1 
_entity_name_com.name        
;Extracellular matrix receptor III,ECMR-III,GP90 lymphocyte homing/adhesion receptor,HUTCH-I,Hermes antigen,Hyaluronate receptor,Lymphocyte antigen 24,Ly-24,Phagocytic glycoprotein 1,PGP-1,Phagocytic glycoprotein I,PGP-I
;
# 
_entity_poly.entity_id                      1 
_entity_poly.type                           'polypeptide(L)' 
_entity_poly.nstd_linkage                   no 
_entity_poly.nstd_monomer                   no 
_entity_poly.pdbx_seq_one_letter_code       
;MNQIDLNVTCRYAGVFHVEKNGRYSISRTEAADLCQAFNSTLPTMDQMKLALSKGFETCRYGFIEGNVVIPRIHPNAICA
ANHTGVYILVTSNTSHYDTYCFNASAPPEEDCTSVTDLPNSFDGPVTITIVNRDGTRYSKKGEYRTHQEDI
;
_entity_poly.pdbx_seq_one_letter_code_can   
;MNQIDLNVTCRYAGVFHVEKNGRYSISRTEAADLCQAFNSTLPTMDQMKLALSKGFETCRYGFIEGNVVIPRIHPNAICA
ANHTGVYILVTSNTSHYDTYCFNASAPPEEDCTSVTDLPNSFDGPVTITIVNRDGTRYSKKGEYRTHQEDI
;
_entity_poly.pdbx_strand_id                 A 
_entity_poly.pdbx_target_identifier         ? 
# 
loop_
_pdbx_entity_nonpoly.entity_id 
_pdbx_entity_nonpoly.name 
_pdbx_entity_nonpoly.comp_id 
2 'DIMETHYL SULFOXIDE'                                DMS 
3 '3-(3,4-dihydroisoquinolin-2(1H)-yl)propan-1-amine' 4X1 
4 water                                               HOH 
# 
loop_
_entity_poly_seq.entity_id 
_entity_poly_seq.num 
_entity_poly_seq.mon_id 
_entity_poly_seq.hetero 
1 1   MET n 
1 2   ASN n 
1 3   GLN n 
1 4   ILE n 
1 5   ASP n 
1 6   LEU n 
1 7   ASN n 
1 8   VAL n 
1 9   THR n 
1 10  CYS n 
1 11  ARG n 
1 12  TYR n 
1 13  ALA n 
1 14  GLY n 
1 15  VAL n 
1 16  PHE n 
1 17  HIS n 
1 18  VAL n 
1 19  GLU n 
1 20  LYS n 
1 21  ASN n 
1 22  GLY n 
1 23  ARG n 
1 24  TYR n 
1 25  SER n 
1 26  ILE n 
1 27  SER n 
1 28  ARG n 
1 29  THR n 
1 30  GLU n 
1 31  ALA n 
1 32  ALA n 
1 33  ASP n 
1 34  LEU n 
1 35  CYS n 
1 36  GLN n 
1 37  ALA n 
1 38  PHE n 
1 39  ASN n 
1 40  SER n 
1 41  THR n 
1 42  LEU n 
1 43  PRO n 
1 44  THR n 
1 45  MET n 
1 46  ASP n 
1 47  GLN n 
1 48  MET n 
1 49  LYS n 
1 50  LEU n 
1 51  ALA n 
1 52  LEU n 
1 53  SER n 
1 54  LYS n 
1 55  GLY n 
1 56  PHE n 
1 57  GLU n 
1 58  THR n 
1 59  CYS n 
1 60  ARG n 
1 61  TYR n 
1 62  GLY n 
1 63  PHE n 
1 64  ILE n 
1 65  GLU n 
1 66  GLY n 
1 67  ASN n 
1 68  VAL n 
1 69  VAL n 
1 70  ILE n 
1 71  PRO n 
1 72  ARG n 
1 73  ILE n 
1 74  HIS n 
1 75  PRO n 
1 76  ASN n 
1 77  ALA n 
1 78  ILE n 
1 79  CYS n 
1 80  ALA n 
1 81  ALA n 
1 82  ASN n 
1 83  HIS n 
1 84  THR n 
1 85  GLY n 
1 86  VAL n 
1 87  TYR n 
1 88  ILE n 
1 89  LEU n 
1 90  VAL n 
1 91  THR n 
1 92  SER n 
1 93  ASN n 
1 94  THR n 
1 95  SER n 
1 96  HIS n 
1 97  TYR n 
1 98  ASP n 
1 99  THR n 
1 100 TYR n 
1 101 CYS n 
1 102 PHE n 
1 103 ASN n 
1 104 ALA n 
1 105 SER n 
1 106 ALA n 
1 107 PRO n 
1 108 PRO n 
1 109 GLU n 
1 110 GLU n 
1 111 ASP n 
1 112 CYS n 
1 113 THR n 
1 114 SER n 
1 115 VAL n 
1 116 THR n 
1 117 ASP n 
1 118 LEU n 
1 119 PRO n 
1 120 ASN n 
1 121 SER n 
1 122 PHE n 
1 123 ASP n 
1 124 GLY n 
1 125 PRO n 
1 126 VAL n 
1 127 THR n 
1 128 ILE n 
1 129 THR n 
1 130 ILE n 
1 131 VAL n 
1 132 ASN n 
1 133 ARG n 
1 134 ASP n 
1 135 GLY n 
1 136 THR n 
1 137 ARG n 
1 138 TYR n 
1 139 SER n 
1 140 LYS n 
1 141 LYS n 
1 142 GLY n 
1 143 GLU n 
1 144 TYR n 
1 145 ARG n 
1 146 THR n 
1 147 HIS n 
1 148 GLN n 
1 149 GLU n 
1 150 ASP n 
1 151 ILE n 
# 
_entity_src_gen.entity_id                          1 
_entity_src_gen.pdbx_src_id                        1 
_entity_src_gen.pdbx_alt_source_flag               sample 
_entity_src_gen.pdbx_seq_type                      'Biological sequence' 
_entity_src_gen.pdbx_beg_seq_num                   1 
_entity_src_gen.pdbx_end_seq_num                   151 
_entity_src_gen.gene_src_common_name               Mouse 
_entity_src_gen.gene_src_genus                     ? 
_entity_src_gen.pdbx_gene_src_gene                 'Cd44, Ly-24' 
_entity_src_gen.gene_src_species                   ? 
_entity_src_gen.gene_src_strain                    ? 
_entity_src_gen.gene_src_tissue                    ? 
_entity_src_gen.gene_src_tissue_fraction           ? 
_entity_src_gen.gene_src_details                   ? 
_entity_src_gen.pdbx_gene_src_fragment             ? 
_entity_src_gen.pdbx_gene_src_scientific_name      'Mus musculus' 
_entity_src_gen.pdbx_gene_src_ncbi_taxonomy_id     10090 
_entity_src_gen.pdbx_gene_src_variant              ? 
_entity_src_gen.pdbx_gene_src_cell_line            ? 
_entity_src_gen.pdbx_gene_src_atcc                 ? 
_entity_src_gen.pdbx_gene_src_organ                ? 
_entity_src_gen.pdbx_gene_src_organelle            ? 
_entity_src_gen.pdbx_gene_src_cell                 ? 
_entity_src_gen.pdbx_gene_src_cellular_location    ? 
_entity_src_gen.host_org_common_name               ? 
_entity_src_gen.pdbx_host_org_scientific_name      'Escherichia coli' 
_entity_src_gen.pdbx_host_org_ncbi_taxonomy_id     469008 
_entity_src_gen.host_org_genus                     ? 
_entity_src_gen.pdbx_host_org_gene                 ? 
_entity_src_gen.pdbx_host_org_organ                ? 
_entity_src_gen.host_org_species                   ? 
_entity_src_gen.pdbx_host_org_tissue               ? 
_entity_src_gen.pdbx_host_org_tissue_fraction      ? 
_entity_src_gen.pdbx_host_org_strain               'BL21(DE3)' 
_entity_src_gen.pdbx_host_org_variant              ? 
_entity_src_gen.pdbx_host_org_cell_line            ? 
_entity_src_gen.pdbx_host_org_atcc                 ? 
_entity_src_gen.pdbx_host_org_culture_collection   ? 
_entity_src_gen.pdbx_host_org_cell                 ? 
_entity_src_gen.pdbx_host_org_organelle            ? 
_entity_src_gen.pdbx_host_org_cellular_location    ? 
_entity_src_gen.pdbx_host_org_vector_type          plasmid 
_entity_src_gen.pdbx_host_org_vector               ? 
_entity_src_gen.host_org_details                   ? 
_entity_src_gen.expression_system_id               ? 
_entity_src_gen.plasmid_name                       pMCSG7 
_entity_src_gen.plasmid_details                    ? 
_entity_src_gen.pdbx_description                   ? 
# 
loop_
_chem_comp.id 
_chem_comp.type 
_chem_comp.mon_nstd_flag 
_chem_comp.name 
_chem_comp.pdbx_synonyms 
_chem_comp.formula 
_chem_comp.formula_weight 
4X1 non-polymer         . '3-(3,4-dihydroisoquinolin-2(1H)-yl)propan-1-amine' ? 'C12 H18 N2'     190.285 
ALA 'L-peptide linking' y ALANINE                                             ? 'C3 H7 N O2'     89.093  
ARG 'L-peptide linking' y ARGININE                                            ? 'C6 H15 N4 O2 1' 175.209 
ASN 'L-peptide linking' y ASPARAGINE                                          ? 'C4 H8 N2 O3'    132.118 
ASP 'L-peptide linking' y 'ASPARTIC ACID'                                     ? 'C4 H7 N O4'     133.103 
CYS 'L-peptide linking' y CYSTEINE                                            ? 'C3 H7 N O2 S'   121.158 
DMS non-polymer         . 'DIMETHYL SULFOXIDE'                                ? 'C2 H6 O S'      78.133  
GLN 'L-peptide linking' y GLUTAMINE                                           ? 'C5 H10 N2 O3'   146.144 
GLU 'L-peptide linking' y 'GLUTAMIC ACID'                                     ? 'C5 H9 N O4'     147.129 
GLY 'peptide linking'   y GLYCINE                                             ? 'C2 H5 N O2'     75.067  
HIS 'L-peptide linking' y HISTIDINE                                           ? 'C6 H10 N3 O2 1' 156.162 
HOH non-polymer         . WATER                                               ? 'H2 O'           18.015  
ILE 'L-peptide linking' y ISOLEUCINE                                          ? 'C6 H13 N O2'    131.173 
LEU 'L-peptide linking' y LEUCINE                                             ? 'C6 H13 N O2'    131.173 
LYS 'L-peptide linking' y LYSINE                                              ? 'C6 H15 N2 O2 1' 147.195 
MET 'L-peptide linking' y METHIONINE                                          ? 'C5 H11 N O2 S'  149.211 
PHE 'L-peptide linking' y PHENYLALANINE                                       ? 'C9 H11 N O2'    165.189 
PRO 'L-peptide linking' y PROLINE                                             ? 'C5 H9 N O2'     115.130 
SER 'L-peptide linking' y SERINE                                              ? 'C3 H7 N O3'     105.093 
THR 'L-peptide linking' y THREONINE                                           ? 'C4 H9 N O3'     119.119 
TYR 'L-peptide linking' y TYROSINE                                            ? 'C9 H11 N O3'    181.189 
VAL 'L-peptide linking' y VALINE                                              ? 'C5 H11 N O2'    117.146 
# 
loop_
_pdbx_poly_seq_scheme.asym_id 
_pdbx_poly_seq_scheme.entity_id 
_pdbx_poly_seq_scheme.seq_id 
_pdbx_poly_seq_scheme.mon_id 
_pdbx_poly_seq_scheme.ndb_seq_num 
_pdbx_poly_seq_scheme.pdb_seq_num 
_pdbx_poly_seq_scheme.auth_seq_num 
_pdbx_poly_seq_scheme.pdb_mon_id 
_pdbx_poly_seq_scheme.auth_mon_id 
_pdbx_poly_seq_scheme.pdb_strand_id 
_pdbx_poly_seq_scheme.pdb_ins_code 
_pdbx_poly_seq_scheme.hetero 
A 1 1   MET 1   23  ?   ?   ?   A . n 
A 1 2   ASN 2   24  24  ASN ASN A . n 
A 1 3   GLN 3   25  25  GLN GLN A . n 
A 1 4   ILE 4   26  26  ILE ILE A . n 
A 1 5   ASP 5   27  27  ASP ASP A . n 
A 1 6   LEU 6   28  28  LEU LEU A . n 
A 1 7   ASN 7   29  29  ASN ASN A . n 
A 1 8   VAL 8   30  30  VAL VAL A . n 
A 1 9   THR 9   31  31  THR THR A . n 
A 1 10  CYS 10  32  32  CYS CYS A . n 
A 1 11  ARG 11  33  33  ARG ARG A . n 
A 1 12  TYR 12  34  34  TYR TYR A . n 
A 1 13  ALA 13  35  35  ALA ALA A . n 
A 1 14  GLY 14  36  36  GLY GLY A . n 
A 1 15  VAL 15  37  37  VAL VAL A . n 
A 1 16  PHE 16  38  38  PHE PHE A . n 
A 1 17  HIS 17  39  39  HIS HIS A . n 
A 1 18  VAL 18  40  40  VAL VAL A . n 
A 1 19  GLU 19  41  41  GLU GLU A . n 
A 1 20  LYS 20  42  42  LYS LYS A . n 
A 1 21  ASN 21  43  43  ASN ASN A . n 
A 1 22  GLY 22  44  44  GLY GLY A . n 
A 1 23  ARG 23  45  45  ARG ARG A . n 
A 1 24  TYR 24  46  46  TYR TYR A . n 
A 1 25  SER 25  47  47  SER SER A . n 
A 1 26  ILE 26  48  48  ILE ILE A . n 
A 1 27  SER 27  49  49  SER SER A . n 
A 1 28  ARG 28  50  50  ARG ARG A . n 
A 1 29  THR 29  51  51  THR THR A . n 
A 1 30  GLU 30  52  52  GLU GLU A . n 
A 1 31  ALA 31  53  53  ALA ALA A . n 
A 1 32  ALA 32  54  54  ALA ALA A . n 
A 1 33  ASP 33  55  55  ASP ASP A . n 
A 1 34  LEU 34  56  56  LEU LEU A . n 
A 1 35  CYS 35  57  57  CYS CYS A . n 
A 1 36  GLN 36  58  58  GLN GLN A . n 
A 1 37  ALA 37  59  59  ALA ALA A . n 
A 1 38  PHE 38  60  60  PHE PHE A . n 
A 1 39  ASN 39  61  61  ASN ASN A . n 
A 1 40  SER 40  62  62  SER SER A . n 
A 1 41  THR 41  63  63  THR THR A . n 
A 1 42  LEU 42  64  64  LEU LEU A . n 
A 1 43  PRO 43  65  65  PRO PRO A . n 
A 1 44  THR 44  66  66  THR THR A . n 
A 1 45  MET 45  67  67  MET MET A . n 
A 1 46  ASP 46  68  68  ASP ASP A . n 
A 1 47  GLN 47  69  69  GLN GLN A . n 
A 1 48  MET 48  70  70  MET MET A . n 
A 1 49  LYS 49  71  71  LYS LYS A . n 
A 1 50  LEU 50  72  72  LEU LEU A . n 
A 1 51  ALA 51  73  73  ALA ALA A . n 
A 1 52  LEU 52  74  74  LEU LEU A . n 
A 1 53  SER 53  75  75  SER SER A . n 
A 1 54  LYS 54  76  76  LYS LYS A . n 
A 1 55  GLY 55  77  77  GLY GLY A . n 
A 1 56  PHE 56  78  78  PHE PHE A . n 
A 1 57  GLU 57  79  79  GLU GLU A . n 
A 1 58  THR 58  80  80  THR THR A . n 
A 1 59  CYS 59  81  81  CYS CYS A . n 
A 1 60  ARG 60  82  82  ARG ARG A . n 
A 1 61  TYR 61  83  83  TYR TYR A . n 
A 1 62  GLY 62  84  84  GLY GLY A . n 
A 1 63  PHE 63  85  85  PHE PHE A . n 
A 1 64  ILE 64  86  86  ILE ILE A . n 
A 1 65  GLU 65  87  87  GLU GLU A . n 
A 1 66  GLY 66  88  88  GLY GLY A . n 
A 1 67  ASN 67  89  89  ASN ASN A . n 
A 1 68  VAL 68  90  90  VAL VAL A . n 
A 1 69  VAL 69  91  91  VAL VAL A . n 
A 1 70  ILE 70  92  92  ILE ILE A . n 
A 1 71  PRO 71  93  93  PRO PRO A . n 
A 1 72  ARG 72  94  94  ARG ARG A . n 
A 1 73  ILE 73  95  95  ILE ILE A . n 
A 1 74  HIS 74  96  96  HIS HIS A . n 
A 1 75  PRO 75  97  97  PRO PRO A . n 
A 1 76  ASN 76  98  98  ASN ASN A . n 
A 1 77  ALA 77  99  99  ALA ALA A . n 
A 1 78  ILE 78  100 100 ILE ILE A . n 
A 1 79  CYS 79  101 101 CYS CYS A . n 
A 1 80  ALA 80  102 102 ALA ALA A . n 
A 1 81  ALA 81  103 103 ALA ALA A . n 
A 1 82  ASN 82  104 104 ASN ASN A . n 
A 1 83  HIS 83  105 105 HIS HIS A . n 
A 1 84  THR 84  106 106 THR THR A . n 
A 1 85  GLY 85  107 107 GLY GLY A . n 
A 1 86  VAL 86  108 108 VAL VAL A . n 
A 1 87  TYR 87  109 109 TYR TYR A . n 
A 1 88  ILE 88  110 110 ILE ILE A . n 
A 1 89  LEU 89  111 111 LEU LEU A . n 
A 1 90  VAL 90  112 112 VAL VAL A . n 
A 1 91  THR 91  113 113 THR THR A . n 
A 1 92  SER 92  114 114 SER SER A . n 
A 1 93  ASN 93  115 115 ASN ASN A . n 
A 1 94  THR 94  116 116 THR THR A . n 
A 1 95  SER 95  117 117 SER SER A . n 
A 1 96  HIS 96  118 118 HIS HIS A . n 
A 1 97  TYR 97  119 119 TYR TYR A . n 
A 1 98  ASP 98  120 120 ASP ASP A . n 
A 1 99  THR 99  121 121 THR THR A . n 
A 1 100 TYR 100 122 122 TYR TYR A . n 
A 1 101 CYS 101 123 123 CYS CYS A . n 
A 1 102 PHE 102 124 124 PHE PHE A . n 
A 1 103 ASN 103 125 125 ASN ASN A . n 
A 1 104 ALA 104 126 126 ALA ALA A . n 
A 1 105 SER 105 127 127 SER SER A . n 
A 1 106 ALA 106 128 128 ALA ALA A . n 
A 1 107 PRO 107 129 129 PRO PRO A . n 
A 1 108 PRO 108 130 130 PRO PRO A . n 
A 1 109 GLU 109 131 131 GLU GLU A . n 
A 1 110 GLU 110 132 132 GLU GLU A . n 
A 1 111 ASP 111 133 133 ASP ASP A . n 
A 1 112 CYS 112 134 134 CYS CYS A . n 
A 1 113 THR 113 135 135 THR THR A . n 
A 1 114 SER 114 136 136 SER SER A . n 
A 1 115 VAL 115 137 137 VAL VAL A . n 
A 1 116 THR 116 138 138 THR THR A . n 
A 1 117 ASP 117 139 139 ASP ASP A . n 
A 1 118 LEU 118 140 140 LEU LEU A . n 
A 1 119 PRO 119 141 141 PRO PRO A . n 
A 1 120 ASN 120 142 142 ASN ASN A . n 
A 1 121 SER 121 143 143 SER SER A . n 
A 1 122 PHE 122 144 144 PHE PHE A . n 
A 1 123 ASP 123 145 145 ASP ASP A . n 
A 1 124 GLY 124 146 146 GLY GLY A . n 
A 1 125 PRO 125 147 147 PRO PRO A . n 
A 1 126 VAL 126 148 148 VAL VAL A . n 
A 1 127 THR 127 149 149 THR THR A . n 
A 1 128 ILE 128 150 150 ILE ILE A . n 
A 1 129 THR 129 151 151 THR THR A . n 
A 1 130 ILE 130 152 152 ILE ILE A . n 
A 1 131 VAL 131 153 153 VAL VAL A . n 
A 1 132 ASN 132 154 154 ASN ASN A . n 
A 1 133 ARG 133 155 155 ARG ARG A . n 
A 1 134 ASP 134 156 156 ASP ASP A . n 
A 1 135 GLY 135 157 157 GLY GLY A . n 
A 1 136 THR 136 158 158 THR THR A . n 
A 1 137 ARG 137 159 159 ARG ARG A . n 
A 1 138 TYR 138 160 160 TYR TYR A . n 
A 1 139 SER 139 161 161 SER SER A . n 
A 1 140 LYS 140 162 162 LYS LYS A . n 
A 1 141 LYS 141 163 163 LYS LYS A . n 
A 1 142 GLY 142 164 164 GLY GLY A . n 
A 1 143 GLU 143 165 165 GLU GLU A . n 
A 1 144 TYR 144 166 166 TYR TYR A . n 
A 1 145 ARG 145 167 167 ARG ARG A . n 
A 1 146 THR 146 168 168 THR THR A . n 
A 1 147 HIS 147 169 169 HIS HIS A . n 
A 1 148 GLN 148 170 170 GLN GLN A . n 
A 1 149 GLU 149 171 171 GLU GLU A . n 
A 1 150 ASP 150 172 172 ASP ASP A . n 
A 1 151 ILE 151 173 173 ILE ILE A . n 
# 
loop_
_pdbx_nonpoly_scheme.asym_id 
_pdbx_nonpoly_scheme.entity_id 
_pdbx_nonpoly_scheme.mon_id 
_pdbx_nonpoly_scheme.ndb_seq_num 
_pdbx_nonpoly_scheme.pdb_seq_num 
_pdbx_nonpoly_scheme.auth_seq_num 
_pdbx_nonpoly_scheme.pdb_mon_id 
_pdbx_nonpoly_scheme.auth_mon_id 
_pdbx_nonpoly_scheme.pdb_strand_id 
_pdbx_nonpoly_scheme.pdb_ins_code 
B 2 DMS 1  201 1  DMS DMS A . 
C 3 4X1 1  202 1  4X1 DRG A . 
D 4 HOH 1  301 43 HOH HOH A . 
D 4 HOH 2  302 13 HOH HOH A . 
D 4 HOH 3  303 29 HOH HOH A . 
D 4 HOH 4  304 2  HOH HOH A . 
D 4 HOH 5  305 18 HOH HOH A . 
D 4 HOH 6  306 28 HOH HOH A . 
D 4 HOH 7  307 31 HOH HOH A . 
D 4 HOH 8  308 47 HOH HOH A . 
D 4 HOH 9  309 11 HOH HOH A . 
D 4 HOH 10 310 51 HOH HOH A . 
D 4 HOH 11 311 1  HOH HOH A . 
D 4 HOH 12 312 36 HOH HOH A . 
D 4 HOH 13 313 23 HOH HOH A . 
D 4 HOH 14 314 4  HOH HOH A . 
D 4 HOH 15 315 25 HOH HOH A . 
D 4 HOH 16 316 26 HOH HOH A . 
D 4 HOH 17 317 6  HOH HOH A . 
D 4 HOH 18 318 16 HOH HOH A . 
D 4 HOH 19 319 40 HOH HOH A . 
D 4 HOH 20 320 52 HOH HOH A . 
D 4 HOH 21 321 15 HOH HOH A . 
D 4 HOH 22 322 17 HOH HOH A . 
D 4 HOH 23 323 3  HOH HOH A . 
D 4 HOH 24 324 5  HOH HOH A . 
D 4 HOH 25 325 9  HOH HOH A . 
D 4 HOH 26 326 19 HOH HOH A . 
D 4 HOH 27 327 48 HOH HOH A . 
D 4 HOH 28 328 49 HOH HOH A . 
D 4 HOH 29 329 39 HOH HOH A . 
D 4 HOH 30 330 30 HOH HOH A . 
D 4 HOH 31 331 35 HOH HOH A . 
D 4 HOH 32 332 20 HOH HOH A . 
D 4 HOH 33 333 42 HOH HOH A . 
D 4 HOH 34 334 21 HOH HOH A . 
D 4 HOH 35 335 22 HOH HOH A . 
D 4 HOH 36 336 33 HOH HOH A . 
D 4 HOH 37 337 12 HOH HOH A . 
D 4 HOH 38 338 38 HOH HOH A . 
D 4 HOH 39 339 14 HOH HOH A . 
D 4 HOH 40 340 24 HOH HOH A . 
D 4 HOH 41 341 32 HOH HOH A . 
D 4 HOH 42 342 45 HOH HOH A . 
D 4 HOH 43 343 46 HOH HOH A . 
D 4 HOH 44 344 27 HOH HOH A . 
D 4 HOH 45 345 8  HOH HOH A . 
D 4 HOH 46 346 44 HOH HOH A . 
D 4 HOH 47 347 7  HOH HOH A . 
D 4 HOH 48 348 53 HOH HOH A . 
D 4 HOH 49 349 37 HOH HOH A . 
D 4 HOH 50 350 41 HOH HOH A . 
D 4 HOH 51 351 34 HOH HOH A . 
D 4 HOH 52 352 50 HOH HOH A . 
D 4 HOH 53 353 10 HOH HOH A . 
# 
loop_
_software.citation_id 
_software.classification 
_software.compiler_name 
_software.compiler_version 
_software.contact_author 
_software.contact_author_email 
_software.date 
_software.description 
_software.dependencies 
_software.hardware 
_software.language 
_software.location 
_software.mods 
_software.name 
_software.os 
_software.os_version 
_software.type 
_software.version 
_software.pdbx_ordinal 
? 'data scaling'    ? ? ? ? ? ? ? ? ? ? ? XSCALE      ? ? ? .     1 
? phasing           ? ? ? ? ? ? ? ? ? ? ? PHASER      ? ? ? 2.1.4 2 
? refinement        ? ? ? ? ? ? ? ? ? ? ? REFMAC      ? ? ? .     3 
? 'data extraction' ? ? ? ? ? ? ? ? ? ? ? PDB_EXTRACT ? ? ? 3.15  4 
# 
_cell.angle_alpha                  90.000 
_cell.angle_alpha_esd              ? 
_cell.angle_beta                   117.970 
_cell.angle_beta_esd               ? 
_cell.angle_gamma                  90.000 
_cell.angle_gamma_esd              ? 
_cell.entry_id                     5BZH 
_cell.details                      ? 
_cell.formula_units_Z              ? 
_cell.length_a                     30.850 
_cell.length_a_esd                 ? 
_cell.length_b                     81.720 
_cell.length_b_esd                 ? 
_cell.length_c                     32.120 
_cell.length_c_esd                 ? 
_cell.volume                       ? 
_cell.volume_esd                   ? 
_cell.Z_PDB                        2 
_cell.reciprocal_angle_alpha       ? 
_cell.reciprocal_angle_beta        ? 
_cell.reciprocal_angle_gamma       ? 
_cell.reciprocal_angle_alpha_esd   ? 
_cell.reciprocal_angle_beta_esd    ? 
_cell.reciprocal_angle_gamma_esd   ? 
_cell.reciprocal_length_a          ? 
_cell.reciprocal_length_b          ? 
_cell.reciprocal_length_c          ? 
_cell.reciprocal_length_a_esd      ? 
_cell.reciprocal_length_b_esd      ? 
_cell.reciprocal_length_c_esd      ? 
_cell.pdbx_unique_axis             ? 
# 
_symmetry.entry_id                         5BZH 
_symmetry.cell_setting                     ? 
_symmetry.Int_Tables_number                4 
_symmetry.space_group_name_Hall            ? 
_symmetry.space_group_name_H-M             'P 1 21 1' 
_symmetry.pdbx_full_space_group_name_H-M   ? 
# 
_exptl.absorpt_coefficient_mu     ? 
_exptl.absorpt_correction_T_max   ? 
_exptl.absorpt_correction_T_min   ? 
_exptl.absorpt_correction_type    ? 
_exptl.absorpt_process_details    ? 
_exptl.entry_id                   5BZH 
_exptl.crystals_number            1 
_exptl.details                    ? 
_exptl.method                     'X-RAY DIFFRACTION' 
_exptl.method_details             ? 
# 
_exptl_crystal.colour                      ? 
_exptl_crystal.density_diffrn              ? 
_exptl_crystal.density_Matthews            2.14 
_exptl_crystal.density_method              ? 
_exptl_crystal.density_percent_sol         42.47 
_exptl_crystal.description                 ? 
_exptl_crystal.F_000                       ? 
_exptl_crystal.id                          1 
_exptl_crystal.preparation                 ? 
_exptl_crystal.size_max                    ? 
_exptl_crystal.size_mid                    ? 
_exptl_crystal.size_min                    ? 
_exptl_crystal.size_rad                    ? 
_exptl_crystal.colour_lustre               ? 
_exptl_crystal.colour_modifier             ? 
_exptl_crystal.colour_primary              ? 
_exptl_crystal.density_meas                ? 
_exptl_crystal.density_meas_esd            ? 
_exptl_crystal.density_meas_gt             ? 
_exptl_crystal.density_meas_lt             ? 
_exptl_crystal.density_meas_temp           ? 
_exptl_crystal.density_meas_temp_esd       ? 
_exptl_crystal.density_meas_temp_gt        ? 
_exptl_crystal.density_meas_temp_lt        ? 
_exptl_crystal.pdbx_crystal_image_url      ? 
_exptl_crystal.pdbx_crystal_image_format   ? 
_exptl_crystal.pdbx_mosaicity              ? 
_exptl_crystal.pdbx_mosaicity_esd          ? 
# 
_exptl_crystal_grow.apparatus       ? 
_exptl_crystal_grow.atmosphere      ? 
_exptl_crystal_grow.crystal_id      1 
_exptl_crystal_grow.details         ? 
_exptl_crystal_grow.method          'VAPOR DIFFUSION, HANGING DROP' 
_exptl_crystal_grow.method_ref      ? 
_exptl_crystal_grow.pH              6.5 
_exptl_crystal_grow.pressure        ? 
_exptl_crystal_grow.pressure_esd    ? 
_exptl_crystal_grow.seeding         ? 
_exptl_crystal_grow.seeding_ref     ? 
_exptl_crystal_grow.temp            298 
_exptl_crystal_grow.temp_details    ? 
_exptl_crystal_grow.temp_esd        ? 
_exptl_crystal_grow.time            ? 
_exptl_crystal_grow.pdbx_details    '30% PEG MME 5000, 100 mM MES, 200 mM (NH4)2SO4' 
_exptl_crystal_grow.pdbx_pH_range   ? 
# 
_diffrn.ambient_environment    ? 
_diffrn.ambient_temp           100 
_diffrn.ambient_temp_details   ? 
_diffrn.ambient_temp_esd       ? 
_diffrn.crystal_id             1 
_diffrn.crystal_support        ? 
_diffrn.crystal_treatment      ? 
_diffrn.details                ? 
_diffrn.id                     1 
_diffrn.ambient_pressure       ? 
_diffrn.ambient_pressure_esd   ? 
_diffrn.ambient_pressure_gt    ? 
_diffrn.ambient_pressure_lt    ? 
_diffrn.ambient_temp_gt        ? 
_diffrn.ambient_temp_lt        ? 
# 
_diffrn_detector.details                      ? 
_diffrn_detector.detector                     CCD 
_diffrn_detector.diffrn_id                    1 
_diffrn_detector.type                         'RIGAKU SATURN 944+' 
_diffrn_detector.area_resol_mean              ? 
_diffrn_detector.dtime                        ? 
_diffrn_detector.pdbx_frames_total            ? 
_diffrn_detector.pdbx_collection_time_total   ? 
_diffrn_detector.pdbx_collection_date         2013-11-12 
# 
_diffrn_radiation.collimation                      ? 
_diffrn_radiation.diffrn_id                        1 
_diffrn_radiation.filter_edge                      ? 
_diffrn_radiation.inhomogeneity                    ? 
_diffrn_radiation.monochromator                    ? 
_diffrn_radiation.polarisn_norm                    ? 
_diffrn_radiation.polarisn_ratio                   ? 
_diffrn_radiation.probe                            ? 
_diffrn_radiation.type                             ? 
_diffrn_radiation.xray_symbol                      ? 
_diffrn_radiation.wavelength_id                    1 
_diffrn_radiation.pdbx_monochromatic_or_laue_m_l   M 
_diffrn_radiation.pdbx_wavelength_list             ? 
_diffrn_radiation.pdbx_wavelength                  ? 
_diffrn_radiation.pdbx_diffrn_protocol             'SINGLE WAVELENGTH' 
_diffrn_radiation.pdbx_analyzer                    ? 
_diffrn_radiation.pdbx_scattering_type             x-ray 
# 
_diffrn_radiation_wavelength.id           1 
_diffrn_radiation_wavelength.wavelength   1.5418 
_diffrn_radiation_wavelength.wt           1.0 
# 
_diffrn_source.current                     ? 
_diffrn_source.details                     ? 
_diffrn_source.diffrn_id                   1 
_diffrn_source.power                       ? 
_diffrn_source.size                        ? 
_diffrn_source.source                      'ROTATING ANODE' 
_diffrn_source.target                      ? 
_diffrn_source.type                        'RIGAKU MICROMAX-007 HF' 
_diffrn_source.voltage                     ? 
_diffrn_source.take-off_angle              ? 
_diffrn_source.pdbx_wavelength_list        1.5418 
_diffrn_source.pdbx_wavelength             ? 
_diffrn_source.pdbx_synchrotron_beamline   ? 
_diffrn_source.pdbx_synchrotron_site       ? 
# 
_reflns.B_iso_Wilson_estimate            15.378 
_reflns.entry_id                         5BZH 
_reflns.data_reduction_details           ? 
_reflns.data_reduction_method            ? 
_reflns.d_resolution_high                1.950 
_reflns.d_resolution_low                 8.72 
_reflns.details                          ? 
_reflns.limit_h_max                      ? 
_reflns.limit_h_min                      ? 
_reflns.limit_k_max                      ? 
_reflns.limit_k_min                      ? 
_reflns.limit_l_max                      ? 
_reflns.limit_l_min                      ? 
_reflns.number_all                       ? 
_reflns.number_obs                       9978 
_reflns.observed_criterion               ? 
_reflns.observed_criterion_F_max         ? 
_reflns.observed_criterion_F_min         ? 
_reflns.observed_criterion_I_max         ? 
_reflns.observed_criterion_I_min         ? 
_reflns.observed_criterion_sigma_F       ? 
_reflns.observed_criterion_sigma_I       -3.000 
_reflns.percent_possible_obs             96.300 
_reflns.R_free_details                   ? 
_reflns.Rmerge_F_all                     ? 
_reflns.Rmerge_F_obs                     1.000 
_reflns.Friedel_coverage                 ? 
_reflns.number_gt                        ? 
_reflns.threshold_expression             ? 
_reflns.pdbx_redundancy                  3.753 
_reflns.pdbx_Rmerge_I_obs                0.017 
_reflns.pdbx_Rmerge_I_all                ? 
_reflns.pdbx_Rsym_value                  ? 
_reflns.pdbx_netI_over_av_sigmaI         ? 
_reflns.pdbx_netI_over_sigmaI            56.830 
_reflns.pdbx_res_netI_over_av_sigmaI_2   ? 
_reflns.pdbx_res_netI_over_sigmaI_2      ? 
_reflns.pdbx_chi_squared                 0.990 
_reflns.pdbx_scaling_rejects             ? 
_reflns.pdbx_d_res_high_opt              ? 
_reflns.pdbx_d_res_low_opt               ? 
_reflns.pdbx_d_res_opt_method            ? 
_reflns.phase_calculation_details        ? 
_reflns.pdbx_Rrim_I_all                  0.020 
_reflns.pdbx_Rpim_I_all                  ? 
_reflns.pdbx_d_opt                       ? 
_reflns.pdbx_number_measured_all         37452 
_reflns.pdbx_diffrn_id                   1 
_reflns.pdbx_ordinal                     1 
_reflns.pdbx_CC_half                     ? 
_reflns.pdbx_R_split                     ? 
# 
loop_
_reflns_shell.d_res_high 
_reflns_shell.d_res_low 
_reflns_shell.meanI_over_sigI_all 
_reflns_shell.meanI_over_sigI_obs 
_reflns_shell.number_measured_all 
_reflns_shell.number_measured_obs 
_reflns_shell.number_possible 
_reflns_shell.number_unique_all 
_reflns_shell.number_unique_obs 
_reflns_shell.percent_possible_all 
_reflns_shell.percent_possible_obs 
_reflns_shell.Rmerge_F_all 
_reflns_shell.Rmerge_F_obs 
_reflns_shell.Rmerge_I_all 
_reflns_shell.Rmerge_I_obs 
_reflns_shell.meanI_over_sigI_gt 
_reflns_shell.meanI_over_uI_all 
_reflns_shell.meanI_over_uI_gt 
_reflns_shell.number_measured_gt 
_reflns_shell.number_unique_gt 
_reflns_shell.percent_possible_gt 
_reflns_shell.Rmerge_F_gt 
_reflns_shell.Rmerge_I_gt 
_reflns_shell.pdbx_redundancy 
_reflns_shell.pdbx_Rsym_value 
_reflns_shell.pdbx_chi_squared 
_reflns_shell.pdbx_netI_over_sigmaI_all 
_reflns_shell.pdbx_netI_over_sigmaI_obs 
_reflns_shell.pdbx_Rrim_I_all 
_reflns_shell.pdbx_Rpim_I_all 
_reflns_shell.pdbx_rejects 
_reflns_shell.pdbx_ordinal 
_reflns_shell.pdbx_diffrn_id 
_reflns_shell.pdbx_CC_half 
_reflns_shell.pdbx_R_split 
1.950 2.000 ? 33.960 ? 2518 772 ? 722 93.500 ? ? 0.999 ? 0.033 ? ? ? ? ? ? ? ? ? ? ? ? ? 0.040 ? 0 1  1 ? ? 
2.000 2.050 ? 37.180 ? 2647 743 ? 705 94.900 ? ? 0.999 ? 0.031 ? ? ? ? ? ? ? ? ? ? ? ? ? 0.036 ? 0 2  1 ? ? 
2.050 2.110 ? 42.880 ? 2546 701 ? 673 96.000 ? ? 0.999 ? 0.026 ? ? ? ? ? ? ? ? ? ? ? ? ? 0.031 ? 0 3  1 ? ? 
2.110 2.180 ? 43.430 ? 2567 719 ? 679 94.400 ? ? 0.999 ? 0.027 ? ? ? ? ? ? ? ? ? ? ? ? ? 0.032 ? 0 4  1 ? ? 
2.180 2.250 ? 48.900 ? 2446 667 ? 646 96.900 ? ? 0.999 ? 0.023 ? ? ? ? ? ? ? ? ? ? ? ? ? 0.027 ? 0 5  1 ? ? 
2.250 2.330 ? 50.310 ? 2434 672 ? 645 96.000 ? ? 0.999 ? 0.022 ? ? ? ? ? ? ? ? ? ? ? ? ? 0.026 ? 0 6  1 ? ? 
2.330 2.420 ? 52.220 ? 2266 623 ? 597 95.800 ? ? 0.999 ? 0.021 ? ? ? ? ? ? ? ? ? ? ? ? ? 0.025 ? 0 7  1 ? ? 
2.420 2.520 ? 52.390 ? 2269 612 ? 596 97.400 ? ? 0.999 ? 0.021 ? ? ? ? ? ? ? ? ? ? ? ? ? 0.024 ? 0 8  1 ? ? 
2.520 2.630 ? 54.860 ? 2111 581 ? 555 95.500 ? ? 0.999 ? 0.020 ? ? ? ? ? ? ? ? ? ? ? ? ? 0.024 ? 0 9  1 ? ? 
2.630 2.760 ? 54.160 ? 2092 560 ? 551 98.400 ? ? 0.999 ? 0.020 ? ? ? ? ? ? ? ? ? ? ? ? ? 0.023 ? 0 10 1 ? ? 
2.760 2.910 ? 60.480 ? 2006 549 ? 528 96.200 ? ? 0.999 ? 0.018 ? ? ? ? ? ? ? ? ? ? ? ? ? 0.021 ? 0 11 1 ? ? 
2.910 3.080 ? 65.320 ? 1875 503 ? 492 97.800 ? ? 1.000 ? 0.015 ? ? ? ? ? ? ? ? ? ? ? ? ? 0.018 ? 0 12 1 ? ? 
3.080 3.290 ? 70.410 ? 1758 473 ? 461 97.500 ? ? 1.000 ? 0.015 ? ? ? ? ? ? ? ? ? ? ? ? ? 0.017 ? 0 13 1 ? ? 
3.290 3.560 ? 74.240 ? 1679 454 ? 443 97.600 ? ? 1.000 ? 0.013 ? ? ? ? ? ? ? ? ? ? ? ? ? 0.015 ? 0 14 1 ? ? 
3.560 3.900 ? 80.020 ? 1496 403 ? 398 98.800 ? ? 1.000 ? 0.013 ? ? ? ? ? ? ? ? ? ? ? ? ? 0.015 ? 0 15 1 ? ? 
3.900 4.360 ? 86.690 ? 1360 373 ? 363 97.300 ? ? 1.000 ? 0.013 ? ? ? ? ? ? ? ? ? ? ? ? ? 0.015 ? 0 16 1 ? ? 
4.360 5.030 ? 89.460 ? 1193 321 ? 317 98.800 ? ? 1.000 ? 0.013 ? ? ? ? ? ? ? ? ? ? ? ? ? 0.015 ? 0 17 1 ? ? 
5.030 6.160 ? 81.110 ? 1058 296 ? 287 97.000 ? ? 1.000 ? 0.014 ? ? ? ? ? ? ? ? ? ? ? ? ? 0.016 ? 0 18 1 ? ? 
6.160 8.720 ? 81.150 ? 744  210 ? 206 98.100 ? ? 1.000 ? 0.015 ? ? ? ? ? ? ? ? ? ? ? ? ? 0.018 ? 0 19 1 ? ? 
8.720 ?     ? 89.380 ? 387  125 ? 114 91.200 ? ? 1.000 ? 0.013 ? ? ? ? ? ? ? ? ? ? ? ? ? 0.016 ? 0 20 1 ? ? 
# 
_refine.aniso_B[1][1]                            0.0500 
_refine.aniso_B[1][2]                            0.0000 
_refine.aniso_B[1][3]                            -0.1600 
_refine.aniso_B[2][2]                            -0.1200 
_refine.aniso_B[2][3]                            -0.0000 
_refine.aniso_B[3][3]                            -0.0800 
_refine.B_iso_max                                37.440 
_refine.B_iso_mean                               9.0500 
_refine.B_iso_min                                2.000 
_refine.correlation_coeff_Fo_to_Fc               0.9380 
_refine.correlation_coeff_Fo_to_Fc_free          0.8820 
_refine.details                                  
'HYDROGENS HAVE BEEN ADDED IN THE RIDING POSITIONS U VALUES      : REFINED INDIVIDUALLY' 
_refine.diff_density_max                         ? 
_refine.diff_density_max_esd                     ? 
_refine.diff_density_min                         ? 
_refine.diff_density_min_esd                     ? 
_refine.diff_density_rms                         ? 
_refine.diff_density_rms_esd                     ? 
_refine.entry_id                                 5BZH 
_refine.pdbx_refine_id                           'X-RAY DIFFRACTION' 
_refine.ls_abs_structure_details                 ? 
_refine.ls_abs_structure_Flack                   ? 
_refine.ls_abs_structure_Flack_esd               ? 
_refine.ls_abs_structure_Rogers                  ? 
_refine.ls_abs_structure_Rogers_esd              ? 
_refine.ls_d_res_high                            1.9500 
_refine.ls_d_res_low                             8.72 
_refine.ls_extinction_coef                       ? 
_refine.ls_extinction_coef_esd                   ? 
_refine.ls_extinction_expression                 ? 
_refine.ls_extinction_method                     ? 
_refine.ls_goodness_of_fit_all                   ? 
_refine.ls_goodness_of_fit_all_esd               ? 
_refine.ls_goodness_of_fit_obs                   ? 
_refine.ls_goodness_of_fit_obs_esd               ? 
_refine.ls_hydrogen_treatment                    ? 
_refine.ls_matrix_type                           ? 
_refine.ls_number_constraints                    ? 
_refine.ls_number_parameters                     ? 
_refine.ls_number_reflns_all                     ? 
_refine.ls_number_reflns_obs                     9425 
_refine.ls_number_reflns_R_free                  524 
_refine.ls_number_reflns_R_work                  ? 
_refine.ls_number_restraints                     ? 
_refine.ls_percent_reflns_obs                    96.8900 
_refine.ls_percent_reflns_R_free                 5.3000 
_refine.ls_R_factor_all                          ? 
_refine.ls_R_factor_obs                          0.1732 
_refine.ls_R_factor_R_free                       0.2271 
_refine.ls_R_factor_R_free_error                 ? 
_refine.ls_R_factor_R_free_error_details         ? 
_refine.ls_R_factor_R_work                       0.1702 
_refine.ls_R_Fsqd_factor_obs                     ? 
_refine.ls_R_I_factor_obs                        ? 
_refine.ls_redundancy_reflns_all                 ? 
_refine.ls_redundancy_reflns_obs                 ? 
_refine.ls_restrained_S_all                      ? 
_refine.ls_restrained_S_obs                      ? 
_refine.ls_shift_over_esd_max                    ? 
_refine.ls_shift_over_esd_mean                   ? 
_refine.ls_structure_factor_coef                 ? 
_refine.ls_weighting_details                     ? 
_refine.ls_weighting_scheme                      ? 
_refine.ls_wR_factor_all                         ? 
_refine.ls_wR_factor_obs                         ? 
_refine.ls_wR_factor_R_free                      0.2181 
_refine.ls_wR_factor_R_work                      0.1670 
_refine.occupancy_max                            ? 
_refine.occupancy_min                            ? 
_refine.solvent_model_details                    MASK 
_refine.solvent_model_param_bsol                 ? 
_refine.solvent_model_param_ksol                 ? 
_refine.ls_R_factor_gt                           ? 
_refine.ls_goodness_of_fit_gt                    ? 
_refine.ls_goodness_of_fit_ref                   ? 
_refine.ls_shift_over_su_max                     ? 
_refine.ls_shift_over_su_max_lt                  ? 
_refine.ls_shift_over_su_mean                    ? 
_refine.ls_shift_over_su_mean_lt                 ? 
_refine.pdbx_ls_sigma_I                          ? 
_refine.pdbx_ls_sigma_F                          0.000 
_refine.pdbx_ls_sigma_Fsqd                       ? 
_refine.pdbx_data_cutoff_high_absF               ? 
_refine.pdbx_data_cutoff_high_rms_absF           ? 
_refine.pdbx_data_cutoff_low_absF                ? 
_refine.pdbx_isotropic_thermal_model             ? 
_refine.pdbx_ls_cross_valid_method               THROUGHOUT 
_refine.pdbx_method_to_determine_struct          'MOLECULAR REPLACEMENT' 
_refine.pdbx_starting_model                      ? 
_refine.pdbx_stereochemistry_target_values       'MAXIMUM LIKELIHOOD' 
_refine.pdbx_R_Free_selection_details            RANDOM 
_refine.pdbx_stereochem_target_val_spec_case     ? 
_refine.pdbx_overall_ESU_R                       0.1830 
_refine.pdbx_overall_ESU_R_Free                  0.1670 
_refine.pdbx_solvent_vdw_probe_radii             1.4000 
_refine.pdbx_solvent_ion_probe_radii             0.8000 
_refine.pdbx_solvent_shrinkage_radii             0.8000 
_refine.pdbx_real_space_R                        ? 
_refine.pdbx_density_correlation                 ? 
_refine.pdbx_pd_number_of_powder_patterns        ? 
_refine.pdbx_pd_number_of_points                 ? 
_refine.pdbx_pd_meas_number_of_points            ? 
_refine.pdbx_pd_proc_ls_prof_R_factor            ? 
_refine.pdbx_pd_proc_ls_prof_wR_factor           ? 
_refine.pdbx_pd_Marquardt_correlation_coeff      ? 
_refine.pdbx_pd_Fsqrd_R_factor                   ? 
_refine.pdbx_pd_ls_matrix_band_width             ? 
_refine.pdbx_overall_phase_error                 ? 
_refine.pdbx_overall_SU_R_free_Cruickshank_DPI   ? 
_refine.pdbx_overall_SU_R_free_Blow_DPI          ? 
_refine.pdbx_overall_SU_R_Blow_DPI               ? 
_refine.pdbx_TLS_residual_ADP_flag               ? 
_refine.pdbx_diffrn_id                           1 
_refine.overall_SU_B                             3.3380 
_refine.overall_SU_ML                            0.0990 
_refine.overall_SU_R_Cruickshank_DPI             0.1830 
_refine.overall_SU_R_free                        0.1666 
_refine.overall_FOM_free_R_set                   ? 
_refine.overall_FOM_work_R_set                   0.8629 
_refine.pdbx_average_fsc_overall                 ? 
_refine.pdbx_average_fsc_work                    ? 
_refine.pdbx_average_fsc_free                    ? 
# 
_refine_hist.cycle_id                         final 
_refine_hist.pdbx_refine_id                   'X-RAY DIFFRACTION' 
_refine_hist.d_res_high                       1.9500 
_refine_hist.d_res_low                        8.72 
_refine_hist.pdbx_number_atoms_ligand         18 
_refine_hist.number_atoms_solvent             53 
_refine_hist.number_atoms_total               1242 
_refine_hist.pdbx_number_residues_total       150 
_refine_hist.pdbx_B_iso_mean_ligand           20.22 
_refine_hist.pdbx_B_iso_mean_solvent          11.15 
_refine_hist.pdbx_number_atoms_protein        1171 
_refine_hist.pdbx_number_atoms_nucleic_acid   0 
# 
loop_
_refine_ls_restr.pdbx_refine_id 
_refine_ls_restr.criterion 
_refine_ls_restr.dev_ideal 
_refine_ls_restr.dev_ideal_target 
_refine_ls_restr.number 
_refine_ls_restr.rejects 
_refine_ls_restr.type 
_refine_ls_restr.weight 
_refine_ls_restr.pdbx_restraint_function 
'X-RAY DIFFRACTION' ? 0.013  0.022  1236 ? r_bond_refined_d       ? ? 
'X-RAY DIFFRACTION' ? 1.377  1.950  1683 ? r_angle_refined_deg    ? ? 
'X-RAY DIFFRACTION' ? 6.838  5.000  153  ? r_dihedral_angle_1_deg ? ? 
'X-RAY DIFFRACTION' ? 36.946 23.833 60   ? r_dihedral_angle_2_deg ? ? 
'X-RAY DIFFRACTION' ? 11.858 15.000 192  ? r_dihedral_angle_3_deg ? ? 
'X-RAY DIFFRACTION' ? 18.942 15.000 9    ? r_dihedral_angle_4_deg ? ? 
'X-RAY DIFFRACTION' ? 0.102  0.200  186  ? r_chiral_restr         ? ? 
'X-RAY DIFFRACTION' ? 0.007  0.021  957  ? r_gen_planes_refined   ? ? 
'X-RAY DIFFRACTION' ? 0.707  1.500  760  ? r_mcbond_it            ? ? 
'X-RAY DIFFRACTION' ? 1.280  2.000  1240 ? r_mcangle_it           ? ? 
'X-RAY DIFFRACTION' ? 2.173  3.000  476  ? r_scbond_it            ? ? 
'X-RAY DIFFRACTION' ? 3.542  4.500  443  ? r_scangle_it           ? ? 
# 
_refine_ls_shell.pdbx_refine_id                   'X-RAY DIFFRACTION' 
_refine_ls_shell.d_res_high                       1.9510 
_refine_ls_shell.d_res_low                        2.0010 
_refine_ls_shell.number_reflns_all                717 
_refine_ls_shell.number_reflns_obs                ? 
_refine_ls_shell.number_reflns_R_free             32 
_refine_ls_shell.number_reflns_R_work             685 
_refine_ls_shell.percent_reflns_obs               94.9700 
_refine_ls_shell.percent_reflns_R_free            ? 
_refine_ls_shell.R_factor_all                     ? 
_refine_ls_shell.R_factor_obs                     ? 
_refine_ls_shell.R_factor_R_free                  0.2680 
_refine_ls_shell.R_factor_R_free_error            ? 
_refine_ls_shell.R_factor_R_work                  0.1630 
_refine_ls_shell.redundancy_reflns_all            ? 
_refine_ls_shell.redundancy_reflns_obs            ? 
_refine_ls_shell.wR_factor_all                    ? 
_refine_ls_shell.wR_factor_obs                    ? 
_refine_ls_shell.wR_factor_R_free                 ? 
_refine_ls_shell.wR_factor_R_work                 ? 
_refine_ls_shell.pdbx_total_number_of_bins_used   20 
_refine_ls_shell.pdbx_phase_error                 ? 
_refine_ls_shell.pdbx_fsc_work                    ? 
_refine_ls_shell.pdbx_fsc_free                    ? 
# 
_struct.entry_id                     5BZH 
_struct.title                        'Crystal structure of the murine CD44 hyaluronan binding domain complex with a small molecule' 
_struct.pdbx_model_details           ? 
_struct.pdbx_formula_weight          ? 
_struct.pdbx_formula_weight_method   ? 
_struct.pdbx_model_type_details      ? 
_struct.pdbx_CASP_flag               ? 
# 
_struct_keywords.entry_id        5BZH 
_struct_keywords.text            'Link module, PROTEIN BINDING' 
_struct_keywords.pdbx_keywords   'PROTEIN BINDING' 
# 
loop_
_struct_asym.id 
_struct_asym.pdbx_blank_PDB_chainid_flag 
_struct_asym.pdbx_modified 
_struct_asym.entity_id 
_struct_asym.details 
A N N 1 ? 
B N N 2 ? 
C N N 3 ? 
D N N 4 ? 
# 
_struct_ref.id                         1 
_struct_ref.db_name                    UNP 
_struct_ref.db_code                    CD44_MOUSE 
_struct_ref.pdbx_db_accession          P15379 
_struct_ref.pdbx_db_isoform            ? 
_struct_ref.entity_id                  1 
_struct_ref.pdbx_seq_one_letter_code   
;HQQIDLNVTCRYAGVFHVEKNGRYSISRTEAADLCQAFNSTLPTMDQMKLALSKGFETCRYGFIEGNVVIPRIHPNAICA
ANHTGVYILVTSNTSHYDTYCFNASAPPEEDCTSVTDLPNSFDGPVTITIVNRDGTRYSKKGEYRTHQEDI
;
_struct_ref.pdbx_align_begin           21 
# 
_struct_ref_seq.align_id                      1 
_struct_ref_seq.ref_id                        1 
_struct_ref_seq.pdbx_PDB_id_code              5BZH 
_struct_ref_seq.pdbx_strand_id                A 
_struct_ref_seq.seq_align_beg                 1 
_struct_ref_seq.pdbx_seq_align_beg_ins_code   ? 
_struct_ref_seq.seq_align_end                 151 
_struct_ref_seq.pdbx_seq_align_end_ins_code   ? 
_struct_ref_seq.pdbx_db_accession             P15379 
_struct_ref_seq.db_align_beg                  21 
_struct_ref_seq.pdbx_db_align_beg_ins_code    ? 
_struct_ref_seq.db_align_end                  171 
_struct_ref_seq.pdbx_db_align_end_ins_code    ? 
_struct_ref_seq.pdbx_auth_seq_align_beg       23 
_struct_ref_seq.pdbx_auth_seq_align_end       173 
# 
loop_
_struct_ref_seq_dif.align_id 
_struct_ref_seq_dif.pdbx_pdb_id_code 
_struct_ref_seq_dif.mon_id 
_struct_ref_seq_dif.pdbx_pdb_strand_id 
_struct_ref_seq_dif.seq_num 
_struct_ref_seq_dif.pdbx_pdb_ins_code 
_struct_ref_seq_dif.pdbx_seq_db_name 
_struct_ref_seq_dif.pdbx_seq_db_accession_code 
_struct_ref_seq_dif.db_mon_id 
_struct_ref_seq_dif.pdbx_seq_db_seq_num 
_struct_ref_seq_dif.details 
_struct_ref_seq_dif.pdbx_auth_seq_num 
_struct_ref_seq_dif.pdbx_ordinal 
1 5BZH MET A 1 ? UNP P15379 HIS 21 'engineered mutation' 23 1 
1 5BZH ASN A 2 ? UNP P15379 GLN 22 'engineered mutation' 24 2 
# 
_pdbx_struct_assembly.id                   1 
_pdbx_struct_assembly.details              author_and_software_defined_assembly 
_pdbx_struct_assembly.method_details       PISA 
_pdbx_struct_assembly.oligomeric_details   monomeric 
_pdbx_struct_assembly.oligomeric_count     1 
# 
_pdbx_struct_assembly_gen.assembly_id       1 
_pdbx_struct_assembly_gen.oper_expression   1 
_pdbx_struct_assembly_gen.asym_id_list      A,B,C,D 
# 
_pdbx_struct_oper_list.id                   1 
_pdbx_struct_oper_list.type                 'identity operation' 
_pdbx_struct_oper_list.name                 1_555 
_pdbx_struct_oper_list.symmetry_operation   x,y,z 
_pdbx_struct_oper_list.matrix[1][1]         1.0000000000 
_pdbx_struct_oper_list.matrix[1][2]         0.0000000000 
_pdbx_struct_oper_list.matrix[1][3]         0.0000000000 
_pdbx_struct_oper_list.vector[1]            0.0000000000 
_pdbx_struct_oper_list.matrix[2][1]         0.0000000000 
_pdbx_struct_oper_list.matrix[2][2]         1.0000000000 
_pdbx_struct_oper_list.matrix[2][3]         0.0000000000 
_pdbx_struct_oper_list.vector[2]            0.0000000000 
_pdbx_struct_oper_list.matrix[3][1]         0.0000000000 
_pdbx_struct_oper_list.matrix[3][2]         0.0000000000 
_pdbx_struct_oper_list.matrix[3][3]         1.0000000000 
_pdbx_struct_oper_list.vector[3]            0.0000000000 
# 
loop_
_struct_conf.conf_type_id 
_struct_conf.id 
_struct_conf.pdbx_PDB_helix_id 
_struct_conf.beg_label_comp_id 
_struct_conf.beg_label_asym_id 
_struct_conf.beg_label_seq_id 
_struct_conf.pdbx_beg_PDB_ins_code 
_struct_conf.end_label_comp_id 
_struct_conf.end_label_asym_id 
_struct_conf.end_label_seq_id 
_struct_conf.pdbx_end_PDB_ins_code 
_struct_conf.beg_auth_comp_id 
_struct_conf.beg_auth_asym_id 
_struct_conf.beg_auth_seq_id 
_struct_conf.end_auth_comp_id 
_struct_conf.end_auth_asym_id 
_struct_conf.end_auth_seq_id 
_struct_conf.pdbx_PDB_helix_class 
_struct_conf.details 
_struct_conf.pdbx_PDB_helix_length 
HELX_P HELX_P1 AA1 SER A 27  ? PHE A 38  ? SER A 49  PHE A 60  1 ? 12 
HELX_P HELX_P2 AA2 THR A 44  ? LYS A 54  ? THR A 66  LYS A 76  1 ? 11 
HELX_P HELX_P3 AA3 HIS A 147 ? ILE A 151 ? HIS A 169 ILE A 173 5 ? 5  
# 
_struct_conf_type.id          HELX_P 
_struct_conf_type.criteria    ? 
_struct_conf_type.reference   ? 
# 
loop_
_struct_conn.id 
_struct_conn.conn_type_id 
_struct_conn.pdbx_leaving_atom_flag 
_struct_conn.pdbx_PDB_id 
_struct_conn.ptnr1_label_asym_id 
_struct_conn.ptnr1_label_comp_id 
_struct_conn.ptnr1_label_seq_id 
_struct_conn.ptnr1_label_atom_id 
_struct_conn.pdbx_ptnr1_label_alt_id 
_struct_conn.pdbx_ptnr1_PDB_ins_code 
_struct_conn.pdbx_ptnr1_standard_comp_id 
_struct_conn.ptnr1_symmetry 
_struct_conn.ptnr2_label_asym_id 
_struct_conn.ptnr2_label_comp_id 
_struct_conn.ptnr2_label_seq_id 
_struct_conn.ptnr2_label_atom_id 
_struct_conn.pdbx_ptnr2_label_alt_id 
_struct_conn.pdbx_ptnr2_PDB_ins_code 
_struct_conn.ptnr1_auth_asym_id 
_struct_conn.ptnr1_auth_comp_id 
_struct_conn.ptnr1_auth_seq_id 
_struct_conn.ptnr2_auth_asym_id 
_struct_conn.ptnr2_auth_comp_id 
_struct_conn.ptnr2_auth_seq_id 
_struct_conn.ptnr2_symmetry 
_struct_conn.pdbx_ptnr3_label_atom_id 
_struct_conn.pdbx_ptnr3_label_seq_id 
_struct_conn.pdbx_ptnr3_label_comp_id 
_struct_conn.pdbx_ptnr3_label_asym_id 
_struct_conn.pdbx_ptnr3_label_alt_id 
_struct_conn.pdbx_ptnr3_PDB_ins_code 
_struct_conn.details 
_struct_conn.pdbx_dist_value 
_struct_conn.pdbx_value_order 
_struct_conn.pdbx_role 
disulf1 disulf ? ? A CYS 10 SG ? ? ? 1_555 A CYS 112 SG ? ? A CYS 32 A CYS 134 1_555 ? ? ? ? ? ? ? 2.062 ? ? 
disulf2 disulf ? ? A CYS 35 SG ? ? ? 1_555 A CYS 101 SG ? ? A CYS 57 A CYS 123 1_555 ? ? ? ? ? ? ? 2.042 ? ? 
disulf3 disulf ? ? A CYS 59 SG ? ? ? 1_555 A CYS 79  SG ? ? A CYS 81 A CYS 101 1_555 ? ? ? ? ? ? ? 2.073 ? ? 
# 
_struct_conn_type.id          disulf 
_struct_conn_type.criteria    ? 
_struct_conn_type.reference   ? 
# 
loop_
_pdbx_modification_feature.ordinal 
_pdbx_modification_feature.label_comp_id 
_pdbx_modification_feature.label_asym_id 
_pdbx_modification_feature.label_seq_id 
_pdbx_modification_feature.label_alt_id 
_pdbx_modification_feature.modified_residue_label_comp_id 
_pdbx_modification_feature.modified_residue_label_asym_id 
_pdbx_modification_feature.modified_residue_label_seq_id 
_pdbx_modification_feature.modified_residue_label_alt_id 
_pdbx_modification_feature.auth_comp_id 
_pdbx_modification_feature.auth_asym_id 
_pdbx_modification_feature.auth_seq_id 
_pdbx_modification_feature.PDB_ins_code 
_pdbx_modification_feature.symmetry 
_pdbx_modification_feature.modified_residue_auth_comp_id 
_pdbx_modification_feature.modified_residue_auth_asym_id 
_pdbx_modification_feature.modified_residue_auth_seq_id 
_pdbx_modification_feature.modified_residue_PDB_ins_code 
_pdbx_modification_feature.modified_residue_symmetry 
_pdbx_modification_feature.comp_id_linking_atom 
_pdbx_modification_feature.modified_residue_id_linking_atom 
_pdbx_modification_feature.modified_residue_id 
_pdbx_modification_feature.ref_pcm_id 
_pdbx_modification_feature.ref_comp_id 
_pdbx_modification_feature.type 
_pdbx_modification_feature.category 
1 CYS A 10 ? CYS A 112 ? CYS A 32 ? 1_555 CYS A 134 ? 1_555 SG SG . . . None 'Disulfide bridge' 
2 CYS A 35 ? CYS A 101 ? CYS A 57 ? 1_555 CYS A 123 ? 1_555 SG SG . . . None 'Disulfide bridge' 
3 CYS A 59 ? CYS A 79  ? CYS A 81 ? 1_555 CYS A 101 ? 1_555 SG SG . . . None 'Disulfide bridge' 
# 
loop_
_struct_sheet.id 
_struct_sheet.type 
_struct_sheet.number_strands 
_struct_sheet.details 
AA1 ? 8 ? 
AA2 ? 2 ? 
# 
loop_
_struct_sheet_order.sheet_id 
_struct_sheet_order.range_id_1 
_struct_sheet_order.range_id_2 
_struct_sheet_order.offset 
_struct_sheet_order.sense 
AA1 1 2 ? anti-parallel 
AA1 2 3 ? anti-parallel 
AA1 3 4 ? parallel      
AA1 4 5 ? anti-parallel 
AA1 5 6 ? anti-parallel 
AA1 6 7 ? parallel      
AA1 7 8 ? anti-parallel 
AA2 1 2 ? anti-parallel 
# 
loop_
_struct_sheet_range.sheet_id 
_struct_sheet_range.id 
_struct_sheet_range.beg_label_comp_id 
_struct_sheet_range.beg_label_asym_id 
_struct_sheet_range.beg_label_seq_id 
_struct_sheet_range.pdbx_beg_PDB_ins_code 
_struct_sheet_range.end_label_comp_id 
_struct_sheet_range.end_label_asym_id 
_struct_sheet_range.end_label_seq_id 
_struct_sheet_range.pdbx_end_PDB_ins_code 
_struct_sheet_range.beg_auth_comp_id 
_struct_sheet_range.beg_auth_asym_id 
_struct_sheet_range.beg_auth_seq_id 
_struct_sheet_range.end_auth_comp_id 
_struct_sheet_range.end_auth_asym_id 
_struct_sheet_range.end_auth_seq_id 
AA1 1 GLY A 85  ? ILE A 88  ? GLY A 107 ILE A 110 
AA1 2 VAL A 68  ? ARG A 72  ? VAL A 90  ARG A 94  
AA1 3 GLY A 62  ? PHE A 63  ? GLY A 84  PHE A 85  
AA1 4 ASP A 98  ? PHE A 102 ? ASP A 120 PHE A 124 
AA1 5 VAL A 15  ? LYS A 20  ? VAL A 37  LYS A 42  
AA1 6 GLN A 3   ? VAL A 8   ? GLN A 25  VAL A 30  
AA1 7 PHE A 122 ? ASN A 132 ? PHE A 144 ASN A 154 
AA1 8 ARG A 137 ? GLU A 143 ? ARG A 159 GLU A 165 
AA2 1 ARG A 11  ? TYR A 12  ? ARG A 33  TYR A 34  
AA2 2 GLU A 110 ? ASP A 111 ? GLU A 132 ASP A 133 
# 
loop_
_pdbx_struct_sheet_hbond.sheet_id 
_pdbx_struct_sheet_hbond.range_id_1 
_pdbx_struct_sheet_hbond.range_id_2 
_pdbx_struct_sheet_hbond.range_1_label_atom_id 
_pdbx_struct_sheet_hbond.range_1_label_comp_id 
_pdbx_struct_sheet_hbond.range_1_label_asym_id 
_pdbx_struct_sheet_hbond.range_1_label_seq_id 
_pdbx_struct_sheet_hbond.range_1_PDB_ins_code 
_pdbx_struct_sheet_hbond.range_1_auth_atom_id 
_pdbx_struct_sheet_hbond.range_1_auth_comp_id 
_pdbx_struct_sheet_hbond.range_1_auth_asym_id 
_pdbx_struct_sheet_hbond.range_1_auth_seq_id 
_pdbx_struct_sheet_hbond.range_2_label_atom_id 
_pdbx_struct_sheet_hbond.range_2_label_comp_id 
_pdbx_struct_sheet_hbond.range_2_label_asym_id 
_pdbx_struct_sheet_hbond.range_2_label_seq_id 
_pdbx_struct_sheet_hbond.range_2_PDB_ins_code 
_pdbx_struct_sheet_hbond.range_2_auth_atom_id 
_pdbx_struct_sheet_hbond.range_2_auth_comp_id 
_pdbx_struct_sheet_hbond.range_2_auth_asym_id 
_pdbx_struct_sheet_hbond.range_2_auth_seq_id 
AA1 1 2 O GLY A 85  ? O GLY A 107 N ARG A 72  ? N ARG A 94  
AA1 2 3 O VAL A 69  ? O VAL A 91  N GLY A 62  ? N GLY A 84  
AA1 3 4 N PHE A 63  ? N PHE A 85  O TYR A 100 ? O TYR A 122 
AA1 4 5 O THR A 99  ? O THR A 121 N VAL A 18  ? N VAL A 40  
AA1 5 6 O GLU A 19  ? O GLU A 41  N ASN A 7   ? N ASN A 29  
AA1 6 7 N ILE A 4   ? N ILE A 26  O THR A 129 ? O THR A 151 
AA1 7 8 N ILE A 128 ? N ILE A 150 O LYS A 140 ? O LYS A 162 
AA2 1 2 N ARG A 11  ? N ARG A 33  O ASP A 111 ? O ASP A 133 
# 
loop_
_struct_site.id 
_struct_site.pdbx_evidence_code 
_struct_site.pdbx_auth_asym_id 
_struct_site.pdbx_auth_comp_id 
_struct_site.pdbx_auth_seq_id 
_struct_site.pdbx_auth_ins_code 
_struct_site.pdbx_num_residues 
_struct_site.details 
AC1 Software A DMS 201 ? 8 'binding site for residue DMS A 201' 
AC2 Software A 4X1 202 ? 9 'binding site for residue 4X1 A 202' 
# 
loop_
_struct_site_gen.id 
_struct_site_gen.site_id 
_struct_site_gen.pdbx_num_res 
_struct_site_gen.label_comp_id 
_struct_site_gen.label_asym_id 
_struct_site_gen.label_seq_id 
_struct_site_gen.pdbx_auth_ins_code 
_struct_site_gen.auth_comp_id 
_struct_site_gen.auth_asym_id 
_struct_site_gen.auth_seq_id 
_struct_site_gen.label_atom_id 
_struct_site_gen.label_alt_id 
_struct_site_gen.symmetry 
_struct_site_gen.details 
1  AC1 8 CYS A 10  ? CYS A 32  . ? 1_556 ? 
2  AC1 8 ASN A 67  ? ASN A 89  . ? 1_555 ? 
3  AC1 8 CYS A 112 ? CYS A 134 . ? 1_556 ? 
4  AC1 8 SER A 114 ? SER A 136 . ? 1_556 ? 
5  AC1 8 ARG A 133 ? ARG A 155 . ? 1_556 ? 
6  AC1 8 ASP A 134 ? ASP A 156 . ? 1_556 ? 
7  AC1 8 HOH D .   ? HOH A 310 . ? 1_555 ? 
8  AC1 8 HOH D .   ? HOH A 320 . ? 1_556 ? 
9  AC2 9 ASN A 7   ? ASN A 29  . ? 1_555 ? 
10 AC2 9 VAL A 8   ? VAL A 30  . ? 1_555 ? 
11 AC2 9 GLU A 19  ? GLU A 41  . ? 1_555 ? 
12 AC2 9 GLY A 22  ? GLY A 44  . ? 1_555 ? 
13 AC2 9 ASP A 46  ? ASP A 68  . ? 1_655 ? 
14 AC2 9 ARG A 60  ? ARG A 82  . ? 1_555 ? 
15 AC2 9 VAL A 131 ? VAL A 153 . ? 1_555 ? 
16 AC2 9 ASN A 132 ? ASN A 154 . ? 1_555 ? 
17 AC2 9 ARG A 133 ? ARG A 155 . ? 1_555 ? 
# 
_pdbx_entry_details.entry_id                   5BZH 
_pdbx_entry_details.compound_details           ? 
_pdbx_entry_details.source_details             ? 
_pdbx_entry_details.nonpolymer_details         ? 
_pdbx_entry_details.sequence_details           ? 
_pdbx_entry_details.has_ligand_of_interest     ? 
_pdbx_entry_details.has_protein_modification   Y 
# 
loop_
_pdbx_validate_torsion.id 
_pdbx_validate_torsion.PDB_model_num 
_pdbx_validate_torsion.auth_comp_id 
_pdbx_validate_torsion.auth_asym_id 
_pdbx_validate_torsion.auth_seq_id 
_pdbx_validate_torsion.PDB_ins_code 
_pdbx_validate_torsion.label_alt_id 
_pdbx_validate_torsion.phi 
_pdbx_validate_torsion.psi 
1 1 CYS A 32  ? ? -49.52  153.08  
2 1 SER A 47  ? ? -151.95 17.72   
3 1 GLU A 131 ? ? -119.24 -135.46 
# 
_phasing.method   MR 
# 
_pdbx_unobs_or_zero_occ_residues.id               1 
_pdbx_unobs_or_zero_occ_residues.PDB_model_num    1 
_pdbx_unobs_or_zero_occ_residues.polymer_flag     Y 
_pdbx_unobs_or_zero_occ_residues.occupancy_flag   1 
_pdbx_unobs_or_zero_occ_residues.auth_asym_id     A 
_pdbx_unobs_or_zero_occ_residues.auth_comp_id     MET 
_pdbx_unobs_or_zero_occ_residues.auth_seq_id      23 
_pdbx_unobs_or_zero_occ_residues.PDB_ins_code     ? 
_pdbx_unobs_or_zero_occ_residues.label_asym_id    A 
_pdbx_unobs_or_zero_occ_residues.label_comp_id    MET 
_pdbx_unobs_or_zero_occ_residues.label_seq_id     1 
# 
loop_
_chem_comp_atom.comp_id 
_chem_comp_atom.atom_id 
_chem_comp_atom.type_symbol 
_chem_comp_atom.pdbx_aromatic_flag 
_chem_comp_atom.pdbx_stereo_config 
_chem_comp_atom.pdbx_ordinal 
4X1 CAJ  C N N 1   
4X1 CAH  C N N 2   
4X1 CAL  C Y N 3   
4X1 CAD  C Y N 4   
4X1 CAB  C Y N 5   
4X1 CAC  C Y N 6   
4X1 CAE  C Y N 7   
4X1 CAM  C Y N 8   
4X1 CAK  C N N 9   
4X1 NAN  N N N 10  
4X1 CAI  C N N 11  
4X1 CAG  C N N 12  
4X1 CAF  C N N 13  
4X1 NAA  N N N 14  
4X1 H1   H N N 15  
4X1 H2   H N N 16  
4X1 H3   H N N 17  
4X1 H4   H N N 18  
4X1 H5   H N N 19  
4X1 H6   H N N 20  
4X1 H7   H N N 21  
4X1 H8   H N N 22  
4X1 H9   H N N 23  
4X1 H10  H N N 24  
4X1 H12  H N N 25  
4X1 H13  H N N 26  
4X1 H14  H N N 27  
4X1 H15  H N N 28  
4X1 H16  H N N 29  
4X1 H17  H N N 30  
4X1 H18  H N N 31  
4X1 H19  H N N 32  
ALA N    N N N 33  
ALA CA   C N S 34  
ALA C    C N N 35  
ALA O    O N N 36  
ALA CB   C N N 37  
ALA OXT  O N N 38  
ALA H    H N N 39  
ALA H2   H N N 40  
ALA HA   H N N 41  
ALA HB1  H N N 42  
ALA HB2  H N N 43  
ALA HB3  H N N 44  
ALA HXT  H N N 45  
ARG N    N N N 46  
ARG CA   C N S 47  
ARG C    C N N 48  
ARG O    O N N 49  
ARG CB   C N N 50  
ARG CG   C N N 51  
ARG CD   C N N 52  
ARG NE   N N N 53  
ARG CZ   C N N 54  
ARG NH1  N N N 55  
ARG NH2  N N N 56  
ARG OXT  O N N 57  
ARG H    H N N 58  
ARG H2   H N N 59  
ARG HA   H N N 60  
ARG HB2  H N N 61  
ARG HB3  H N N 62  
ARG HG2  H N N 63  
ARG HG3  H N N 64  
ARG HD2  H N N 65  
ARG HD3  H N N 66  
ARG HE   H N N 67  
ARG HH11 H N N 68  
ARG HH12 H N N 69  
ARG HH21 H N N 70  
ARG HH22 H N N 71  
ARG HXT  H N N 72  
ASN N    N N N 73  
ASN CA   C N S 74  
ASN C    C N N 75  
ASN O    O N N 76  
ASN CB   C N N 77  
ASN CG   C N N 78  
ASN OD1  O N N 79  
ASN ND2  N N N 80  
ASN OXT  O N N 81  
ASN H    H N N 82  
ASN H2   H N N 83  
ASN HA   H N N 84  
ASN HB2  H N N 85  
ASN HB3  H N N 86  
ASN HD21 H N N 87  
ASN HD22 H N N 88  
ASN HXT  H N N 89  
ASP N    N N N 90  
ASP CA   C N S 91  
ASP C    C N N 92  
ASP O    O N N 93  
ASP CB   C N N 94  
ASP CG   C N N 95  
ASP OD1  O N N 96  
ASP OD2  O N N 97  
ASP OXT  O N N 98  
ASP H    H N N 99  
ASP H2   H N N 100 
ASP HA   H N N 101 
ASP HB2  H N N 102 
ASP HB3  H N N 103 
ASP HD2  H N N 104 
ASP HXT  H N N 105 
CYS N    N N N 106 
CYS CA   C N R 107 
CYS C    C N N 108 
CYS O    O N N 109 
CYS CB   C N N 110 
CYS SG   S N N 111 
CYS OXT  O N N 112 
CYS H    H N N 113 
CYS H2   H N N 114 
CYS HA   H N N 115 
CYS HB2  H N N 116 
CYS HB3  H N N 117 
CYS HG   H N N 118 
CYS HXT  H N N 119 
DMS S    S N N 120 
DMS O    O N N 121 
DMS C1   C N N 122 
DMS C2   C N N 123 
DMS H11  H N N 124 
DMS H12  H N N 125 
DMS H13  H N N 126 
DMS H21  H N N 127 
DMS H22  H N N 128 
DMS H23  H N N 129 
GLN N    N N N 130 
GLN CA   C N S 131 
GLN C    C N N 132 
GLN O    O N N 133 
GLN CB   C N N 134 
GLN CG   C N N 135 
GLN CD   C N N 136 
GLN OE1  O N N 137 
GLN NE2  N N N 138 
GLN OXT  O N N 139 
GLN H    H N N 140 
GLN H2   H N N 141 
GLN HA   H N N 142 
GLN HB2  H N N 143 
GLN HB3  H N N 144 
GLN HG2  H N N 145 
GLN HG3  H N N 146 
GLN HE21 H N N 147 
GLN HE22 H N N 148 
GLN HXT  H N N 149 
GLU N    N N N 150 
GLU CA   C N S 151 
GLU C    C N N 152 
GLU O    O N N 153 
GLU CB   C N N 154 
GLU CG   C N N 155 
GLU CD   C N N 156 
GLU OE1  O N N 157 
GLU OE2  O N N 158 
GLU OXT  O N N 159 
GLU H    H N N 160 
GLU H2   H N N 161 
GLU HA   H N N 162 
GLU HB2  H N N 163 
GLU HB3  H N N 164 
GLU HG2  H N N 165 
GLU HG3  H N N 166 
GLU HE2  H N N 167 
GLU HXT  H N N 168 
GLY N    N N N 169 
GLY CA   C N N 170 
GLY C    C N N 171 
GLY O    O N N 172 
GLY OXT  O N N 173 
GLY H    H N N 174 
GLY H2   H N N 175 
GLY HA2  H N N 176 
GLY HA3  H N N 177 
GLY HXT  H N N 178 
HIS N    N N N 179 
HIS CA   C N S 180 
HIS C    C N N 181 
HIS O    O N N 182 
HIS CB   C N N 183 
HIS CG   C Y N 184 
HIS ND1  N Y N 185 
HIS CD2  C Y N 186 
HIS CE1  C Y N 187 
HIS NE2  N Y N 188 
HIS OXT  O N N 189 
HIS H    H N N 190 
HIS H2   H N N 191 
HIS HA   H N N 192 
HIS HB2  H N N 193 
HIS HB3  H N N 194 
HIS HD1  H N N 195 
HIS HD2  H N N 196 
HIS HE1  H N N 197 
HIS HE2  H N N 198 
HIS HXT  H N N 199 
HOH O    O N N 200 
HOH H1   H N N 201 
HOH H2   H N N 202 
ILE N    N N N 203 
ILE CA   C N S 204 
ILE C    C N N 205 
ILE O    O N N 206 
ILE CB   C N S 207 
ILE CG1  C N N 208 
ILE CG2  C N N 209 
ILE CD1  C N N 210 
ILE OXT  O N N 211 
ILE H    H N N 212 
ILE H2   H N N 213 
ILE HA   H N N 214 
ILE HB   H N N 215 
ILE HG12 H N N 216 
ILE HG13 H N N 217 
ILE HG21 H N N 218 
ILE HG22 H N N 219 
ILE HG23 H N N 220 
ILE HD11 H N N 221 
ILE HD12 H N N 222 
ILE HD13 H N N 223 
ILE HXT  H N N 224 
LEU N    N N N 225 
LEU CA   C N S 226 
LEU C    C N N 227 
LEU O    O N N 228 
LEU CB   C N N 229 
LEU CG   C N N 230 
LEU CD1  C N N 231 
LEU CD2  C N N 232 
LEU OXT  O N N 233 
LEU H    H N N 234 
LEU H2   H N N 235 
LEU HA   H N N 236 
LEU HB2  H N N 237 
LEU HB3  H N N 238 
LEU HG   H N N 239 
LEU HD11 H N N 240 
LEU HD12 H N N 241 
LEU HD13 H N N 242 
LEU HD21 H N N 243 
LEU HD22 H N N 244 
LEU HD23 H N N 245 
LEU HXT  H N N 246 
LYS N    N N N 247 
LYS CA   C N S 248 
LYS C    C N N 249 
LYS O    O N N 250 
LYS CB   C N N 251 
LYS CG   C N N 252 
LYS CD   C N N 253 
LYS CE   C N N 254 
LYS NZ   N N N 255 
LYS OXT  O N N 256 
LYS H    H N N 257 
LYS H2   H N N 258 
LYS HA   H N N 259 
LYS HB2  H N N 260 
LYS HB3  H N N 261 
LYS HG2  H N N 262 
LYS HG3  H N N 263 
LYS HD2  H N N 264 
LYS HD3  H N N 265 
LYS HE2  H N N 266 
LYS HE3  H N N 267 
LYS HZ1  H N N 268 
LYS HZ2  H N N 269 
LYS HZ3  H N N 270 
LYS HXT  H N N 271 
MET N    N N N 272 
MET CA   C N S 273 
MET C    C N N 274 
MET O    O N N 275 
MET CB   C N N 276 
MET CG   C N N 277 
MET SD   S N N 278 
MET CE   C N N 279 
MET OXT  O N N 280 
MET H    H N N 281 
MET H2   H N N 282 
MET HA   H N N 283 
MET HB2  H N N 284 
MET HB3  H N N 285 
MET HG2  H N N 286 
MET HG3  H N N 287 
MET HE1  H N N 288 
MET HE2  H N N 289 
MET HE3  H N N 290 
MET HXT  H N N 291 
PHE N    N N N 292 
PHE CA   C N S 293 
PHE C    C N N 294 
PHE O    O N N 295 
PHE CB   C N N 296 
PHE CG   C Y N 297 
PHE CD1  C Y N 298 
PHE CD2  C Y N 299 
PHE CE1  C Y N 300 
PHE CE2  C Y N 301 
PHE CZ   C Y N 302 
PHE OXT  O N N 303 
PHE H    H N N 304 
PHE H2   H N N 305 
PHE HA   H N N 306 
PHE HB2  H N N 307 
PHE HB3  H N N 308 
PHE HD1  H N N 309 
PHE HD2  H N N 310 
PHE HE1  H N N 311 
PHE HE2  H N N 312 
PHE HZ   H N N 313 
PHE HXT  H N N 314 
PRO N    N N N 315 
PRO CA   C N S 316 
PRO C    C N N 317 
PRO O    O N N 318 
PRO CB   C N N 319 
PRO CG   C N N 320 
PRO CD   C N N 321 
PRO OXT  O N N 322 
PRO H    H N N 323 
PRO HA   H N N 324 
PRO HB2  H N N 325 
PRO HB3  H N N 326 
PRO HG2  H N N 327 
PRO HG3  H N N 328 
PRO HD2  H N N 329 
PRO HD3  H N N 330 
PRO HXT  H N N 331 
SER N    N N N 332 
SER CA   C N S 333 
SER C    C N N 334 
SER O    O N N 335 
SER CB   C N N 336 
SER OG   O N N 337 
SER OXT  O N N 338 
SER H    H N N 339 
SER H2   H N N 340 
SER HA   H N N 341 
SER HB2  H N N 342 
SER HB3  H N N 343 
SER HG   H N N 344 
SER HXT  H N N 345 
THR N    N N N 346 
THR CA   C N S 347 
THR C    C N N 348 
THR O    O N N 349 
THR CB   C N R 350 
THR OG1  O N N 351 
THR CG2  C N N 352 
THR OXT  O N N 353 
THR H    H N N 354 
THR H2   H N N 355 
THR HA   H N N 356 
THR HB   H N N 357 
THR HG1  H N N 358 
THR HG21 H N N 359 
THR HG22 H N N 360 
THR HG23 H N N 361 
THR HXT  H N N 362 
TYR N    N N N 363 
TYR CA   C N S 364 
TYR C    C N N 365 
TYR O    O N N 366 
TYR CB   C N N 367 
TYR CG   C Y N 368 
TYR CD1  C Y N 369 
TYR CD2  C Y N 370 
TYR CE1  C Y N 371 
TYR CE2  C Y N 372 
TYR CZ   C Y N 373 
TYR OH   O N N 374 
TYR OXT  O N N 375 
TYR H    H N N 376 
TYR H2   H N N 377 
TYR HA   H N N 378 
TYR HB2  H N N 379 
TYR HB3  H N N 380 
TYR HD1  H N N 381 
TYR HD2  H N N 382 
TYR HE1  H N N 383 
TYR HE2  H N N 384 
TYR HH   H N N 385 
TYR HXT  H N N 386 
VAL N    N N N 387 
VAL CA   C N S 388 
VAL C    C N N 389 
VAL O    O N N 390 
VAL CB   C N N 391 
VAL CG1  C N N 392 
VAL CG2  C N N 393 
VAL OXT  O N N 394 
VAL H    H N N 395 
VAL H2   H N N 396 
VAL HA   H N N 397 
VAL HB   H N N 398 
VAL HG11 H N N 399 
VAL HG12 H N N 400 
VAL HG13 H N N 401 
VAL HG21 H N N 402 
VAL HG22 H N N 403 
VAL HG23 H N N 404 
VAL HXT  H N N 405 
# 
loop_
_chem_comp_bond.comp_id 
_chem_comp_bond.atom_id_1 
_chem_comp_bond.atom_id_2 
_chem_comp_bond.value_order 
_chem_comp_bond.pdbx_aromatic_flag 
_chem_comp_bond.pdbx_stereo_config 
_chem_comp_bond.pdbx_ordinal 
4X1 CAB CAC  doub Y N 1   
4X1 CAB CAD  sing Y N 2   
4X1 CAC CAE  sing Y N 3   
4X1 CAD CAL  doub Y N 4   
4X1 CAE CAM  doub Y N 5   
4X1 CAL CAM  sing Y N 6   
4X1 CAL CAH  sing N N 7   
4X1 CAM CAK  sing N N 8   
4X1 CAH CAJ  sing N N 9   
4X1 CAJ NAN  sing N N 10  
4X1 CAK NAN  sing N N 11  
4X1 NAN CAI  sing N N 12  
4X1 CAI CAG  sing N N 13  
4X1 CAG CAF  sing N N 14  
4X1 CAF NAA  sing N N 15  
4X1 CAJ H1   sing N N 16  
4X1 CAJ H2   sing N N 17  
4X1 CAH H3   sing N N 18  
4X1 CAH H4   sing N N 19  
4X1 CAD H5   sing N N 20  
4X1 CAB H6   sing N N 21  
4X1 CAC H7   sing N N 22  
4X1 CAE H8   sing N N 23  
4X1 CAK H9   sing N N 24  
4X1 CAK H10  sing N N 25  
4X1 CAI H12  sing N N 26  
4X1 CAI H13  sing N N 27  
4X1 CAG H14  sing N N 28  
4X1 CAG H15  sing N N 29  
4X1 CAF H16  sing N N 30  
4X1 CAF H17  sing N N 31  
4X1 NAA H18  sing N N 32  
4X1 NAA H19  sing N N 33  
ALA N   CA   sing N N 34  
ALA N   H    sing N N 35  
ALA N   H2   sing N N 36  
ALA CA  C    sing N N 37  
ALA CA  CB   sing N N 38  
ALA CA  HA   sing N N 39  
ALA C   O    doub N N 40  
ALA C   OXT  sing N N 41  
ALA CB  HB1  sing N N 42  
ALA CB  HB2  sing N N 43  
ALA CB  HB3  sing N N 44  
ALA OXT HXT  sing N N 45  
ARG N   CA   sing N N 46  
ARG N   H    sing N N 47  
ARG N   H2   sing N N 48  
ARG CA  C    sing N N 49  
ARG CA  CB   sing N N 50  
ARG CA  HA   sing N N 51  
ARG C   O    doub N N 52  
ARG C   OXT  sing N N 53  
ARG CB  CG   sing N N 54  
ARG CB  HB2  sing N N 55  
ARG CB  HB3  sing N N 56  
ARG CG  CD   sing N N 57  
ARG CG  HG2  sing N N 58  
ARG CG  HG3  sing N N 59  
ARG CD  NE   sing N N 60  
ARG CD  HD2  sing N N 61  
ARG CD  HD3  sing N N 62  
ARG NE  CZ   sing N N 63  
ARG NE  HE   sing N N 64  
ARG CZ  NH1  sing N N 65  
ARG CZ  NH2  doub N N 66  
ARG NH1 HH11 sing N N 67  
ARG NH1 HH12 sing N N 68  
ARG NH2 HH21 sing N N 69  
ARG NH2 HH22 sing N N 70  
ARG OXT HXT  sing N N 71  
ASN N   CA   sing N N 72  
ASN N   H    sing N N 73  
ASN N   H2   sing N N 74  
ASN CA  C    sing N N 75  
ASN CA  CB   sing N N 76  
ASN CA  HA   sing N N 77  
ASN C   O    doub N N 78  
ASN C   OXT  sing N N 79  
ASN CB  CG   sing N N 80  
ASN CB  HB2  sing N N 81  
ASN CB  HB3  sing N N 82  
ASN CG  OD1  doub N N 83  
ASN CG  ND2  sing N N 84  
ASN ND2 HD21 sing N N 85  
ASN ND2 HD22 sing N N 86  
ASN OXT HXT  sing N N 87  
ASP N   CA   sing N N 88  
ASP N   H    sing N N 89  
ASP N   H2   sing N N 90  
ASP CA  C    sing N N 91  
ASP CA  CB   sing N N 92  
ASP CA  HA   sing N N 93  
ASP C   O    doub N N 94  
ASP C   OXT  sing N N 95  
ASP CB  CG   sing N N 96  
ASP CB  HB2  sing N N 97  
ASP CB  HB3  sing N N 98  
ASP CG  OD1  doub N N 99  
ASP CG  OD2  sing N N 100 
ASP OD2 HD2  sing N N 101 
ASP OXT HXT  sing N N 102 
CYS N   CA   sing N N 103 
CYS N   H    sing N N 104 
CYS N   H2   sing N N 105 
CYS CA  C    sing N N 106 
CYS CA  CB   sing N N 107 
CYS CA  HA   sing N N 108 
CYS C   O    doub N N 109 
CYS C   OXT  sing N N 110 
CYS CB  SG   sing N N 111 
CYS CB  HB2  sing N N 112 
CYS CB  HB3  sing N N 113 
CYS SG  HG   sing N N 114 
CYS OXT HXT  sing N N 115 
DMS S   O    doub N N 116 
DMS S   C1   sing N N 117 
DMS S   C2   sing N N 118 
DMS C1  H11  sing N N 119 
DMS C1  H12  sing N N 120 
DMS C1  H13  sing N N 121 
DMS C2  H21  sing N N 122 
DMS C2  H22  sing N N 123 
DMS C2  H23  sing N N 124 
GLN N   CA   sing N N 125 
GLN N   H    sing N N 126 
GLN N   H2   sing N N 127 
GLN CA  C    sing N N 128 
GLN CA  CB   sing N N 129 
GLN CA  HA   sing N N 130 
GLN C   O    doub N N 131 
GLN C   OXT  sing N N 132 
GLN CB  CG   sing N N 133 
GLN CB  HB2  sing N N 134 
GLN CB  HB3  sing N N 135 
GLN CG  CD   sing N N 136 
GLN CG  HG2  sing N N 137 
GLN CG  HG3  sing N N 138 
GLN CD  OE1  doub N N 139 
GLN CD  NE2  sing N N 140 
GLN NE2 HE21 sing N N 141 
GLN NE2 HE22 sing N N 142 
GLN OXT HXT  sing N N 143 
GLU N   CA   sing N N 144 
GLU N   H    sing N N 145 
GLU N   H2   sing N N 146 
GLU CA  C    sing N N 147 
GLU CA  CB   sing N N 148 
GLU CA  HA   sing N N 149 
GLU C   O    doub N N 150 
GLU C   OXT  sing N N 151 
GLU CB  CG   sing N N 152 
GLU CB  HB2  sing N N 153 
GLU CB  HB3  sing N N 154 
GLU CG  CD   sing N N 155 
GLU CG  HG2  sing N N 156 
GLU CG  HG3  sing N N 157 
GLU CD  OE1  doub N N 158 
GLU CD  OE2  sing N N 159 
GLU OE2 HE2  sing N N 160 
GLU OXT HXT  sing N N 161 
GLY N   CA   sing N N 162 
GLY N   H    sing N N 163 
GLY N   H2   sing N N 164 
GLY CA  C    sing N N 165 
GLY CA  HA2  sing N N 166 
GLY CA  HA3  sing N N 167 
GLY C   O    doub N N 168 
GLY C   OXT  sing N N 169 
GLY OXT HXT  sing N N 170 
HIS N   CA   sing N N 171 
HIS N   H    sing N N 172 
HIS N   H2   sing N N 173 
HIS CA  C    sing N N 174 
HIS CA  CB   sing N N 175 
HIS CA  HA   sing N N 176 
HIS C   O    doub N N 177 
HIS C   OXT  sing N N 178 
HIS CB  CG   sing N N 179 
HIS CB  HB2  sing N N 180 
HIS CB  HB3  sing N N 181 
HIS CG  ND1  sing Y N 182 
HIS CG  CD2  doub Y N 183 
HIS ND1 CE1  doub Y N 184 
HIS ND1 HD1  sing N N 185 
HIS CD2 NE2  sing Y N 186 
HIS CD2 HD2  sing N N 187 
HIS CE1 NE2  sing Y N 188 
HIS CE1 HE1  sing N N 189 
HIS NE2 HE2  sing N N 190 
HIS OXT HXT  sing N N 191 
HOH O   H1   sing N N 192 
HOH O   H2   sing N N 193 
ILE N   CA   sing N N 194 
ILE N   H    sing N N 195 
ILE N   H2   sing N N 196 
ILE CA  C    sing N N 197 
ILE CA  CB   sing N N 198 
ILE CA  HA   sing N N 199 
ILE C   O    doub N N 200 
ILE C   OXT  sing N N 201 
ILE CB  CG1  sing N N 202 
ILE CB  CG2  sing N N 203 
ILE CB  HB   sing N N 204 
ILE CG1 CD1  sing N N 205 
ILE CG1 HG12 sing N N 206 
ILE CG1 HG13 sing N N 207 
ILE CG2 HG21 sing N N 208 
ILE CG2 HG22 sing N N 209 
ILE CG2 HG23 sing N N 210 
ILE CD1 HD11 sing N N 211 
ILE CD1 HD12 sing N N 212 
ILE CD1 HD13 sing N N 213 
ILE OXT HXT  sing N N 214 
LEU N   CA   sing N N 215 
LEU N   H    sing N N 216 
LEU N   H2   sing N N 217 
LEU CA  C    sing N N 218 
LEU CA  CB   sing N N 219 
LEU CA  HA   sing N N 220 
LEU C   O    doub N N 221 
LEU C   OXT  sing N N 222 
LEU CB  CG   sing N N 223 
LEU CB  HB2  sing N N 224 
LEU CB  HB3  sing N N 225 
LEU CG  CD1  sing N N 226 
LEU CG  CD2  sing N N 227 
LEU CG  HG   sing N N 228 
LEU CD1 HD11 sing N N 229 
LEU CD1 HD12 sing N N 230 
LEU CD1 HD13 sing N N 231 
LEU CD2 HD21 sing N N 232 
LEU CD2 HD22 sing N N 233 
LEU CD2 HD23 sing N N 234 
LEU OXT HXT  sing N N 235 
LYS N   CA   sing N N 236 
LYS N   H    sing N N 237 
LYS N   H2   sing N N 238 
LYS CA  C    sing N N 239 
LYS CA  CB   sing N N 240 
LYS CA  HA   sing N N 241 
LYS C   O    doub N N 242 
LYS C   OXT  sing N N 243 
LYS CB  CG   sing N N 244 
LYS CB  HB2  sing N N 245 
LYS CB  HB3  sing N N 246 
LYS CG  CD   sing N N 247 
LYS CG  HG2  sing N N 248 
LYS CG  HG3  sing N N 249 
LYS CD  CE   sing N N 250 
LYS CD  HD2  sing N N 251 
LYS CD  HD3  sing N N 252 
LYS CE  NZ   sing N N 253 
LYS CE  HE2  sing N N 254 
LYS CE  HE3  sing N N 255 
LYS NZ  HZ1  sing N N 256 
LYS NZ  HZ2  sing N N 257 
LYS NZ  HZ3  sing N N 258 
LYS OXT HXT  sing N N 259 
MET N   CA   sing N N 260 
MET N   H    sing N N 261 
MET N   H2   sing N N 262 
MET CA  C    sing N N 263 
MET CA  CB   sing N N 264 
MET CA  HA   sing N N 265 
MET C   O    doub N N 266 
MET C   OXT  sing N N 267 
MET CB  CG   sing N N 268 
MET CB  HB2  sing N N 269 
MET CB  HB3  sing N N 270 
MET CG  SD   sing N N 271 
MET CG  HG2  sing N N 272 
MET CG  HG3  sing N N 273 
MET SD  CE   sing N N 274 
MET CE  HE1  sing N N 275 
MET CE  HE2  sing N N 276 
MET CE  HE3  sing N N 277 
MET OXT HXT  sing N N 278 
PHE N   CA   sing N N 279 
PHE N   H    sing N N 280 
PHE N   H2   sing N N 281 
PHE CA  C    sing N N 282 
PHE CA  CB   sing N N 283 
PHE CA  HA   sing N N 284 
PHE C   O    doub N N 285 
PHE C   OXT  sing N N 286 
PHE CB  CG   sing N N 287 
PHE CB  HB2  sing N N 288 
PHE CB  HB3  sing N N 289 
PHE CG  CD1  doub Y N 290 
PHE CG  CD2  sing Y N 291 
PHE CD1 CE1  sing Y N 292 
PHE CD1 HD1  sing N N 293 
PHE CD2 CE2  doub Y N 294 
PHE CD2 HD2  sing N N 295 
PHE CE1 CZ   doub Y N 296 
PHE CE1 HE1  sing N N 297 
PHE CE2 CZ   sing Y N 298 
PHE CE2 HE2  sing N N 299 
PHE CZ  HZ   sing N N 300 
PHE OXT HXT  sing N N 301 
PRO N   CA   sing N N 302 
PRO N   CD   sing N N 303 
PRO N   H    sing N N 304 
PRO CA  C    sing N N 305 
PRO CA  CB   sing N N 306 
PRO CA  HA   sing N N 307 
PRO C   O    doub N N 308 
PRO C   OXT  sing N N 309 
PRO CB  CG   sing N N 310 
PRO CB  HB2  sing N N 311 
PRO CB  HB3  sing N N 312 
PRO CG  CD   sing N N 313 
PRO CG  HG2  sing N N 314 
PRO CG  HG3  sing N N 315 
PRO CD  HD2  sing N N 316 
PRO CD  HD3  sing N N 317 
PRO OXT HXT  sing N N 318 
SER N   CA   sing N N 319 
SER N   H    sing N N 320 
SER N   H2   sing N N 321 
SER CA  C    sing N N 322 
SER CA  CB   sing N N 323 
SER CA  HA   sing N N 324 
SER C   O    doub N N 325 
SER C   OXT  sing N N 326 
SER CB  OG   sing N N 327 
SER CB  HB2  sing N N 328 
SER CB  HB3  sing N N 329 
SER OG  HG   sing N N 330 
SER OXT HXT  sing N N 331 
THR N   CA   sing N N 332 
THR N   H    sing N N 333 
THR N   H2   sing N N 334 
THR CA  C    sing N N 335 
THR CA  CB   sing N N 336 
THR CA  HA   sing N N 337 
THR C   O    doub N N 338 
THR C   OXT  sing N N 339 
THR CB  OG1  sing N N 340 
THR CB  CG2  sing N N 341 
THR CB  HB   sing N N 342 
THR OG1 HG1  sing N N 343 
THR CG2 HG21 sing N N 344 
THR CG2 HG22 sing N N 345 
THR CG2 HG23 sing N N 346 
THR OXT HXT  sing N N 347 
TYR N   CA   sing N N 348 
TYR N   H    sing N N 349 
TYR N   H2   sing N N 350 
TYR CA  C    sing N N 351 
TYR CA  CB   sing N N 352 
TYR CA  HA   sing N N 353 
TYR C   O    doub N N 354 
TYR C   OXT  sing N N 355 
TYR CB  CG   sing N N 356 
TYR CB  HB2  sing N N 357 
TYR CB  HB3  sing N N 358 
TYR CG  CD1  doub Y N 359 
TYR CG  CD2  sing Y N 360 
TYR CD1 CE1  sing Y N 361 
TYR CD1 HD1  sing N N 362 
TYR CD2 CE2  doub Y N 363 
TYR CD2 HD2  sing N N 364 
TYR CE1 CZ   doub Y N 365 
TYR CE1 HE1  sing N N 366 
TYR CE2 CZ   sing Y N 367 
TYR CE2 HE2  sing N N 368 
TYR CZ  OH   sing N N 369 
TYR OH  HH   sing N N 370 
TYR OXT HXT  sing N N 371 
VAL N   CA   sing N N 372 
VAL N   H    sing N N 373 
VAL N   H2   sing N N 374 
VAL CA  C    sing N N 375 
VAL CA  CB   sing N N 376 
VAL CA  HA   sing N N 377 
VAL C   O    doub N N 378 
VAL C   OXT  sing N N 379 
VAL CB  CG1  sing N N 380 
VAL CB  CG2  sing N N 381 
VAL CB  HB   sing N N 382 
VAL CG1 HG11 sing N N 383 
VAL CG1 HG12 sing N N 384 
VAL CG1 HG13 sing N N 385 
VAL CG2 HG21 sing N N 386 
VAL CG2 HG22 sing N N 387 
VAL CG2 HG23 sing N N 388 
VAL OXT HXT  sing N N 389 
# 
_atom_sites.entry_id                    5BZH 
_atom_sites.fract_transf_matrix[1][1]   -0.02161979 
_atom_sites.fract_transf_matrix[1][2]   -0.02000733 
_atom_sites.fract_transf_matrix[1][3]   0.02189160 
_atom_sites.fract_transf_matrix[2][1]   -0.00643399 
_atom_sites.fract_transf_matrix[2][2]   0.01002351 
_atom_sites.fract_transf_matrix[2][3]   0.00280665 
_atom_sites.fract_transf_matrix[3][1]   -0.02884226 
_atom_sites.fract_transf_matrix[3][2]   -0.01456934 
_atom_sites.fract_transf_matrix[3][3]   -0.01408620 
_atom_sites.fract_transf_vector[1]      0.097922 
_atom_sites.fract_transf_vector[2]      -0.006374 
_atom_sites.fract_transf_vector[3]      0.079426 
# 
loop_
_atom_type.symbol 
C 
N 
O 
S 
# 
loop_
_atom_site.group_PDB 
_atom_site.id 
_atom_site.type_symbol 
_atom_site.label_atom_id 
_atom_site.label_alt_id 
_atom_site.label_comp_id 
_atom_site.label_asym_id 
_atom_site.label_entity_id 
_atom_site.label_seq_id 
_atom_site.pdbx_PDB_ins_code 
_atom_site.Cartn_x 
_atom_site.Cartn_y 
_atom_site.Cartn_z 
_atom_site.occupancy 
_atom_site.B_iso_or_equiv 
_atom_site.pdbx_formal_charge 
_atom_site.auth_seq_id 
_atom_site.auth_comp_id 
_atom_site.auth_asym_id 
_atom_site.auth_atom_id 
_atom_site.pdbx_PDB_model_num 
ATOM   1    N N   . ASN A 1 2   ? -13.385 4.740   16.789  1.00 18.88 ? 24  ASN A N   1 
ATOM   2    C CA  . ASN A 1 2   ? -13.207 5.381   15.448  1.00 18.64 ? 24  ASN A CA  1 
ATOM   3    C C   . ASN A 1 2   ? -11.720 5.425   15.112  1.00 17.56 ? 24  ASN A C   1 
ATOM   4    O O   . ASN A 1 2   ? -11.054 6.458   15.287  1.00 16.21 ? 24  ASN A O   1 
ATOM   5    C CB  . ASN A 1 2   ? -13.823 6.794   15.407  1.00 19.54 ? 24  ASN A CB  1 
ATOM   6    C CG  . ASN A 1 2   ? -14.174 7.241   13.986  1.00 20.74 ? 24  ASN A CG  1 
ATOM   7    O OD1 . ASN A 1 2   ? -13.894 6.534   13.015  1.00 25.07 ? 24  ASN A OD1 1 
ATOM   8    N ND2 . ASN A 1 2   ? -14.792 8.412   13.861  1.00 21.33 ? 24  ASN A ND2 1 
ATOM   9    N N   . GLN A 1 3   ? -11.209 4.276   14.658  1.00 16.23 ? 25  GLN A N   1 
ATOM   10   C CA  . GLN A 1 3   ? -9.770  4.049   14.572  1.00 15.29 ? 25  GLN A CA  1 
ATOM   11   C C   . GLN A 1 3   ? -9.442  3.215   13.338  1.00 14.32 ? 25  GLN A C   1 
ATOM   12   O O   . GLN A 1 3   ? -10.154 2.238   13.026  1.00 13.49 ? 25  GLN A O   1 
ATOM   13   C CB  . GLN A 1 3   ? -9.285  3.349   15.849  1.00 16.64 ? 25  GLN A CB  1 
ATOM   14   C CG  . GLN A 1 3   ? -7.883  3.717   16.336  1.00 19.18 ? 25  GLN A CG  1 
ATOM   15   C CD  . GLN A 1 3   ? -6.763  2.977   15.594  1.00 23.56 ? 25  GLN A CD  1 
ATOM   16   O OE1 . GLN A 1 3   ? -6.814  1.747   15.412  1.00 24.71 ? 25  GLN A OE1 1 
ATOM   17   N NE2 . GLN A 1 3   ? -5.741  3.729   15.165  1.00 20.90 ? 25  GLN A NE2 1 
ATOM   18   N N   . ILE A 1 4   ? -8.382  3.616   12.632  1.00 11.37 ? 26  ILE A N   1 
ATOM   19   C CA  . ILE A 1 4   ? -7.891  2.893   11.441  1.00 10.31 ? 26  ILE A CA  1 
ATOM   20   C C   . ILE A 1 4   ? -6.401  2.641   11.627  1.00 8.72  ? 26  ILE A C   1 
ATOM   21   O O   . ILE A 1 4   ? -5.650  3.572   11.943  1.00 8.63  ? 26  ILE A O   1 
ATOM   22   C CB  . ILE A 1 4   ? -8.120  3.717   10.132  1.00 9.76  ? 26  ILE A CB  1 
ATOM   23   C CG1 . ILE A 1 4   ? -9.627  3.965   9.918   1.00 10.37 ? 26  ILE A CG1 1 
ATOM   24   C CG2 . ILE A 1 4   ? -7.443  3.040   8.914   1.00 10.86 ? 26  ILE A CG2 1 
ATOM   25   C CD1 . ILE A 1 4   ? -10.004 4.754   8.647   1.00 9.29  ? 26  ILE A CD1 1 
ATOM   26   N N   . ASP A 1 5   ? -5.990  1.383   11.490  1.00 7.72  ? 27  ASP A N   1 
ATOM   27   C CA  . ASP A 1 5   ? -4.555  1.004   11.451  1.00 7.56  ? 27  ASP A CA  1 
ATOM   28   C C   . ASP A 1 5   ? -4.179  0.906   9.966   1.00 7.10  ? 27  ASP A C   1 
ATOM   29   O O   . ASP A 1 5   ? -4.910  0.274   9.181   1.00 6.63  ? 27  ASP A O   1 
ATOM   30   C CB  . ASP A 1 5   ? -4.307  -0.379  12.074  1.00 7.46  ? 27  ASP A CB  1 
ATOM   31   C CG  . ASP A 1 5   ? -4.160  -0.366  13.616  1.00 11.94 ? 27  ASP A CG  1 
ATOM   32   O OD1 . ASP A 1 5   ? -4.083  0.699   14.234  1.00 12.97 ? 27  ASP A OD1 1 
ATOM   33   O OD2 . ASP A 1 5   ? -4.097  -1.475  14.209  1.00 16.81 ? 27  ASP A OD2 1 
ATOM   34   N N   . LEU A 1 6   ? -3.052  1.517   9.590   1.00 6.64  ? 28  LEU A N   1 
ATOM   35   C CA  . LEU A 1 6   ? -2.500  1.380   8.239   1.00 5.61  ? 28  LEU A CA  1 
ATOM   36   C C   . LEU A 1 6   ? -1.126  0.727   8.360   1.00 5.30  ? 28  LEU A C   1 
ATOM   37   O O   . LEU A 1 6   ? -0.184  1.342   8.859   1.00 6.19  ? 28  LEU A O   1 
ATOM   38   C CB  . LEU A 1 6   ? -2.405  2.755   7.550   1.00 5.03  ? 28  LEU A CB  1 
ATOM   39   C CG  . LEU A 1 6   ? -3.692  3.568   7.391   1.00 4.61  ? 28  LEU A CG  1 
ATOM   40   C CD1 . LEU A 1 6   ? -3.353  4.962   6.876   1.00 5.60  ? 28  LEU A CD1 1 
ATOM   41   C CD2 . LEU A 1 6   ? -4.668  2.858   6.452   1.00 2.98  ? 28  LEU A CD2 1 
ATOM   42   N N   . ASN A 1 7   ? -1.022  -0.532  7.950   1.00 5.21  ? 29  ASN A N   1 
ATOM   43   C CA  . ASN A 1 7   ? 0.246   -1.260  8.007   1.00 5.27  ? 29  ASN A CA  1 
ATOM   44   C C   . ASN A 1 7   ? 1.062   -0.949  6.752   1.00 4.87  ? 29  ASN A C   1 
ATOM   45   O O   . ASN A 1 7   ? 0.592   -1.187  5.636   1.00 4.61  ? 29  ASN A O   1 
ATOM   46   C CB  . ASN A 1 7   ? -0.005  -2.781  8.090   1.00 4.82  ? 29  ASN A CB  1 
ATOM   47   C CG  . ASN A 1 7   ? -0.802  -3.198  9.312   1.00 6.18  ? 29  ASN A CG  1 
ATOM   48   O OD1 . ASN A 1 7   ? -0.838  -2.508  10.336  1.00 7.77  ? 29  ASN A OD1 1 
ATOM   49   N ND2 . ASN A 1 7   ? -1.443  -4.356  9.217   1.00 7.52  ? 29  ASN A ND2 1 
ATOM   50   N N   . VAL A 1 8   ? 2.263   -0.402  6.927   1.00 4.31  ? 30  VAL A N   1 
ATOM   51   C CA  . VAL A 1 8   ? 3.067   0.024   5.785   1.00 3.54  ? 30  VAL A CA  1 
ATOM   52   C C   . VAL A 1 8   ? 4.399   -0.733  5.726   1.00 4.64  ? 30  VAL A C   1 
ATOM   53   O O   . VAL A 1 8   ? 4.943   -1.219  6.754   1.00 4.10  ? 30  VAL A O   1 
ATOM   54   C CB  . VAL A 1 8   ? 3.317   1.574   5.762   1.00 3.99  ? 30  VAL A CB  1 
ATOM   55   C CG1 . VAL A 1 8   ? 1.976   2.349   5.814   1.00 3.82  ? 30  VAL A CG1 1 
ATOM   56   C CG2 . VAL A 1 8   ? 4.185   1.993   6.962   1.00 3.92  ? 30  VAL A CG2 1 
ATOM   57   N N   . THR A 1 9   ? 4.926   -0.827  4.514   1.00 3.62  ? 31  THR A N   1 
ATOM   58   C CA  . THR A 1 9   ? 6.176   -1.560  4.289   1.00 3.76  ? 31  THR A CA  1 
ATOM   59   C C   . THR A 1 9   ? 7.332   -0.617  3.985   1.00 3.59  ? 31  THR A C   1 
ATOM   60   O O   . THR A 1 9   ? 7.134   0.588   3.826   1.00 3.13  ? 31  THR A O   1 
ATOM   61   C CB  . THR A 1 9   ? 6.083   -2.526  3.080   1.00 3.66  ? 31  THR A CB  1 
ATOM   62   O OG1 . THR A 1 9   ? 5.836   -1.771  1.879   1.00 2.70  ? 31  THR A OG1 1 
ATOM   63   C CG2 . THR A 1 9   ? 5.019   -3.625  3.270   1.00 5.78  ? 31  THR A CG2 1 
ATOM   64   N N   . CYS A 1 10  ? 8.528   -1.196  3.870   1.00 3.44  ? 32  CYS A N   1 
ATOM   65   C CA  . CYS A 1 10  ? 9.659   -0.551  3.213   1.00 4.21  ? 32  CYS A CA  1 
ATOM   66   C C   . CYS A 1 10  ? 9.204   -0.023  1.864   1.00 4.02  ? 32  CYS A C   1 
ATOM   67   O O   . CYS A 1 10  ? 8.269   -0.574  1.265   1.00 4.31  ? 32  CYS A O   1 
ATOM   68   C CB  . CYS A 1 10  ? 10.774  -1.574  2.943   1.00 3.82  ? 32  CYS A CB  1 
ATOM   69   S SG  . CYS A 1 10  ? 11.418  -2.417  4.369   1.00 6.67  ? 32  CYS A SG  1 
ATOM   70   N N   . ARG A 1 11  ? 9.881   1.022   1.397   1.00 3.57  ? 33  ARG A N   1 
ATOM   71   C CA  . ARG A 1 11  ? 9.720   1.540   0.044   1.00 3.53  ? 33  ARG A CA  1 
ATOM   72   C C   . ARG A 1 11  ? 10.858  1.024   -0.826  1.00 4.21  ? 33  ARG A C   1 
ATOM   73   O O   . ARG A 1 11  ? 12.023  0.935   -0.381  1.00 4.24  ? 33  ARG A O   1 
ATOM   74   C CB  . ARG A 1 11  ? 9.701   3.081   0.023   1.00 3.82  ? 33  ARG A CB  1 
ATOM   75   C CG  . ARG A 1 11  ? 8.364   3.774   0.412   1.00 2.52  ? 33  ARG A CG  1 
ATOM   76   C CD  . ARG A 1 11  ? 8.016   3.629   1.928   1.00 4.59  ? 33  ARG A CD  1 
ATOM   77   N NE  . ARG A 1 11  ? 9.034   4.278   2.751   1.00 2.06  ? 33  ARG A NE  1 
ATOM   78   C CZ  . ARG A 1 11  ? 9.483   3.839   3.919   1.00 4.42  ? 33  ARG A CZ  1 
ATOM   79   N NH1 . ARG A 1 11  ? 10.428  4.548   4.547   1.00 3.87  ? 33  ARG A NH1 1 
ATOM   80   N NH2 . ARG A 1 11  ? 9.005   2.716   4.464   1.00 2.05  ? 33  ARG A NH2 1 
ATOM   81   N N   . TYR A 1 12  ? 10.515  0.701   -2.069  1.00 2.94  ? 34  TYR A N   1 
ATOM   82   C CA  . TYR A 1 12  ? 11.461  0.207   -3.041  1.00 2.97  ? 34  TYR A CA  1 
ATOM   83   C C   . TYR A 1 12  ? 11.256  1.062   -4.258  1.00 2.21  ? 34  TYR A C   1 
ATOM   84   O O   . TYR A 1 12  ? 10.202  0.987   -4.900  1.00 2.75  ? 34  TYR A O   1 
ATOM   85   C CB  . TYR A 1 12  ? 11.157  -1.265  -3.361  1.00 2.55  ? 34  TYR A CB  1 
ATOM   86   C CG  . TYR A 1 12  ? 11.601  -2.170  -2.259  1.00 5.04  ? 34  TYR A CG  1 
ATOM   87   C CD1 . TYR A 1 12  ? 12.893  -2.678  -2.240  1.00 4.42  ? 34  TYR A CD1 1 
ATOM   88   C CD2 . TYR A 1 12  ? 10.744  -2.486  -1.201  1.00 6.42  ? 34  TYR A CD2 1 
ATOM   89   C CE1 . TYR A 1 12  ? 13.314  -3.491  -1.200  1.00 8.03  ? 34  TYR A CE1 1 
ATOM   90   C CE2 . TYR A 1 12  ? 11.160  -3.297  -0.161  1.00 8.27  ? 34  TYR A CE2 1 
ATOM   91   C CZ  . TYR A 1 12  ? 12.439  -3.803  -0.170  1.00 10.91 ? 34  TYR A CZ  1 
ATOM   92   O OH  . TYR A 1 12  ? 12.889  -4.613  0.858   1.00 13.18 ? 34  TYR A OH  1 
ATOM   93   N N   . ALA A 1 13  ? 12.234  1.910   -4.573  1.00 2.24  ? 35  ALA A N   1 
ATOM   94   C CA  . ALA A 1 13  ? 12.053  2.866   -5.669  1.00 2.00  ? 35  ALA A CA  1 
ATOM   95   C C   . ALA A 1 13  ? 10.733  3.644   -5.477  1.00 2.06  ? 35  ALA A C   1 
ATOM   96   O O   . ALA A 1 13  ? 9.992   3.905   -6.446  1.00 2.00  ? 35  ALA A O   1 
ATOM   97   C CB  . ALA A 1 13  ? 12.096  2.125   -7.050  1.00 2.00  ? 35  ALA A CB  1 
ATOM   98   N N   . GLY A 1 14  ? 10.428  3.989   -4.226  1.00 2.00  ? 36  GLY A N   1 
ATOM   99   C CA  . GLY A 1 14  ? 9.239   4.801   -3.954  1.00 2.00  ? 36  GLY A CA  1 
ATOM   100  C C   . GLY A 1 14  ? 7.947   4.023   -3.767  1.00 2.37  ? 36  GLY A C   1 
ATOM   101  O O   . GLY A 1 14  ? 6.967   4.586   -3.311  1.00 3.21  ? 36  GLY A O   1 
ATOM   102  N N   . VAL A 1 15  ? 7.929   2.741   -4.127  1.00 2.63  ? 37  VAL A N   1 
ATOM   103  C CA  . VAL A 1 15  ? 6.711   1.932   -4.034  1.00 2.00  ? 37  VAL A CA  1 
ATOM   104  C C   . VAL A 1 15  ? 6.658   1.215   -2.676  1.00 2.06  ? 37  VAL A C   1 
ATOM   105  O O   . VAL A 1 15  ? 7.646   0.597   -2.240  1.00 2.08  ? 37  VAL A O   1 
ATOM   106  C CB  . VAL A 1 15  ? 6.605   0.908   -5.205  1.00 3.11  ? 37  VAL A CB  1 
ATOM   107  C CG1 . VAL A 1 15  ? 5.270   0.100   -5.142  1.00 2.00  ? 37  VAL A CG1 1 
ATOM   108  C CG2 . VAL A 1 15  ? 6.729   1.633   -6.582  1.00 2.00  ? 37  VAL A CG2 1 
ATOM   109  N N   . PHE A 1 16  ? 5.498   1.276   -2.030  1.00 2.01  ? 38  PHE A N   1 
ATOM   110  C CA  . PHE A 1 16  ? 5.259   0.509   -0.797  1.00 3.06  ? 38  PHE A CA  1 
ATOM   111  C C   . PHE A 1 16  ? 3.853   -0.073  -0.756  1.00 3.25  ? 38  PHE A C   1 
ATOM   112  O O   . PHE A 1 16  ? 2.992   0.303   -1.569  1.00 3.01  ? 38  PHE A O   1 
ATOM   113  C CB  . PHE A 1 16  ? 5.528   1.375   0.444   1.00 2.00  ? 38  PHE A CB  1 
ATOM   114  C CG  . PHE A 1 16  ? 4.664   2.606   0.547   1.00 3.62  ? 38  PHE A CG  1 
ATOM   115  C CD1 . PHE A 1 16  ? 3.690   2.697   1.556   1.00 3.74  ? 38  PHE A CD1 1 
ATOM   116  C CD2 . PHE A 1 16  ? 4.856   3.704   -0.297  1.00 2.00  ? 38  PHE A CD2 1 
ATOM   117  C CE1 . PHE A 1 16  ? 2.905   3.836   1.691   1.00 3.20  ? 38  PHE A CE1 1 
ATOM   118  C CE2 . PHE A 1 16  ? 4.073   4.855   -0.163  1.00 2.54  ? 38  PHE A CE2 1 
ATOM   119  C CZ  . PHE A 1 16  ? 3.095   4.920   0.833   1.00 4.50  ? 38  PHE A CZ  1 
ATOM   120  N N   . HIS A 1 17  ? 3.642   -1.000  0.182   1.00 3.05  ? 39  HIS A N   1 
ATOM   121  C CA  . HIS A 1 17  ? 2.370   -1.726  0.346   1.00 4.05  ? 39  HIS A CA  1 
ATOM   122  C C   . HIS A 1 17  ? 1.678   -1.176  1.600   1.00 4.77  ? 39  HIS A C   1 
ATOM   123  O O   . HIS A 1 17  ? 2.332   -0.914  2.622   1.00 4.36  ? 39  HIS A O   1 
ATOM   124  C CB  . HIS A 1 17  ? 2.666   -3.234  0.503   1.00 3.80  ? 39  HIS A CB  1 
ATOM   125  C CG  . HIS A 1 17  ? 1.497   -4.070  0.943   1.00 5.10  ? 39  HIS A CG  1 
ATOM   126  N ND1 . HIS A 1 17  ? 1.525   -4.834  2.096   1.00 6.40  ? 39  HIS A ND1 1 
ATOM   127  C CD2 . HIS A 1 17  ? 0.285   -4.297  0.373   1.00 4.23  ? 39  HIS A CD2 1 
ATOM   128  C CE1 . HIS A 1 17  ? 0.373   -5.475  2.230   1.00 6.99  ? 39  HIS A CE1 1 
ATOM   129  N NE2 . HIS A 1 17  ? -0.392  -5.179  1.191   1.00 5.41  ? 39  HIS A NE2 1 
ATOM   130  N N   . VAL A 1 18  ? 0.368   -0.981  1.498   1.00 4.59  ? 40  VAL A N   1 
ATOM   131  C CA  . VAL A 1 18  ? -0.438  -0.496  2.589   1.00 5.46  ? 40  VAL A CA  1 
ATOM   132  C C   . VAL A 1 18  ? -1.633  -1.426  2.785   1.00 6.43  ? 40  VAL A C   1 
ATOM   133  O O   . VAL A 1 18  ? -2.423  -1.673  1.864   1.00 5.72  ? 40  VAL A O   1 
ATOM   134  C CB  . VAL A 1 18  ? -0.949  0.942   2.364   1.00 5.39  ? 40  VAL A CB  1 
ATOM   135  C CG1 . VAL A 1 18  ? -1.665  1.461   3.646   1.00 6.87  ? 40  VAL A CG1 1 
ATOM   136  C CG2 . VAL A 1 18  ? 0.193   1.885   1.965   1.00 5.41  ? 40  VAL A CG2 1 
ATOM   137  N N   . GLU A 1 19  ? -1.767  -1.911  4.012   1.00 6.64  ? 41  GLU A N   1 
ATOM   138  C CA  . GLU A 1 19  ? -2.873  -2.770  4.370   1.00 7.82  ? 41  GLU A CA  1 
ATOM   139  C C   . GLU A 1 19  ? -3.711  -2.105  5.458   1.00 7.84  ? 41  GLU A C   1 
ATOM   140  O O   . GLU A 1 19  ? -3.176  -1.652  6.475   1.00 6.77  ? 41  GLU A O   1 
ATOM   141  C CB  . GLU A 1 19  ? -2.260  -4.076  4.825   1.00 8.55  ? 41  GLU A CB  1 
ATOM   142  C CG  . GLU A 1 19  ? -3.105  -5.044  5.537   1.00 13.03 ? 41  GLU A CG  1 
ATOM   143  C CD  . GLU A 1 19  ? -2.186  -6.102  6.082   1.00 19.91 ? 41  GLU A CD  1 
ATOM   144  O OE1 . GLU A 1 19  ? -1.915  -6.072  7.294   1.00 20.51 ? 41  GLU A OE1 1 
ATOM   145  O OE2 . GLU A 1 19  ? -1.638  -6.887  5.263   1.00 24.93 ? 41  GLU A OE2 1 
ATOM   146  N N   . LYS A 1 20  ? -5.019  -2.012  5.217   1.00 7.59  ? 42  LYS A N   1 
ATOM   147  C CA  . LYS A 1 20  ? -5.906  -1.317  6.150   1.00 9.07  ? 42  LYS A CA  1 
ATOM   148  C C   . LYS A 1 20  ? -6.461  -2.311  7.149   1.00 9.64  ? 42  LYS A C   1 
ATOM   149  O O   . LYS A 1 20  ? -7.159  -3.254  6.772   1.00 10.29 ? 42  LYS A O   1 
ATOM   150  C CB  . LYS A 1 20  ? -7.057  -0.650  5.410   1.00 8.85  ? 42  LYS A CB  1 
ATOM   151  C CG  . LYS A 1 20  ? -7.982  0.181   6.279   1.00 9.79  ? 42  LYS A CG  1 
ATOM   152  C CD  . LYS A 1 20  ? -9.223  0.567   5.493   1.00 10.95 ? 42  LYS A CD  1 
ATOM   153  C CE  . LYS A 1 20  ? -10.075 1.518   6.329   1.00 14.34 ? 42  LYS A CE  1 
ATOM   154  N NZ  . LYS A 1 20  ? -11.378 1.826   5.673   1.00 10.52 ? 42  LYS A NZ  1 
ATOM   155  N N   . ASN A 1 21  ? -6.140  -2.097  8.418   1.00 10.94 ? 43  ASN A N   1 
ATOM   156  C CA  . ASN A 1 21  ? -6.643  -2.931  9.517   1.00 11.96 ? 43  ASN A CA  1 
ATOM   157  C C   . ASN A 1 21  ? -6.243  -4.405  9.426   1.00 13.05 ? 43  ASN A C   1 
ATOM   158  O O   . ASN A 1 21  ? -6.892  -5.264  10.006  1.00 14.34 ? 43  ASN A O   1 
ATOM   159  C CB  . ASN A 1 21  ? -8.170  -2.742  9.660   1.00 12.25 ? 43  ASN A CB  1 
ATOM   160  C CG  . ASN A 1 21  ? -8.529  -1.358  10.185  1.00 12.42 ? 43  ASN A CG  1 
ATOM   161  O OD1 . ASN A 1 21  ? -7.826  -0.817  11.045  1.00 9.21  ? 43  ASN A OD1 1 
ATOM   162  N ND2 . ASN A 1 21  ? -9.607  -0.776  9.660   1.00 9.75  ? 43  ASN A ND2 1 
ATOM   163  N N   . GLY A 1 22  ? -5.163  -4.677  8.701   1.00 13.48 ? 44  GLY A N   1 
ATOM   164  C CA  . GLY A 1 22  ? -4.634  -6.018  8.553   1.00 14.75 ? 44  GLY A CA  1 
ATOM   165  C C   . GLY A 1 22  ? -5.553  -7.017  7.853   1.00 15.49 ? 44  GLY A C   1 
ATOM   166  O O   . GLY A 1 22  ? -5.446  -8.225  8.098   1.00 16.19 ? 44  GLY A O   1 
ATOM   167  N N   . ARG A 1 23  ? -6.429  -6.534  6.973   1.00 14.49 ? 45  ARG A N   1 
ATOM   168  C CA  . ARG A 1 23  ? -7.256  -7.429  6.161   1.00 13.79 ? 45  ARG A CA  1 
ATOM   169  C C   . ARG A 1 23  ? -7.649  -6.723  4.864   1.00 12.32 ? 45  ARG A C   1 
ATOM   170  O O   . ARG A 1 23  ? -7.671  -5.483  4.825   1.00 10.97 ? 45  ARG A O   1 
ATOM   171  C CB  . ARG A 1 23  ? -8.517  -7.810  6.937   1.00 15.46 ? 45  ARG A CB  1 
ATOM   172  C CG  . ARG A 1 23  ? -9.337  -6.616  7.398   1.00 18.16 ? 45  ARG A CG  1 
ATOM   173  C CD  . ARG A 1 23  ? -10.497 -7.066  8.279   1.00 24.96 ? 45  ARG A CD  1 
ATOM   174  N NE  . ARG A 1 23  ? -11.535 -6.035  8.334   1.00 29.66 ? 45  ARG A NE  1 
ATOM   175  C CZ  . ARG A 1 23  ? -11.696 -5.173  9.334   1.00 31.69 ? 45  ARG A CZ  1 
ATOM   176  N NH1 . ARG A 1 23  ? -10.893 -5.207  10.399  1.00 33.17 ? 45  ARG A NH1 1 
ATOM   177  N NH2 . ARG A 1 23  ? -12.678 -4.280  9.273   1.00 34.13 ? 45  ARG A NH2 1 
ATOM   178  N N   . TYR A 1 24  ? -7.963  -7.499  3.819   1.00 9.09  ? 46  TYR A N   1 
ATOM   179  C CA  . TYR A 1 24  ? -8.346  -6.909  2.522   1.00 8.97  ? 46  TYR A CA  1 
ATOM   180  C C   . TYR A 1 24  ? -9.597  -6.060  2.702   1.00 8.03  ? 46  TYR A C   1 
ATOM   181  O O   . TYR A 1 24  ? -10.676 -6.617  2.901   1.00 8.82  ? 46  TYR A O   1 
ATOM   182  C CB  . TYR A 1 24  ? -8.649  -8.032  1.523   1.00 7.82  ? 46  TYR A CB  1 
ATOM   183  C CG  . TYR A 1 24  ? -7.422  -8.792  1.062   1.00 8.27  ? 46  TYR A CG  1 
ATOM   184  C CD1 . TYR A 1 24  ? -6.344  -8.118  0.477   1.00 5.56  ? 46  TYR A CD1 1 
ATOM   185  C CD2 . TYR A 1 24  ? -7.356  -10.192 1.165   1.00 7.56  ? 46  TYR A CD2 1 
ATOM   186  C CE1 . TYR A 1 24  ? -5.223  -8.809  0.036   1.00 4.81  ? 46  TYR A CE1 1 
ATOM   187  C CE2 . TYR A 1 24  ? -6.235  -10.895 0.688   1.00 6.50  ? 46  TYR A CE2 1 
ATOM   188  C CZ  . TYR A 1 24  ? -5.178  -10.186 0.142   1.00 5.07  ? 46  TYR A CZ  1 
ATOM   189  O OH  . TYR A 1 24  ? -4.066  -10.846 -0.333  1.00 6.82  ? 46  TYR A OH  1 
ATOM   190  N N   . SER A 1 25  ? -9.487  -4.737  2.666   1.00 6.92  ? 47  SER A N   1 
ATOM   191  C CA  . SER A 1 25  ? -10.651 -3.910  3.020   1.00 6.50  ? 47  SER A CA  1 
ATOM   192  C C   . SER A 1 25  ? -10.683 -2.546  2.347   1.00 6.21  ? 47  SER A C   1 
ATOM   193  O O   . SER A 1 25  ? -11.431 -1.638  2.771   1.00 5.06  ? 47  SER A O   1 
ATOM   194  C CB  . SER A 1 25  ? -10.701 -3.718  4.541   1.00 7.43  ? 47  SER A CB  1 
ATOM   195  O OG  . SER A 1 25  ? -9.470  -3.178  4.980   1.00 8.10  ? 47  SER A OG  1 
ATOM   196  N N   . ILE A 1 26  ? -9.899  -2.410  1.279   1.00 5.52  ? 48  ILE A N   1 
ATOM   197  C CA  . ILE A 1 26  ? -9.788  -1.143  0.567   1.00 6.17  ? 48  ILE A CA  1 
ATOM   198  C C   . ILE A 1 26  ? -10.394 -1.228  -0.839  1.00 5.87  ? 48  ILE A C   1 
ATOM   199  O O   . ILE A 1 26  ? -10.040 -2.106  -1.616  1.00 6.06  ? 48  ILE A O   1 
ATOM   200  C CB  . ILE A 1 26  ? -8.309  -0.683  0.451   1.00 5.49  ? 48  ILE A CB  1 
ATOM   201  C CG1 . ILE A 1 26  ? -7.601  -0.734  1.806   1.00 4.19  ? 48  ILE A CG1 1 
ATOM   202  C CG2 . ILE A 1 26  ? -8.247  0.716   -0.121  1.00 8.23  ? 48  ILE A CG2 1 
ATOM   203  C CD1 . ILE A 1 26  ? -6.031  -0.515  1.730   1.00 4.17  ? 48  ILE A CD1 1 
ATOM   204  N N   . SER A 1 27  ? -11.305 -0.310  -1.160  1.00 6.42  ? 49  SER A N   1 
ATOM   205  C CA  . SER A 1 27  ? -11.898 -0.253  -2.485  1.00 7.11  ? 49  SER A CA  1 
ATOM   206  C C   . SER A 1 27  ? -10.938 0.509   -3.395  1.00 7.40  ? 49  SER A C   1 
ATOM   207  O O   . SER A 1 27  ? -10.004 1.153   -2.912  1.00 6.74  ? 49  SER A O   1 
ATOM   208  C CB  . SER A 1 27  ? -13.222 0.506   -2.450  1.00 8.22  ? 49  SER A CB  1 
ATOM   209  O OG  . SER A 1 27  ? -12.987 1.862   -2.097  1.00 8.49  ? 49  SER A OG  1 
ATOM   210  N N   . ARG A 1 28  ? -11.192 0.481   -4.703  1.00 7.36  ? 50  ARG A N   1 
ATOM   211  C CA  . ARG A 1 28  ? -10.301 1.173   -5.635  1.00 8.23  ? 50  ARG A CA  1 
ATOM   212  C C   . ARG A 1 28  ? -10.319 2.698   -5.367  1.00 7.83  ? 50  ARG A C   1 
ATOM   213  O O   . ARG A 1 28  ? -9.280  3.365   -5.404  1.00 7.72  ? 50  ARG A O   1 
ATOM   214  C CB  . ARG A 1 28  ? -10.667 0.798   -7.083  1.00 8.54  ? 50  ARG A CB  1 
ATOM   215  C CG  . ARG A 1 28  ? -10.365 1.849   -8.138  1.00 12.18 ? 50  ARG A CG  1 
ATOM   216  C CD  . ARG A 1 28  ? -8.954  1.805   -8.642  1.00 15.41 ? 50  ARG A CD  1 
ATOM   217  N NE  . ARG A 1 28  ? -8.554  0.537   -9.276  1.00 17.38 ? 50  ARG A NE  1 
ATOM   218  C CZ  . ARG A 1 28  ? -7.308  0.327   -9.708  1.00 18.13 ? 50  ARG A CZ  1 
ATOM   219  N NH1 . ARG A 1 28  ? -6.424  1.315   -9.579  1.00 17.94 ? 50  ARG A NH1 1 
ATOM   220  N NH2 . ARG A 1 28  ? -6.929  -0.831  -10.255 1.00 9.46  ? 50  ARG A NH2 1 
ATOM   221  N N   . THR A 1 29  ? -11.501 3.226   -5.050  1.00 7.33  ? 51  THR A N   1 
ATOM   222  C CA  . THR A 1 29  ? -11.641 4.650   -4.729  1.00 7.64  ? 51  THR A CA  1 
ATOM   223  C C   . THR A 1 29  ? -10.916 5.021   -3.432  1.00 6.82  ? 51  THR A C   1 
ATOM   224  O O   . THR A 1 29  ? -10.245 6.052   -3.374  1.00 6.69  ? 51  THR A O   1 
ATOM   225  C CB  . THR A 1 29  ? -13.119 5.071   -4.690  1.00 7.83  ? 51  THR A CB  1 
ATOM   226  O OG1 . THR A 1 29  ? -13.831 4.199   -3.809  1.00 8.41  ? 51  THR A OG1 1 
ATOM   227  C CG2 . THR A 1 29  ? -13.722 4.935   -6.076  1.00 9.14  ? 51  THR A CG2 1 
ATOM   228  N N   . GLU A 1 30  ? -11.025 4.181   -2.407  1.00 5.62  ? 52  GLU A N   1 
ATOM   229  C CA  . GLU A 1 30  ? -10.331 4.444   -1.146  1.00 5.20  ? 52  GLU A CA  1 
ATOM   230  C C   . GLU A 1 30  ? -8.812  4.326   -1.298  1.00 4.83  ? 52  GLU A C   1 
ATOM   231  O O   . GLU A 1 30  ? -8.071  5.052   -0.651  1.00 3.39  ? 52  GLU A O   1 
ATOM   232  C CB  . GLU A 1 30  ? -10.812 3.518   -0.018  1.00 4.86  ? 52  GLU A CB  1 
ATOM   233  C CG  . GLU A 1 30  ? -10.106 3.781   1.322   1.00 6.80  ? 52  GLU A CG  1 
ATOM   234  C CD  . GLU A 1 30  ? -10.814 3.163   2.518   1.00 11.12 ? 52  GLU A CD  1 
ATOM   235  O OE1 . GLU A 1 30  ? -11.910 2.594   2.352   1.00 15.87 ? 52  GLU A OE1 1 
ATOM   236  O OE2 . GLU A 1 30  ? -10.287 3.252   3.634   1.00 12.00 ? 52  GLU A OE2 1 
ATOM   237  N N   . ALA A 1 31  ? -8.368  3.391   -2.141  1.00 4.30  ? 53  ALA A N   1 
ATOM   238  C CA  . ALA A 1 31  ? -6.948  3.236   -2.446  1.00 4.51  ? 53  ALA A CA  1 
ATOM   239  C C   . ALA A 1 31  ? -6.346  4.522   -3.003  1.00 4.46  ? 53  ALA A C   1 
ATOM   240  O O   . ALA A 1 31  ? -5.266  4.919   -2.582  1.00 3.56  ? 53  ALA A O   1 
ATOM   241  C CB  . ALA A 1 31  ? -6.707  2.061   -3.409  1.00 4.22  ? 53  ALA A CB  1 
ATOM   242  N N   . ALA A 1 32  ? -7.050  5.171   -3.939  1.00 4.93  ? 54  ALA A N   1 
ATOM   243  C CA  . ALA A 1 32  ? -6.585  6.423   -4.502  1.00 5.62  ? 54  ALA A CA  1 
ATOM   244  C C   . ALA A 1 32  ? -6.465  7.458   -3.388  1.00 6.30  ? 54  ALA A C   1 
ATOM   245  O O   . ALA A 1 32  ? -5.458  8.167   -3.300  1.00 6.29  ? 54  ALA A O   1 
ATOM   246  C CB  . ALA A 1 32  ? -7.541  6.919   -5.605  1.00 6.13  ? 54  ALA A CB  1 
ATOM   247  N N   . ASP A 1 33  ? -7.488  7.527   -2.532  1.00 6.71  ? 55  ASP A N   1 
ATOM   248  C CA  . ASP A 1 33  ? -7.512  8.527   -1.453  1.00 6.54  ? 55  ASP A CA  1 
ATOM   249  C C   . ASP A 1 33  ? -6.393  8.288   -0.451  1.00 6.04  ? 55  ASP A C   1 
ATOM   250  O O   . ASP A 1 33  ? -5.808  9.238   0.088   1.00 4.60  ? 55  ASP A O   1 
ATOM   251  C CB  . ASP A 1 33  ? -8.854  8.522   -0.733  1.00 6.79  ? 55  ASP A CB  1 
ATOM   252  C CG  . ASP A 1 33  ? -9.977  9.154   -1.561  1.00 8.45  ? 55  ASP A CG  1 
ATOM   253  O OD1 . ASP A 1 33  ? -9.683  9.823   -2.565  1.00 8.34  ? 55  ASP A OD1 1 
ATOM   254  O OD2 . ASP A 1 33  ? -11.150 8.978   -1.183  1.00 8.74  ? 55  ASP A OD2 1 
ATOM   255  N N   . LEU A 1 34  ? -6.124  7.013   -0.180  1.00 5.52  ? 56  LEU A N   1 
ATOM   256  C CA  . LEU A 1 34  ? -5.097  6.633   0.794   1.00 5.32  ? 56  LEU A CA  1 
ATOM   257  C C   . LEU A 1 34  ? -3.714  7.031   0.313   1.00 4.89  ? 56  LEU A C   1 
ATOM   258  O O   . LEU A 1 34  ? -2.975  7.685   1.049   1.00 4.53  ? 56  LEU A O   1 
ATOM   259  C CB  . LEU A 1 34  ? -5.170  5.128   1.084   1.00 5.58  ? 56  LEU A CB  1 
ATOM   260  C CG  . LEU A 1 34  ? -4.288  4.482   2.158   1.00 8.41  ? 56  LEU A CG  1 
ATOM   261  C CD1 . LEU A 1 34  ? -4.250  5.313   3.433   1.00 9.96  ? 56  LEU A CD1 1 
ATOM   262  C CD2 . LEU A 1 34  ? -4.823  3.070   2.434   1.00 9.12  ? 56  LEU A CD2 1 
ATOM   263  N N   . CYS A 1 35  ? -3.361  6.672   -0.926  1.00 4.73  ? 57  CYS A N   1 
ATOM   264  C CA  . CYS A 1 35  ? -2.076  7.095   -1.460  1.00 5.55  ? 57  CYS A CA  1 
ATOM   265  C C   . CYS A 1 35  ? -1.959  8.606   -1.442  1.00 5.92  ? 57  CYS A C   1 
ATOM   266  O O   . CYS A 1 35  ? -0.906  9.128   -1.092  1.00 5.87  ? 57  CYS A O   1 
ATOM   267  C CB  . CYS A 1 35  ? -1.798  6.531   -2.864  1.00 6.00  ? 57  CYS A CB  1 
ATOM   268  S SG  . CYS A 1 35  ? -1.802  4.694   -2.876  1.00 6.26  ? 57  CYS A SG  1 
ATOM   269  N N   . GLN A 1 36  ? -3.040  9.303   -1.787  1.00 6.64  ? 58  GLN A N   1 
ATOM   270  C CA  . GLN A 1 36  ? -3.042  10.780  -1.743  1.00 8.04  ? 58  GLN A CA  1 
ATOM   271  C C   . GLN A 1 36  ? -2.669  11.351  -0.362  1.00 7.63  ? 58  GLN A C   1 
ATOM   272  O O   . GLN A 1 36  ? -1.898  12.328  -0.273  1.00 7.30  ? 58  GLN A O   1 
ATOM   273  C CB  . GLN A 1 36  ? -4.372  11.373  -2.226  1.00 8.74  ? 58  GLN A CB  1 
ATOM   274  C CG  . GLN A 1 36  ? -4.449  12.897  -1.988  1.00 13.78 ? 58  GLN A CG  1 
ATOM   275  C CD  . GLN A 1 36  ? -5.704  13.543  -2.540  1.00 20.03 ? 58  GLN A CD  1 
ATOM   276  O OE1 . GLN A 1 36  ? -5.624  14.310  -3.509  1.00 22.15 ? 58  GLN A OE1 1 
ATOM   277  N NE2 . GLN A 1 36  ? -6.875  13.245  -1.931  1.00 20.55 ? 58  GLN A NE2 1 
ATOM   278  N N   . ALA A 1 37  ? -3.206  10.735  0.697   1.00 7.15  ? 59  ALA A N   1 
ATOM   279  C CA  . ALA A 1 37  ? -2.831  11.052  2.077   1.00 6.43  ? 59  ALA A CA  1 
ATOM   280  C C   . ALA A 1 37  ? -1.348  10.868  2.408   1.00 6.35  ? 59  ALA A C   1 
ATOM   281  O O   . ALA A 1 37  ? -0.818  11.563  3.297   1.00 6.01  ? 59  ALA A O   1 
ATOM   282  C CB  . ALA A 1 37  ? -3.708  10.252  3.072   1.00 6.41  ? 59  ALA A CB  1 
ATOM   283  N N   . PHE A 1 38  ? -0.697  9.930   1.711   1.00 5.85  ? 60  PHE A N   1 
ATOM   284  C CA  . PHE A 1 38  ? 0.753   9.754   1.756   1.00 6.27  ? 60  PHE A CA  1 
ATOM   285  C C   . PHE A 1 38  ? 1.530   10.613  0.745   1.00 6.45  ? 60  PHE A C   1 
ATOM   286  O O   . PHE A 1 38  ? 2.721   10.334  0.490   1.00 6.68  ? 60  PHE A O   1 
ATOM   287  C CB  . PHE A 1 38  ? 1.111   8.272   1.518   1.00 5.94  ? 60  PHE A CB  1 
ATOM   288  C CG  . PHE A 1 38  ? 0.836   7.380   2.700   1.00 5.84  ? 60  PHE A CG  1 
ATOM   289  C CD1 . PHE A 1 38  ? 1.634   7.443   3.839   1.00 5.70  ? 60  PHE A CD1 1 
ATOM   290  C CD2 . PHE A 1 38  ? -0.231  6.468   2.663   1.00 5.65  ? 60  PHE A CD2 1 
ATOM   291  C CE1 . PHE A 1 38  ? 1.390   6.600   4.950   1.00 6.15  ? 60  PHE A CE1 1 
ATOM   292  C CE2 . PHE A 1 38  ? -0.498  5.638   3.752   1.00 5.15  ? 60  PHE A CE2 1 
ATOM   293  C CZ  . PHE A 1 38  ? 0.311   5.700   4.900   1.00 5.79  ? 60  PHE A CZ  1 
ATOM   294  N N   . ASN A 1 39  ? 0.870   11.613  0.149   1.00 6.33  ? 61  ASN A N   1 
ATOM   295  C CA  . ASN A 1 39  ? 1.444   12.401  -0.960  1.00 7.17  ? 61  ASN A CA  1 
ATOM   296  C C   . ASN A 1 39  ? 2.014   11.467  -2.020  1.00 7.07  ? 61  ASN A C   1 
ATOM   297  O O   . ASN A 1 39  ? 3.135   11.654  -2.493  1.00 6.12  ? 61  ASN A O   1 
ATOM   298  C CB  . ASN A 1 39  ? 2.549   13.350  -0.451  1.00 8.31  ? 61  ASN A CB  1 
ATOM   299  C CG  . ASN A 1 39  ? 1.986   14.626  0.158   1.00 10.70 ? 61  ASN A CG  1 
ATOM   300  O OD1 . ASN A 1 39  ? 2.519   15.138  1.141   1.00 14.82 ? 61  ASN A OD1 1 
ATOM   301  N ND2 . ASN A 1 39  ? 0.888   15.137  -0.419  1.00 13.63 ? 61  ASN A ND2 1 
ATOM   302  N N   . SER A 1 40  ? 1.232   10.439  -2.339  1.00 6.29  ? 62  SER A N   1 
ATOM   303  C CA  . SER A 1 40  ? 1.660   9.351   -3.216  1.00 5.89  ? 62  SER A CA  1 
ATOM   304  C C   . SER A 1 40  ? 0.533   9.093   -4.199  1.00 5.83  ? 62  SER A C   1 
ATOM   305  O O   . SER A 1 40  ? -0.574  9.610   -4.024  1.00 6.02  ? 62  SER A O   1 
ATOM   306  C CB  . SER A 1 40  ? 1.960   8.109   -2.384  1.00 5.11  ? 62  SER A CB  1 
ATOM   307  O OG  . SER A 1 40  ? 3.062   8.347   -1.507  1.00 5.03  ? 62  SER A OG  1 
ATOM   308  N N   . THR A 1 41  ? 0.811   8.304   -5.234  1.00 6.04  ? 63  THR A N   1 
ATOM   309  C CA  . THR A 1 41  ? -0.182  7.926   -6.243  1.00 6.00  ? 63  THR A CA  1 
ATOM   310  C C   . THR A 1 41  ? -0.205  6.409   -6.330  1.00 5.60  ? 63  THR A C   1 
ATOM   311  O O   . THR A 1 41  ? 0.706   5.760   -5.847  1.00 6.09  ? 63  THR A O   1 
ATOM   312  C CB  . THR A 1 41  ? 0.252   8.433   -7.641  1.00 6.45  ? 63  THR A CB  1 
ATOM   313  O OG1 . THR A 1 41  ? 1.650   8.178   -7.829  1.00 7.46  ? 63  THR A OG1 1 
ATOM   314  C CG2 . THR A 1 41  ? -0.006  9.915   -7.798  1.00 9.36  ? 63  THR A CG2 1 
ATOM   315  N N   . LEU A 1 42  ? -1.217  5.826   -6.975  1.00 5.69  ? 64  LEU A N   1 
ATOM   316  C CA  . LEU A 1 42  ? -1.140  4.389   -7.254  1.00 5.64  ? 64  LEU A CA  1 
ATOM   317  C C   . LEU A 1 42  ? -0.030  4.164   -8.249  1.00 4.81  ? 64  LEU A C   1 
ATOM   318  O O   . LEU A 1 42  ? 0.027   4.896   -9.232  1.00 4.64  ? 64  LEU A O   1 
ATOM   319  C CB  . LEU A 1 42  ? -2.451  3.898   -7.860  1.00 6.19  ? 64  LEU A CB  1 
ATOM   320  C CG  . LEU A 1 42  ? -3.657  3.725   -6.940  1.00 7.76  ? 64  LEU A CG  1 
ATOM   321  C CD1 . LEU A 1 42  ? -3.374  2.702   -5.873  1.00 10.94 ? 64  LEU A CD1 1 
ATOM   322  C CD2 . LEU A 1 42  ? -4.082  5.003   -6.324  1.00 12.84 ? 64  LEU A CD2 1 
ATOM   323  N N   . PRO A 1 43  ? 0.857   3.164   -8.013  1.00 4.38  ? 65  PRO A N   1 
ATOM   324  C CA  . PRO A 1 43  ? 1.941   2.981   -8.974  1.00 4.80  ? 65  PRO A CA  1 
ATOM   325  C C   . PRO A 1 43  ? 1.484   2.575   -10.372 1.00 4.42  ? 65  PRO A C   1 
ATOM   326  O O   . PRO A 1 43  ? 0.445   1.917   -10.521 1.00 5.20  ? 65  PRO A O   1 
ATOM   327  C CB  . PRO A 1 43  ? 2.803   1.838   -8.366  1.00 4.78  ? 65  PRO A CB  1 
ATOM   328  C CG  . PRO A 1 43  ? 2.329   1.654   -6.956  1.00 5.00  ? 65  PRO A CG  1 
ATOM   329  C CD  . PRO A 1 43  ? 0.953   2.258   -6.851  1.00 4.27  ? 65  PRO A CD  1 
ATOM   330  N N   . THR A 1 44  ? 2.268   2.934   -11.388 1.00 4.43  ? 66  THR A N   1 
ATOM   331  C CA  . THR A 1 44  ? 2.052   2.367   -12.710 1.00 4.16  ? 66  THR A CA  1 
ATOM   332  C C   . THR A 1 44  ? 2.698   0.991   -12.707 1.00 4.24  ? 66  THR A C   1 
ATOM   333  O O   . THR A 1 44  ? 3.476   0.660   -11.803 1.00 3.20  ? 66  THR A O   1 
ATOM   334  C CB  . THR A 1 44  ? 2.682   3.202   -13.840 1.00 4.24  ? 66  THR A CB  1 
ATOM   335  O OG1 . THR A 1 44  ? 4.096   3.256   -13.662 1.00 2.82  ? 66  THR A OG1 1 
ATOM   336  C CG2 . THR A 1 44  ? 2.122   4.633   -13.868 1.00 5.36  ? 66  THR A CG2 1 
ATOM   337  N N   . MET A 1 45  ? 2.394   0.200   -13.724 1.00 4.39  ? 67  MET A N   1 
ATOM   338  C CA  . MET A 1 45  ? 3.001   -1.111  -13.848 1.00 4.50  ? 67  MET A CA  1 
ATOM   339  C C   . MET A 1 45  ? 4.525   -0.989  -13.958 1.00 5.11  ? 67  MET A C   1 
ATOM   340  O O   . MET A 1 45  ? 5.236   -1.796  -13.380 1.00 3.43  ? 67  MET A O   1 
ATOM   341  C CB  . MET A 1 45  ? 2.432   -1.878  -15.063 1.00 5.01  ? 67  MET A CB  1 
ATOM   342  C CG  . MET A 1 45  ? 3.054   -3.271  -15.262 1.00 6.29  ? 67  MET A CG  1 
ATOM   343  S SD  . MET A 1 45  ? 2.820   -4.452  -13.871 1.00 9.26  ? 67  MET A SD  1 
ATOM   344  C CE  . MET A 1 45  ? 1.113   -4.885  -14.102 1.00 8.05  ? 67  MET A CE  1 
ATOM   345  N N   . ASP A 1 46  ? 5.004   0.004   -14.717 1.00 5.21  ? 68  ASP A N   1 
ATOM   346  C CA  . ASP A 1 46  ? 6.437   0.226   -14.868 1.00 6.50  ? 68  ASP A CA  1 
ATOM   347  C C   . ASP A 1 46  ? 7.126   0.616   -13.547 1.00 5.00  ? 68  ASP A C   1 
ATOM   348  O O   . ASP A 1 46  ? 8.261   0.200   -13.274 1.00 4.27  ? 68  ASP A O   1 
ATOM   349  C CB  . ASP A 1 46  ? 6.709   1.296   -15.923 1.00 7.40  ? 68  ASP A CB  1 
ATOM   350  C CG  . ASP A 1 46  ? 6.774   0.730   -17.374 1.00 13.29 ? 68  ASP A CG  1 
ATOM   351  O OD1 . ASP A 1 46  ? 6.949   1.561   -18.294 1.00 18.58 ? 68  ASP A OD1 1 
ATOM   352  O OD2 . ASP A 1 46  ? 6.663   -0.501  -17.608 1.00 17.06 ? 68  ASP A OD2 1 
ATOM   353  N N   . GLN A 1 47  ? 6.454   1.437   -12.746 1.00 3.98  ? 69  GLN A N   1 
ATOM   354  C CA  . GLN A 1 47  ? 7.001   1.798   -11.435 1.00 3.96  ? 69  GLN A CA  1 
ATOM   355  C C   . GLN A 1 47  ? 7.088   0.566   -10.546 1.00 3.38  ? 69  GLN A C   1 
ATOM   356  O O   . GLN A 1 47  ? 8.073   0.381   -9.842  1.00 2.85  ? 69  GLN A O   1 
ATOM   357  C CB  . GLN A 1 47  ? 6.171   2.913   -10.767 1.00 3.58  ? 69  GLN A CB  1 
ATOM   358  C CG  . GLN A 1 47  ? 6.391   4.281   -11.413 1.00 2.94  ? 69  GLN A CG  1 
ATOM   359  C CD  . GLN A 1 47  ? 5.309   5.302   -11.059 1.00 5.59  ? 69  GLN A CD  1 
ATOM   360  O OE1 . GLN A 1 47  ? 4.206   4.952   -10.636 1.00 6.33  ? 69  GLN A OE1 1 
ATOM   361  N NE2 . GLN A 1 47  ? 5.617   6.569   -11.273 1.00 5.24  ? 69  GLN A NE2 1 
ATOM   362  N N   . MET A 1 48  ? 6.057   -0.275  -10.595 1.00 3.84  ? 70  MET A N   1 
ATOM   363  C CA  . MET A 1 48  ? 6.023   -1.500  -9.803  1.00 4.31  ? 70  MET A CA  1 
ATOM   364  C C   . MET A 1 48  ? 7.105   -2.465  -10.266 1.00 4.34  ? 70  MET A C   1 
ATOM   365  O O   . MET A 1 48  ? 7.749   -3.149  -9.450  1.00 3.85  ? 70  MET A O   1 
ATOM   366  C CB  . MET A 1 48  ? 4.637   -2.182  -9.892  1.00 4.07  ? 70  MET A CB  1 
ATOM   367  C CG  . MET A 1 48  ? 4.553   -3.522  -9.141  1.00 5.79  ? 70  MET A CG  1 
ATOM   368  S SD  . MET A 1 48  ? 4.922   -3.372  -7.365  1.00 6.21  ? 70  MET A SD  1 
ATOM   369  C CE  . MET A 1 48  ? 3.346   -2.886  -6.714  1.00 7.18  ? 70  MET A CE  1 
ATOM   370  N N   . LYS A 1 49  ? 7.311   -2.547  -11.579 1.00 4.32  ? 71  LYS A N   1 
ATOM   371  C CA  . LYS A 1 49  ? 8.360   -3.443  -12.075 1.00 4.61  ? 71  LYS A CA  1 
ATOM   372  C C   . LYS A 1 49  ? 9.765   -3.031  -11.576 1.00 4.43  ? 71  LYS A C   1 
ATOM   373  O O   . LYS A 1 49  ? 10.590  -3.876  -11.236 1.00 4.43  ? 71  LYS A O   1 
ATOM   374  C CB  . LYS A 1 49  ? 8.296   -3.550  -13.595 1.00 5.23  ? 71  LYS A CB  1 
ATOM   375  C CG  . LYS A 1 49  ? 7.270   -4.617  -14.078 1.00 5.42  ? 71  LYS A CG  1 
ATOM   376  C CD  . LYS A 1 49  ? 6.960   -4.490  -15.556 1.00 10.48 ? 71  LYS A CD  1 
ATOM   377  C CE  . LYS A 1 49  ? 5.926   -5.573  -15.995 1.00 12.32 ? 71  LYS A CE  1 
ATOM   378  N NZ  . LYS A 1 49  ? 5.791   -5.520  -17.483 1.00 12.64 ? 71  LYS A NZ  1 
ATOM   379  N N   . LEU A 1 50  ? 10.029  -1.731  -11.542 1.00 4.81  ? 72  LEU A N   1 
ATOM   380  C CA  . LEU A 1 50  ? 11.319  -1.224  -11.051 1.00 3.88  ? 72  LEU A CA  1 
ATOM   381  C C   . LEU A 1 50  ? 11.471  -1.509  -9.548  1.00 3.87  ? 72  LEU A C   1 
ATOM   382  O O   . LEU A 1 50  ? 12.554  -1.922  -9.093  1.00 3.92  ? 72  LEU A O   1 
ATOM   383  C CB  . LEU A 1 50  ? 11.479  0.284   -11.350 1.00 4.78  ? 72  LEU A CB  1 
ATOM   384  C CG  . LEU A 1 50  ? 12.906  0.786   -11.040 1.00 6.18  ? 72  LEU A CG  1 
ATOM   385  C CD1 . LEU A 1 50  ? 13.942  0.062   -11.936 1.00 7.32  ? 72  LEU A CD1 1 
ATOM   386  C CD2 . LEU A 1 50  ? 12.999  2.282   -11.226 1.00 6.77  ? 72  LEU A CD2 1 
ATOM   387  N N   . ALA A 1 51  ? 10.391  -1.324  -8.787  1.00 2.67  ? 73  ALA A N   1 
ATOM   388  C CA  . ALA A 1 51  ? 10.388  -1.616  -7.340  1.00 2.14  ? 73  ALA A CA  1 
ATOM   389  C C   . ALA A 1 51  ? 10.720  -3.085  -7.103  1.00 2.45  ? 73  ALA A C   1 
ATOM   390  O O   . ALA A 1 51  ? 11.574  -3.412  -6.267  1.00 2.00  ? 73  ALA A O   1 
ATOM   391  C CB  . ALA A 1 51  ? 9.062   -1.295  -6.748  1.00 2.00  ? 73  ALA A CB  1 
ATOM   392  N N   . LEU A 1 52  ? 10.074  -3.952  -7.889  1.00 2.85  ? 74  LEU A N   1 
ATOM   393  C CA  . LEU A 1 52  ? 10.357  -5.396  -7.846  1.00 4.29  ? 74  LEU A CA  1 
ATOM   394  C C   . LEU A 1 52  ? 11.846  -5.687  -8.058  1.00 4.36  ? 74  LEU A C   1 
ATOM   395  O O   . LEU A 1 52  ? 12.448  -6.449  -7.297  1.00 3.96  ? 74  LEU A O   1 
ATOM   396  C CB  . LEU A 1 52  ? 9.496   -6.142  -8.866  1.00 4.91  ? 74  LEU A CB  1 
ATOM   397  C CG  . LEU A 1 52  ? 9.853   -7.608  -9.210  1.00 7.98  ? 74  LEU A CG  1 
ATOM   398  C CD1 . LEU A 1 52  ? 9.539   -8.486  -8.057  1.00 11.40 ? 74  LEU A CD1 1 
ATOM   399  C CD2 . LEU A 1 52  ? 9.035   -8.028  -10.439 1.00 11.94 ? 74  LEU A CD2 1 
ATOM   400  N N   . SER A 1 53  ? 12.443  -5.031  -9.058  1.00 5.55  ? 75  SER A N   1 
ATOM   401  C CA  . SER A 1 53  ? 13.843  -5.264  -9.403  1.00 5.82  ? 75  SER A CA  1 
ATOM   402  C C   . SER A 1 53  ? 14.812  -4.840  -8.292  1.00 6.17  ? 75  SER A C   1 
ATOM   403  O O   . SER A 1 53  ? 15.952  -5.333  -8.250  1.00 6.27  ? 75  SER A O   1 
ATOM   404  C CB  . SER A 1 53  ? 14.225  -4.580  -10.732 1.00 6.08  ? 75  SER A CB  1 
ATOM   405  O OG  . SER A 1 53  ? 14.405  -3.172  -10.558 1.00 5.17  ? 75  SER A OG  1 
ATOM   406  N N   . LYS A 1 54  ? 14.357  -3.919  -7.437  1.00 6.04  ? 76  LYS A N   1 
ATOM   407  C CA  . LYS A 1 54  ? 15.123  -3.398  -6.289  1.00 5.81  ? 76  LYS A CA  1 
ATOM   408  C C   . LYS A 1 54  ? 14.915  -4.247  -5.035  1.00 6.00  ? 76  LYS A C   1 
ATOM   409  O O   . LYS A 1 54  ? 15.533  -3.996  -4.001  1.00 5.57  ? 76  LYS A O   1 
ATOM   410  C CB  . LYS A 1 54  ? 14.667  -1.971  -5.946  1.00 6.07  ? 76  LYS A CB  1 
ATOM   411  C CG  . LYS A 1 54  ? 14.847  -0.932  -7.026  1.00 6.00  ? 76  LYS A CG  1 
ATOM   412  C CD  . LYS A 1 54  ? 16.275  -0.858  -7.537  1.00 9.33  ? 76  LYS A CD  1 
ATOM   413  C CE  . LYS A 1 54  ? 16.344  0.196   -8.665  1.00 10.12 ? 76  LYS A CE  1 
ATOM   414  N NZ  . LYS A 1 54  ? 17.720  0.294   -9.252  1.00 12.33 ? 76  LYS A NZ  1 
ATOM   415  N N   . GLY A 1 55  ? 14.031  -5.238  -5.126  1.00 5.92  ? 77  GLY A N   1 
ATOM   416  C CA  . GLY A 1 55  ? 13.847  -6.180  -4.029  1.00 5.69  ? 77  GLY A CA  1 
ATOM   417  C C   . GLY A 1 55  ? 12.464  -6.208  -3.389  1.00 5.38  ? 77  GLY A C   1 
ATOM   418  O O   . GLY A 1 55  ? 12.287  -6.820  -2.307  1.00 4.94  ? 77  GLY A O   1 
ATOM   419  N N   . PHE A 1 56  ? 11.475  -5.565  -4.022  1.00 4.03  ? 78  PHE A N   1 
ATOM   420  C CA  . PHE A 1 56  ? 10.116  -5.523  -3.444  1.00 4.00  ? 78  PHE A CA  1 
ATOM   421  C C   . PHE A 1 56  ? 9.348   -6.817  -3.707  1.00 4.07  ? 78  PHE A C   1 
ATOM   422  O O   . PHE A 1 56  ? 9.166   -7.203  -4.860  1.00 3.61  ? 78  PHE A O   1 
ATOM   423  C CB  . PHE A 1 56  ? 9.340   -4.328  -4.034  1.00 3.19  ? 78  PHE A CB  1 
ATOM   424  C CG  . PHE A 1 56  ? 8.006   -4.023  -3.373  1.00 2.30  ? 78  PHE A CG  1 
ATOM   425  C CD1 . PHE A 1 56  ? 7.841   -4.082  -1.981  1.00 3.75  ? 78  PHE A CD1 1 
ATOM   426  C CD2 . PHE A 1 56  ? 6.938   -3.581  -4.154  1.00 2.73  ? 78  PHE A CD2 1 
ATOM   427  C CE1 . PHE A 1 56  ? 6.615   -3.724  -1.379  1.00 5.07  ? 78  PHE A CE1 1 
ATOM   428  C CE2 . PHE A 1 56  ? 5.688   -3.230  -3.565  1.00 3.24  ? 78  PHE A CE2 1 
ATOM   429  C CZ  . PHE A 1 56  ? 5.537   -3.294  -2.171  1.00 2.52  ? 78  PHE A CZ  1 
ATOM   430  N N   . GLU A 1 57  ? 8.886   -7.481  -2.648  1.00 3.99  ? 79  GLU A N   1 
ATOM   431  C CA  . GLU A 1 57  ? 7.880   -8.529  -2.824  1.00 3.88  ? 79  GLU A CA  1 
ATOM   432  C C   . GLU A 1 57  ? 6.916   -8.533  -1.646  1.00 3.55  ? 79  GLU A C   1 
ATOM   433  O O   . GLU A 1 57  ? 7.289   -8.123  -0.532  1.00 3.62  ? 79  GLU A O   1 
ATOM   434  C CB  . GLU A 1 57  ? 8.515   -9.924  -3.074  1.00 4.35  ? 79  GLU A CB  1 
ATOM   435  C CG  . GLU A 1 57  ? 9.164   -10.578 -1.859  1.00 6.56  ? 79  GLU A CG  1 
ATOM   436  C CD  . GLU A 1 57  ? 9.659   -12.002 -2.138  1.00 7.88  ? 79  GLU A CD  1 
ATOM   437  O OE1 . GLU A 1 57  ? 9.297   -12.616 -3.183  1.00 5.21  ? 79  GLU A OE1 1 
ATOM   438  O OE2 . GLU A 1 57  ? 10.420  -12.514 -1.287  1.00 6.49  ? 79  GLU A OE2 1 
ATOM   439  N N   . THR A 1 58  ? 5.673   -8.959  -1.887  1.00 3.56  ? 80  THR A N   1 
ATOM   440  C CA  . THR A 1 58  ? 4.683   -9.160  -0.790  1.00 3.44  ? 80  THR A CA  1 
ATOM   441  C C   . THR A 1 58  ? 3.939   -10.462 -1.061  1.00 4.00  ? 80  THR A C   1 
ATOM   442  O O   . THR A 1 58  ? 4.164   -11.110 -2.087  1.00 3.20  ? 80  THR A O   1 
ATOM   443  C CB  . THR A 1 58  ? 3.622   -8.022  -0.733  1.00 3.77  ? 80  THR A CB  1 
ATOM   444  O OG1 . THR A 1 58  ? 2.690   -8.196  -1.801  1.00 2.00  ? 80  THR A OG1 1 
ATOM   445  C CG2 . THR A 1 58  ? 4.268   -6.600  -0.824  1.00 3.15  ? 80  THR A CG2 1 
ATOM   446  N N   . CYS A 1 59  ? 3.034   -10.830 -0.165  1.00 3.84  ? 81  CYS A N   1 
ATOM   447  C CA  . CYS A 1 59  ? 2.210   -12.006 -0.372  1.00 4.88  ? 81  CYS A CA  1 
ATOM   448  C C   . CYS A 1 59  ? 0.752   -11.567 -0.350  1.00 5.19  ? 81  CYS A C   1 
ATOM   449  O O   . CYS A 1 59  ? -0.129  -12.323 0.097   1.00 4.13  ? 81  CYS A O   1 
ATOM   450  C CB  . CYS A 1 59  ? 2.464   -13.057 0.721   1.00 6.00  ? 81  CYS A CB  1 
ATOM   451  S SG  . CYS A 1 59  ? 1.673   -14.650 0.322   1.00 9.34  ? 81  CYS A SG  1 
ATOM   452  N N   . ARG A 1 60  ? 0.496   -10.338 -0.822  1.00 4.59  ? 82  ARG A N   1 
ATOM   453  C CA  . ARG A 1 60  ? -0.844  -9.768  -0.743  1.00 4.70  ? 82  ARG A CA  1 
ATOM   454  C C   . ARG A 1 60  ? -1.275  -9.035  -2.027  1.00 4.60  ? 82  ARG A C   1 
ATOM   455  O O   . ARG A 1 60  ? -0.484  -8.300  -2.642  1.00 3.19  ? 82  ARG A O   1 
ATOM   456  C CB  . ARG A 1 60  ? -0.950  -8.775  0.459   1.00 5.69  ? 82  ARG A CB  1 
ATOM   457  C CG  . ARG A 1 60  ? -0.528  -9.305  1.836   1.00 6.72  ? 82  ARG A CG  1 
ATOM   458  C CD  . ARG A 1 60  ? -1.694  -9.871  2.618   1.00 9.56  ? 82  ARG A CD  1 
ATOM   459  N NE  . ARG A 1 60  ? -2.734  -8.843  2.888   1.00 12.51 ? 82  ARG A NE  1 
ATOM   460  C CZ  . ARG A 1 60  ? -3.934  -9.100  3.411   1.00 14.83 ? 82  ARG A CZ  1 
ATOM   461  N NH1 . ARG A 1 60  ? -4.806  -8.099  3.624   1.00 13.53 ? 82  ARG A NH1 1 
ATOM   462  N NH2 . ARG A 1 60  ? -4.254  -10.353 3.752   1.00 12.93 ? 82  ARG A NH2 1 
ATOM   463  N N   . TYR A 1 61  ? -2.535  -9.260  -2.429  1.00 4.21  ? 83  TYR A N   1 
ATOM   464  C CA  . TYR A 1 61  ? -3.148  -8.518  -3.530  1.00 4.98  ? 83  TYR A CA  1 
ATOM   465  C C   . TYR A 1 61  ? -3.297  -7.047  -3.179  1.00 4.01  ? 83  TYR A C   1 
ATOM   466  O O   . TYR A 1 61  ? -3.810  -6.715  -2.122  1.00 3.41  ? 83  TYR A O   1 
ATOM   467  C CB  . TYR A 1 61  ? -4.540  -9.067  -3.862  1.00 5.46  ? 83  TYR A CB  1 
ATOM   468  C CG  . TYR A 1 61  ? -4.502  -10.436 -4.499  1.00 7.29  ? 83  TYR A CG  1 
ATOM   469  C CD1 . TYR A 1 61  ? -3.994  -10.611 -5.780  1.00 11.13 ? 83  TYR A CD1 1 
ATOM   470  C CD2 . TYR A 1 61  ? -4.982  -11.551 -3.818  1.00 10.65 ? 83  TYR A CD2 1 
ATOM   471  C CE1 . TYR A 1 61  ? -3.955  -11.894 -6.380  1.00 13.77 ? 83  TYR A CE1 1 
ATOM   472  C CE2 . TYR A 1 61  ? -4.952  -12.839 -4.404  1.00 14.07 ? 83  TYR A CE2 1 
ATOM   473  C CZ  . TYR A 1 61  ? -4.432  -12.992 -5.675  1.00 15.78 ? 83  TYR A CZ  1 
ATOM   474  O OH  . TYR A 1 61  ? -4.402  -14.243 -6.254  1.00 18.56 ? 83  TYR A OH  1 
ATOM   475  N N   . GLY A 1 62  ? -2.879  -6.174  -4.082  1.00 3.65  ? 84  GLY A N   1 
ATOM   476  C CA  . GLY A 1 62  ? -3.131  -4.752  -3.913  1.00 3.16  ? 84  GLY A CA  1 
ATOM   477  C C   . GLY A 1 62  ? -3.255  -3.990  -5.220  1.00 3.67  ? 84  GLY A C   1 
ATOM   478  O O   . GLY A 1 62  ? -2.667  -4.377  -6.239  1.00 3.62  ? 84  GLY A O   1 
ATOM   479  N N   . PHE A 1 63  ? -3.995  -2.883  -5.167  1.00 3.21  ? 85  PHE A N   1 
ATOM   480  C CA  . PHE A 1 63  ? -4.151  -1.976  -6.310  1.00 3.77  ? 85  PHE A CA  1 
ATOM   481  C C   . PHE A 1 63  ? -2.856  -1.320  -6.759  1.00 3.48  ? 85  PHE A C   1 
ATOM   482  O O   . PHE A 1 63  ? -2.073  -0.846  -5.943  1.00 2.33  ? 85  PHE A O   1 
ATOM   483  C CB  . PHE A 1 63  ? -5.109  -0.841  -5.941  1.00 2.65  ? 85  PHE A CB  1 
ATOM   484  C CG  . PHE A 1 63  ? -6.486  -1.313  -5.619  1.00 5.42  ? 85  PHE A CG  1 
ATOM   485  C CD1 . PHE A 1 63  ? -7.327  -1.783  -6.634  1.00 5.42  ? 85  PHE A CD1 1 
ATOM   486  C CD2 . PHE A 1 63  ? -6.943  -1.304  -4.305  1.00 8.00  ? 85  PHE A CD2 1 
ATOM   487  C CE1 . PHE A 1 63  ? -8.637  -2.215  -6.331  1.00 7.82  ? 85  PHE A CE1 1 
ATOM   488  C CE2 . PHE A 1 63  ? -8.231  -1.727  -4.001  1.00 8.66  ? 85  PHE A CE2 1 
ATOM   489  C CZ  . PHE A 1 63  ? -9.075  -2.205  -5.017  1.00 5.33  ? 85  PHE A CZ  1 
ATOM   490  N N   . ILE A 1 64  ? -2.651  -1.318  -8.068  1.00 3.49  ? 86  ILE A N   1 
ATOM   491  C CA  . ILE A 1 64  ? -1.815  -0.325  -8.733  1.00 4.36  ? 86  ILE A CA  1 
ATOM   492  C C   . ILE A 1 64  ? -2.735  0.394   -9.748  1.00 4.65  ? 86  ILE A C   1 
ATOM   493  O O   . ILE A 1 64  ? -3.947  0.173   -9.749  1.00 5.26  ? 86  ILE A O   1 
ATOM   494  C CB  . ILE A 1 64  ? -0.576  -0.981  -9.438  1.00 4.36  ? 86  ILE A CB  1 
ATOM   495  C CG1 . ILE A 1 64  ? -1.005  -1.936  -10.559 1.00 4.26  ? 86  ILE A CG1 1 
ATOM   496  C CG2 . ILE A 1 64  ? 0.315   -1.694  -8.394  1.00 4.95  ? 86  ILE A CG2 1 
ATOM   497  C CD1 . ILE A 1 64  ? 0.176   -2.323  -11.573 1.00 4.63  ? 86  ILE A CD1 1 
ATOM   498  N N   . GLU A 1 65  ? -2.192  1.247   -10.605 1.00 5.42  ? 87  GLU A N   1 
ATOM   499  C CA  . GLU A 1 65  ? -3.008  1.931   -11.593 1.00 7.21  ? 87  GLU A CA  1 
ATOM   500  C C   . GLU A 1 65  ? -3.402  0.897   -12.652 1.00 7.24  ? 87  GLU A C   1 
ATOM   501  O O   . GLU A 1 65  ? -2.539  0.359   -13.353 1.00 9.55  ? 87  GLU A O   1 
ATOM   502  C CB  . GLU A 1 65  ? -2.228  3.096   -12.214 1.00 7.63  ? 87  GLU A CB  1 
ATOM   503  C CG  . GLU A 1 65  ? -3.050  3.966   -13.147 1.00 12.95 ? 87  GLU A CG  1 
ATOM   504  C CD  . GLU A 1 65  ? -4.195  4.685   -12.432 1.00 15.08 ? 87  GLU A CD  1 
ATOM   505  O OE1 . GLU A 1 65  ? -3.973  5.348   -11.395 1.00 15.90 ? 87  GLU A OE1 1 
ATOM   506  O OE2 . GLU A 1 65  ? -5.330  4.588   -12.921 1.00 17.30 ? 87  GLU A OE2 1 
ATOM   507  N N   . GLY A 1 66  ? -4.686  0.564   -12.710 1.00 6.95  ? 88  GLY A N   1 
ATOM   508  C CA  . GLY A 1 66  ? -5.183  -0.341  -13.738 1.00 6.08  ? 88  GLY A CA  1 
ATOM   509  C C   . GLY A 1 66  ? -5.392  -1.802  -13.380 1.00 5.10  ? 88  GLY A C   1 
ATOM   510  O O   . GLY A 1 66  ? -6.222  -2.486  -14.005 1.00 5.00  ? 88  GLY A O   1 
ATOM   511  N N   . ASN A 1 67  ? -4.676  -2.311  -12.369 1.00 3.80  ? 89  ASN A N   1 
ATOM   512  C CA  . ASN A 1 67  ? -4.787  -3.732  -12.036 1.00 3.10  ? 89  ASN A CA  1 
ATOM   513  C C   . ASN A 1 67  ? -4.606  -3.963  -10.555 1.00 3.42  ? 89  ASN A C   1 
ATOM   514  O O   . ASN A 1 67  ? -4.302  -3.035  -9.798  1.00 3.35  ? 89  ASN A O   1 
ATOM   515  C CB  . ASN A 1 67  ? -3.721  -4.587  -12.764 1.00 2.85  ? 89  ASN A CB  1 
ATOM   516  C CG  . ASN A 1 67  ? -3.986  -4.750  -14.252 1.00 4.30  ? 89  ASN A CG  1 
ATOM   517  O OD1 . ASN A 1 67  ? -3.368  -4.058  -15.060 1.00 4.41  ? 89  ASN A OD1 1 
ATOM   518  N ND2 . ASN A 1 67  ? -4.849  -5.694  -14.625 1.00 2.00  ? 89  ASN A ND2 1 
ATOM   519  N N   . VAL A 1 68  ? -4.801  -5.213  -10.163 1.00 2.77  ? 90  VAL A N   1 
ATOM   520  C CA  . VAL A 1 68  ? -4.555  -5.669  -8.800  1.00 3.67  ? 90  VAL A CA  1 
ATOM   521  C C   . VAL A 1 68  ? -3.424  -6.693  -8.939  1.00 3.50  ? 90  VAL A C   1 
ATOM   522  O O   . VAL A 1 68  ? -3.510  -7.623  -9.767  1.00 3.72  ? 90  VAL A O   1 
ATOM   523  C CB  . VAL A 1 68  ? -5.832  -6.328  -8.220  1.00 4.64  ? 90  VAL A CB  1 
ATOM   524  C CG1 . VAL A 1 68  ? -5.563  -6.957  -6.830  1.00 2.64  ? 90  VAL A CG1 1 
ATOM   525  C CG2 . VAL A 1 68  ? -6.975  -5.283  -8.139  1.00 4.68  ? 90  VAL A CG2 1 
ATOM   526  N N   . VAL A 1 69  ? -2.359  -6.538  -8.156  1.00 3.71  ? 91  VAL A N   1 
ATOM   527  C CA  . VAL A 1 69  ? -1.158  -7.360  -8.380  1.00 3.38  ? 91  VAL A CA  1 
ATOM   528  C C   . VAL A 1 69  ? -0.496  -7.817  -7.098  1.00 3.90  ? 91  VAL A C   1 
ATOM   529  O O   . VAL A 1 69  ? -0.825  -7.325  -6.033  1.00 4.19  ? 91  VAL A O   1 
ATOM   530  C CB  . VAL A 1 69  ? -0.063  -6.555  -9.156  1.00 3.54  ? 91  VAL A CB  1 
ATOM   531  C CG1 . VAL A 1 69  ? -0.583  -6.063  -10.519 1.00 4.00  ? 91  VAL A CG1 1 
ATOM   532  C CG2 . VAL A 1 69  ? 0.440   -5.359  -8.293  1.00 2.37  ? 91  VAL A CG2 1 
ATOM   533  N N   . ILE A 1 70  ? 0.450   -8.756  -7.230  1.00 2.85  ? 92  ILE A N   1 
ATOM   534  C CA  . ILE A 1 70  ? 1.345   -9.142  -6.161  1.00 2.63  ? 92  ILE A CA  1 
ATOM   535  C C   . ILE A 1 70  ? 2.744   -9.206  -6.774  1.00 2.74  ? 92  ILE A C   1 
ATOM   536  O O   . ILE A 1 70  ? 2.966   -10.008 -7.676  1.00 3.69  ? 92  ILE A O   1 
ATOM   537  C CB  . ILE A 1 70  ? 1.037   -10.567 -5.596  1.00 2.82  ? 92  ILE A CB  1 
ATOM   538  C CG1 . ILE A 1 70  ? -0.432  -10.700 -5.169  1.00 3.29  ? 92  ILE A CG1 1 
ATOM   539  C CG2 . ILE A 1 70  ? 1.944   -10.851 -4.398  1.00 2.93  ? 92  ILE A CG2 1 
ATOM   540  C CD1 . ILE A 1 70  ? -0.803  -12.051 -4.514  1.00 2.00  ? 92  ILE A CD1 1 
ATOM   541  N N   . PRO A 1 71  ? 3.679   -8.344  -6.313  1.00 2.70  ? 93  PRO A N   1 
ATOM   542  C CA  . PRO A 1 71  ? 5.056   -8.478  -6.745  1.00 2.20  ? 93  PRO A CA  1 
ATOM   543  C C   . PRO A 1 71  ? 5.716   -9.672  -6.053  1.00 2.81  ? 93  PRO A C   1 
ATOM   544  O O   . PRO A 1 71  ? 5.680   -9.761  -4.829  1.00 2.03  ? 93  PRO A O   1 
ATOM   545  C CB  . PRO A 1 71  ? 5.697   -7.163  -6.277  1.00 2.53  ? 93  PRO A CB  1 
ATOM   546  C CG  . PRO A 1 71  ? 4.954   -6.792  -5.066  1.00 2.00  ? 93  PRO A CG  1 
ATOM   547  C CD  . PRO A 1 71  ? 3.527   -7.307  -5.264  1.00 2.26  ? 93  PRO A CD  1 
ATOM   548  N N   . ARG A 1 72  ? 6.321   -10.567 -6.835  1.00 3.62  ? 94  ARG A N   1 
ATOM   549  C CA  . ARG A 1 72  ? 6.995   -11.742 -6.269  1.00 4.80  ? 94  ARG A CA  1 
ATOM   550  C C   . ARG A 1 72  ? 8.432   -11.860 -6.772  1.00 5.32  ? 94  ARG A C   1 
ATOM   551  O O   . ARG A 1 72  ? 8.694   -11.782 -7.978  1.00 5.30  ? 94  ARG A O   1 
ATOM   552  C CB  . ARG A 1 72  ? 6.235   -13.034 -6.625  1.00 4.98  ? 94  ARG A CB  1 
ATOM   553  C CG  . ARG A 1 72  ? 4.806   -13.139 -6.087  1.00 5.25  ? 94  ARG A CG  1 
ATOM   554  C CD  . ARG A 1 72  ? 4.816   -13.175 -4.576  1.00 7.90  ? 94  ARG A CD  1 
ATOM   555  N NE  . ARG A 1 72  ? 5.705   -14.217 -4.048  1.00 7.92  ? 94  ARG A NE  1 
ATOM   556  C CZ  . ARG A 1 72  ? 6.150   -14.244 -2.799  1.00 8.45  ? 94  ARG A CZ  1 
ATOM   557  N NH1 . ARG A 1 72  ? 5.798   -13.282 -1.958  1.00 5.57  ? 94  ARG A NH1 1 
ATOM   558  N NH2 . ARG A 1 72  ? 6.938   -15.236 -2.388  1.00 8.76  ? 94  ARG A NH2 1 
ATOM   559  N N   . ILE A 1 73  ? 9.353   -12.083 -5.849  1.00 5.67  ? 95  ILE A N   1 
ATOM   560  C CA  . ILE A 1 73  ? 10.723  -12.395 -6.240  1.00 7.45  ? 95  ILE A CA  1 
ATOM   561  C C   . ILE A 1 73  ? 10.961  -13.900 -6.196  1.00 8.13  ? 95  ILE A C   1 
ATOM   562  O O   . ILE A 1 73  ? 11.366  -14.496 -7.210  1.00 8.50  ? 95  ILE A O   1 
ATOM   563  C CB  . ILE A 1 73  ? 11.728  -11.622 -5.378  1.00 6.64  ? 95  ILE A CB  1 
ATOM   564  C CG1 . ILE A 1 73  ? 11.568  -10.126 -5.684  1.00 6.08  ? 95  ILE A CG1 1 
ATOM   565  C CG2 . ILE A 1 73  ? 13.182  -12.087 -5.661  1.00 6.53  ? 95  ILE A CG2 1 
ATOM   566  C CD1 . ILE A 1 73  ? 12.423  -9.247  -4.839  1.00 5.32  ? 95  ILE A CD1 1 
ATOM   567  N N   . HIS A 1 74  ? 10.684  -14.483 -5.022  1.00 9.41  ? 96  HIS A N   1 
ATOM   568  C CA  . HIS A 1 74  ? 10.879  -15.904 -4.720  1.00 11.50 ? 96  HIS A CA  1 
ATOM   569  C C   . HIS A 1 74  ? 9.587   -16.662 -4.933  1.00 12.49 ? 96  HIS A C   1 
ATOM   570  O O   . HIS A 1 74  ? 8.518   -16.200 -4.499  1.00 13.00 ? 96  HIS A O   1 
ATOM   571  C CB  . HIS A 1 74  ? 11.377  -16.085 -3.270  1.00 11.70 ? 96  HIS A CB  1 
ATOM   572  C CG  . HIS A 1 74  ? 12.573  -15.248 -2.945  1.00 13.27 ? 96  HIS A CG  1 
ATOM   573  N ND1 . HIS A 1 74  ? 12.487  -14.056 -2.256  1.00 16.48 ? 96  HIS A ND1 1 
ATOM   574  C CD2 . HIS A 1 74  ? 13.880  -15.410 -3.254  1.00 15.40 ? 96  HIS A CD2 1 
ATOM   575  C CE1 . HIS A 1 74  ? 13.693  -13.527 -2.144  1.00 17.28 ? 96  HIS A CE1 1 
ATOM   576  N NE2 . HIS A 1 74  ? 14.554  -14.328 -2.743  1.00 16.90 ? 96  HIS A NE2 1 
ATOM   577  N N   . PRO A 1 75  ? 9.659   -17.803 -5.643  1.00 13.13 ? 97  PRO A N   1 
ATOM   578  C CA  . PRO A 1 75  ? 8.468   -18.621 -5.853  1.00 13.97 ? 97  PRO A CA  1 
ATOM   579  C C   . PRO A 1 75  ? 8.003   -19.244 -4.530  1.00 15.26 ? 97  PRO A C   1 
ATOM   580  O O   . PRO A 1 75  ? 8.788   -19.909 -3.850  1.00 15.80 ? 97  PRO A O   1 
ATOM   581  C CB  . PRO A 1 75  ? 8.927   -19.720 -6.835  1.00 14.62 ? 97  PRO A CB  1 
ATOM   582  C CG  . PRO A 1 75  ? 10.341  -19.488 -7.135  1.00 12.29 ? 97  PRO A CG  1 
ATOM   583  C CD  . PRO A 1 75  ? 10.812  -18.234 -6.460  1.00 13.31 ? 97  PRO A CD  1 
ATOM   584  N N   . ASN A 1 76  ? 6.748   -18.996 -4.158  1.00 15.54 ? 98  ASN A N   1 
ATOM   585  C CA  . ASN A 1 76  ? 6.152   -19.572 -2.949  1.00 15.93 ? 98  ASN A CA  1 
ATOM   586  C C   . ASN A 1 76  ? 4.786   -20.089 -3.347  1.00 16.07 ? 98  ASN A C   1 
ATOM   587  O O   . ASN A 1 76  ? 3.999   -19.364 -3.983  1.00 15.18 ? 98  ASN A O   1 
ATOM   588  C CB  . ASN A 1 76  ? 6.051   -18.518 -1.835  1.00 16.54 ? 98  ASN A CB  1 
ATOM   589  C CG  . ASN A 1 76  ? 5.563   -19.089 -0.493  1.00 18.06 ? 98  ASN A CG  1 
ATOM   590  O OD1 . ASN A 1 76  ? 4.582   -19.812 -0.428  1.00 22.74 ? 98  ASN A OD1 1 
ATOM   591  N ND2 . ASN A 1 76  ? 6.238   -18.723 0.580   1.00 20.57 ? 98  ASN A ND2 1 
ATOM   592  N N   . ALA A 1 77  ? 4.507   -21.344 -2.993  1.00 15.96 ? 99  ALA A N   1 
ATOM   593  C CA  . ALA A 1 77  ? 3.255   -22.004 -3.382  1.00 16.40 ? 99  ALA A CA  1 
ATOM   594  C C   . ALA A 1 77  ? 1.986   -21.250 -2.955  1.00 16.19 ? 99  ALA A C   1 
ATOM   595  O O   . ALA A 1 77  ? 0.966   -21.278 -3.655  1.00 17.01 ? 99  ALA A O   1 
ATOM   596  C CB  . ALA A 1 77  ? 3.216   -23.413 -2.841  1.00 16.47 ? 99  ALA A CB  1 
ATOM   597  N N   . ILE A 1 78  ? 2.045   -20.593 -1.811  1.00 16.17 ? 100 ILE A N   1 
ATOM   598  C CA  . ILE A 1 78  ? 0.847   -19.936 -1.266  1.00 16.94 ? 100 ILE A CA  1 
ATOM   599  C C   . ILE A 1 78  ? 0.805   -18.410 -1.539  1.00 16.41 ? 100 ILE A C   1 
ATOM   600  O O   . ILE A 1 78  ? -0.074  -17.714 -1.030  1.00 16.67 ? 100 ILE A O   1 
ATOM   601  C CB  . ILE A 1 78  ? 0.639   -20.256 0.232   1.00 17.49 ? 100 ILE A CB  1 
ATOM   602  C CG1 . ILE A 1 78  ? 1.783   -19.703 1.086   1.00 18.36 ? 100 ILE A CG1 1 
ATOM   603  C CG2 . ILE A 1 78  ? 0.459   -21.784 0.429   1.00 18.89 ? 100 ILE A CG2 1 
ATOM   604  C CD1 . ILE A 1 78  ? 1.523   -19.791 2.601   1.00 23.10 ? 100 ILE A CD1 1 
ATOM   605  N N   . CYS A 1 79  ? 1.755   -17.915 -2.343  1.00 14.99 ? 101 CYS A N   1 
ATOM   606  C CA  . CYS A 1 79  ? 1.791   -16.504 -2.762  1.00 14.09 ? 101 CYS A CA  1 
ATOM   607  C C   . CYS A 1 79  ? 1.781   -16.407 -4.273  1.00 13.97 ? 101 CYS A C   1 
ATOM   608  O O   . CYS A 1 79  ? 2.817   -16.603 -4.933  1.00 13.24 ? 101 CYS A O   1 
ATOM   609  C CB  . CYS A 1 79  ? 3.028   -15.776 -2.211  1.00 13.00 ? 101 CYS A CB  1 
ATOM   610  S SG  . CYS A 1 79  ? 3.222   -15.813 -0.417  1.00 11.62 ? 101 CYS A SG  1 
ATOM   611  N N   . ALA A 1 80  ? 0.605   -16.095 -4.815  1.00 14.54 ? 102 ALA A N   1 
ATOM   612  C CA  . ALA A 1 80  ? 0.390   -15.966 -6.249  1.00 15.14 ? 102 ALA A CA  1 
ATOM   613  C C   . ALA A 1 80  ? 0.719   -17.280 -6.967  1.00 16.22 ? 102 ALA A C   1 
ATOM   614  O O   . ALA A 1 80  ? 1.160   -17.264 -8.117  1.00 16.37 ? 102 ALA A O   1 
ATOM   615  C CB  . ALA A 1 80  ? 1.213   -14.793 -6.816  1.00 14.84 ? 102 ALA A CB  1 
ATOM   616  N N   . ALA A 1 81  ? 0.518   -18.402 -6.255  1.00 16.91 ? 103 ALA A N   1 
ATOM   617  C CA  . ALA A 1 81  ? 0.686   -19.763 -6.794  1.00 17.87 ? 103 ALA A CA  1 
ATOM   618  C C   . ALA A 1 81  ? 2.037   -19.999 -7.486  1.00 17.43 ? 103 ALA A C   1 
ATOM   619  O O   . ALA A 1 81  ? 2.073   -20.343 -8.667  1.00 18.00 ? 103 ALA A O   1 
ATOM   620  C CB  . ALA A 1 81  ? -0.482  -20.100 -7.749  1.00 18.17 ? 103 ALA A CB  1 
ATOM   621  N N   . ASN A 1 82  ? 3.126   -19.778 -6.749  1.00 17.60 ? 104 ASN A N   1 
ATOM   622  C CA  . ASN A 1 82  ? 4.516   -19.993 -7.212  1.00 16.76 ? 104 ASN A CA  1 
ATOM   623  C C   . ASN A 1 82  ? 5.012   -19.098 -8.370  1.00 16.03 ? 104 ASN A C   1 
ATOM   624  O O   . ASN A 1 82  ? 6.122   -19.286 -8.867  1.00 15.13 ? 104 ASN A O   1 
ATOM   625  C CB  . ASN A 1 82  ? 4.773   -21.479 -7.539  1.00 17.14 ? 104 ASN A CB  1 
ATOM   626  C CG  . ASN A 1 82  ? 5.547   -22.209 -6.454  1.00 18.18 ? 104 ASN A CG  1 
ATOM   627  O OD1 . ASN A 1 82  ? 6.311   -21.620 -5.701  1.00 16.82 ? 104 ASN A OD1 1 
ATOM   628  N ND2 . ASN A 1 82  ? 5.353   -23.534 -6.383  1.00 23.37 ? 104 ASN A ND2 1 
ATOM   629  N N   . HIS A 1 83  ? 4.214   -18.123 -8.792  1.00 15.19 ? 105 HIS A N   1 
ATOM   630  C CA  . HIS A 1 83  ? 4.674   -17.185 -9.819  1.00 13.92 ? 105 HIS A CA  1 
ATOM   631  C C   . HIS A 1 83  ? 5.751   -16.229 -9.278  1.00 12.73 ? 105 HIS A C   1 
ATOM   632  O O   . HIS A 1 83  ? 5.824   -15.970 -8.081  1.00 12.15 ? 105 HIS A O   1 
ATOM   633  C CB  . HIS A 1 83  ? 3.501   -16.393 -10.385 1.00 15.15 ? 105 HIS A CB  1 
ATOM   634  C CG  . HIS A 1 83  ? 2.648   -17.168 -11.345 1.00 17.03 ? 105 HIS A CG  1 
ATOM   635  N ND1 . HIS A 1 83  ? 1.493   -17.812 -10.960 1.00 21.87 ? 105 HIS A ND1 1 
ATOM   636  C CD2 . HIS A 1 83  ? 2.770   -17.380 -12.675 1.00 20.33 ? 105 HIS A CD2 1 
ATOM   637  C CE1 . HIS A 1 83  ? 0.942   -18.397 -12.010 1.00 20.85 ? 105 HIS A CE1 1 
ATOM   638  N NE2 . HIS A 1 83  ? 1.693   -18.143 -13.066 1.00 21.41 ? 105 HIS A NE2 1 
ATOM   639  N N   . THR A 1 84  ? 6.601   -15.744 -10.178 1.00 11.53 ? 106 THR A N   1 
ATOM   640  C CA  . THR A 1 84  ? 7.521   -14.650 -9.894  1.00 9.89  ? 106 THR A CA  1 
ATOM   641  C C   . THR A 1 84  ? 7.237   -13.511 -10.871 1.00 9.23  ? 106 THR A C   1 
ATOM   642  O O   . THR A 1 84  ? 6.595   -13.715 -11.919 1.00 8.10  ? 106 THR A O   1 
ATOM   643  C CB  . THR A 1 84  ? 8.997   -15.081 -10.084 1.00 10.00 ? 106 THR A CB  1 
ATOM   644  O OG1 . THR A 1 84  ? 9.228   -15.312 -11.475 1.00 9.30  ? 106 THR A OG1 1 
ATOM   645  C CG2 . THR A 1 84  ? 9.310   -16.346 -9.307  1.00 10.11 ? 106 THR A CG2 1 
ATOM   646  N N   . GLY A 1 85  ? 7.722   -12.313 -10.536 1.00 8.19  ? 107 GLY A N   1 
ATOM   647  C CA  . GLY A 1 85  ? 7.456   -11.127 -11.340 1.00 7.18  ? 107 GLY A CA  1 
ATOM   648  C C   . GLY A 1 85  ? 6.250   -10.417 -10.762 1.00 6.74  ? 107 GLY A C   1 
ATOM   649  O O   . GLY A 1 85  ? 5.817   -10.745 -9.659  1.00 5.43  ? 107 GLY A O   1 
ATOM   650  N N   . VAL A 1 86  ? 5.719   -9.440  -11.494 1.00 6.22  ? 108 VAL A N   1 
ATOM   651  C CA  . VAL A 1 86  ? 4.518   -8.750  -11.030 1.00 6.23  ? 108 VAL A CA  1 
ATOM   652  C C   . VAL A 1 86  ? 3.358   -9.628  -11.467 1.00 6.70  ? 108 VAL A C   1 
ATOM   653  O O   . VAL A 1 86  ? 2.971   -9.635  -12.640 1.00 8.13  ? 108 VAL A O   1 
ATOM   654  C CB  . VAL A 1 86  ? 4.371   -7.322  -11.586 1.00 5.61  ? 108 VAL A CB  1 
ATOM   655  C CG1 . VAL A 1 86  ? 3.147   -6.640  -10.937 1.00 4.87  ? 108 VAL A CG1 1 
ATOM   656  C CG2 . VAL A 1 86  ? 5.620   -6.511  -11.288 1.00 3.62  ? 108 VAL A CG2 1 
ATOM   657  N N   . TYR A 1 87  ? 2.830   -10.388 -10.526 1.00 6.59  ? 109 TYR A N   1 
ATOM   658  C CA  . TYR A 1 87  ? 1.720   -11.271 -10.819 1.00 6.31  ? 109 TYR A CA  1 
ATOM   659  C C   . TYR A 1 87  ? 0.411   -10.464 -10.886 1.00 6.24  ? 109 TYR A C   1 
ATOM   660  O O   . TYR A 1 87  ? 0.073   -9.723  -9.950  1.00 4.18  ? 109 TYR A O   1 
ATOM   661  C CB  . TYR A 1 87  ? 1.620   -12.355 -9.761  1.00 7.18  ? 109 TYR A CB  1 
ATOM   662  C CG  . TYR A 1 87  ? 0.431   -13.261 -9.966  1.00 9.21  ? 109 TYR A CG  1 
ATOM   663  C CD1 . TYR A 1 87  ? 0.452   -14.253 -10.950 1.00 12.03 ? 109 TYR A CD1 1 
ATOM   664  C CD2 . TYR A 1 87  ? -0.718  -13.116 -9.196  1.00 13.07 ? 109 TYR A CD2 1 
ATOM   665  C CE1 . TYR A 1 87  ? -0.672  -15.083 -11.161 1.00 17.48 ? 109 TYR A CE1 1 
ATOM   666  C CE2 . TYR A 1 87  ? -1.832  -13.943 -9.387  1.00 17.51 ? 109 TYR A CE2 1 
ATOM   667  C CZ  . TYR A 1 87  ? -1.802  -14.919 -10.368 1.00 19.02 ? 109 TYR A CZ  1 
ATOM   668  O OH  . TYR A 1 87  ? -2.912  -15.734 -10.536 1.00 23.76 ? 109 TYR A OH  1 
ATOM   669  N N   . ILE A 1 88  ? -0.327  -10.634 -11.980 1.00 5.43  ? 110 ILE A N   1 
ATOM   670  C CA  . ILE A 1 88  ? -1.579  -9.896  -12.146 1.00 5.09  ? 110 ILE A CA  1 
ATOM   671  C C   . ILE A 1 88  ? -2.795  -10.761 -11.818 1.00 5.51  ? 110 ILE A C   1 
ATOM   672  O O   . ILE A 1 88  ? -2.962  -11.850 -12.377 1.00 4.63  ? 110 ILE A O   1 
ATOM   673  C CB  . ILE A 1 88  ? -1.727  -9.329  -13.583 1.00 4.82  ? 110 ILE A CB  1 
ATOM   674  C CG1 . ILE A 1 88  ? -0.515  -8.455  -13.945 1.00 4.50  ? 110 ILE A CG1 1 
ATOM   675  C CG2 . ILE A 1 88  ? -3.025  -8.514  -13.693 1.00 4.30  ? 110 ILE A CG2 1 
ATOM   676  C CD1 . ILE A 1 88  ? -0.469  -8.024  -15.427 1.00 6.63  ? 110 ILE A CD1 1 
ATOM   677  N N   . LEU A 1 89  ? -3.644  -10.252 -10.920 1.00 5.07  ? 111 LEU A N   1 
ATOM   678  C CA  . LEU A 1 89  ? -4.909  -10.896 -10.592 1.00 5.31  ? 111 LEU A CA  1 
ATOM   679  C C   . LEU A 1 89  ? -5.818  -10.835 -11.817 1.00 5.21  ? 111 LEU A C   1 
ATOM   680  O O   . LEU A 1 89  ? -6.092  -9.741  -12.334 1.00 5.40  ? 111 LEU A O   1 
ATOM   681  C CB  . LEU A 1 89  ? -5.597  -10.181 -9.403  1.00 4.69  ? 111 LEU A CB  1 
ATOM   682  C CG  . LEU A 1 89  ? -7.002  -10.716 -9.051  1.00 6.65  ? 111 LEU A CG  1 
ATOM   683  C CD1 . LEU A 1 89  ? -6.939  -12.193 -8.710  1.00 5.67  ? 111 LEU A CD1 1 
ATOM   684  C CD2 . LEU A 1 89  ? -7.603  -9.925  -7.903  1.00 4.23  ? 111 LEU A CD2 1 
ATOM   685  N N   . VAL A 1 90  ? -6.256  -12.002 -12.295 1.00 4.91  ? 112 VAL A N   1 
ATOM   686  C CA  . VAL A 1 90  ? -7.092  -12.057 -13.500 1.00 6.20  ? 112 VAL A CA  1 
ATOM   687  C C   . VAL A 1 90  ? -8.569  -12.222 -13.153 1.00 5.91  ? 112 VAL A C   1 
ATOM   688  O O   . VAL A 1 90  ? -9.384  -11.427 -13.582 1.00 6.18  ? 112 VAL A O   1 
ATOM   689  C CB  . VAL A 1 90  ? -6.618  -13.156 -14.503 1.00 6.33  ? 112 VAL A CB  1 
ATOM   690  C CG1 . VAL A 1 90  ? -7.540  -13.238 -15.730 1.00 7.88  ? 112 VAL A CG1 1 
ATOM   691  C CG2 . VAL A 1 90  ? -5.177  -12.846 -14.965 1.00 5.34  ? 112 VAL A CG2 1 
ATOM   692  N N   . THR A 1 91  ? -8.895  -13.227 -12.341 1.00 6.43  ? 113 THR A N   1 
ATOM   693  C CA  . THR A 1 91  ? -10.282 -13.570 -12.081 1.00 6.02  ? 113 THR A CA  1 
ATOM   694  C C   . THR A 1 91  ? -10.594 -13.503 -10.591 1.00 5.39  ? 113 THR A C   1 
ATOM   695  O O   . THR A 1 91  ? -10.014 -14.261 -9.783  1.00 5.25  ? 113 THR A O   1 
ATOM   696  C CB  . THR A 1 91  ? -10.604 -15.002 -12.555 1.00 6.12  ? 113 THR A CB  1 
ATOM   697  O OG1 . THR A 1 91  ? -10.266 -15.126 -13.924 1.00 5.72  ? 113 THR A OG1 1 
ATOM   698  C CG2 . THR A 1 91  ? -12.115 -15.278 -12.424 1.00 5.11  ? 113 THR A CG2 1 
ATOM   699  N N   . SER A 1 92  ? -11.520 -12.626 -10.243 1.00 4.20  ? 114 SER A N   1 
ATOM   700  C CA  . SER A 1 92  ? -12.016 -12.543 -8.861  1.00 3.93  ? 114 SER A CA  1 
ATOM   701  C C   . SER A 1 92  ? -13.440 -11.989 -8.811  1.00 3.84  ? 114 SER A C   1 
ATOM   702  O O   . SER A 1 92  ? -13.809 -11.102 -9.602  1.00 3.82  ? 114 SER A O   1 
ATOM   703  C CB  . SER A 1 92  ? -11.078 -11.653 -8.035  1.00 4.14  ? 114 SER A CB  1 
ATOM   704  O OG  . SER A 1 92  ? -11.594 -11.372 -6.742  1.00 3.03  ? 114 SER A OG  1 
ATOM   705  N N   . ASN A 1 93  ? -14.228 -12.462 -7.852  1.00 3.39  ? 115 ASN A N   1 
ATOM   706  C CA  . ASN A 1 93  ? -15.609 -11.986 -7.697  1.00 3.47  ? 115 ASN A CA  1 
ATOM   707  C C   . ASN A 1 93  ? -15.636 -10.596 -7.053  1.00 3.58  ? 115 ASN A C   1 
ATOM   708  O O   . ASN A 1 93  ? -16.584 -9.834  -7.217  1.00 3.47  ? 115 ASN A O   1 
ATOM   709  C CB  . ASN A 1 93  ? -16.372 -12.906 -6.736  1.00 2.90  ? 115 ASN A CB  1 
ATOM   710  C CG  . ASN A 1 93  ? -16.864 -14.181 -7.373  1.00 2.04  ? 115 ASN A CG  1 
ATOM   711  O OD1 . ASN A 1 93  ? -16.839 -14.354 -8.607  1.00 2.00  ? 115 ASN A OD1 1 
ATOM   712  N ND2 . ASN A 1 93  ? -17.344 -15.106 -6.519  1.00 2.00  ? 115 ASN A ND2 1 
ATOM   713  N N   . THR A 1 94  ? -14.580 -10.297 -6.301  1.00 4.01  ? 116 THR A N   1 
ATOM   714  C CA  . THR A 1 94  ? -14.639 -9.315  -5.223  1.00 4.40  ? 116 THR A CA  1 
ATOM   715  C C   . THR A 1 94  ? -13.825 -8.063  -5.500  1.00 5.19  ? 116 THR A C   1 
ATOM   716  O O   . THR A 1 94  ? -12.946 -8.074  -6.361  1.00 5.22  ? 116 THR A O   1 
ATOM   717  C CB  . THR A 1 94  ? -14.196 -9.936  -3.889  1.00 4.49  ? 116 THR A CB  1 
ATOM   718  O OG1 . THR A 1 94  ? -12.856 -10.398 -4.027  1.00 3.30  ? 116 THR A OG1 1 
ATOM   719  C CG2 . THR A 1 94  ? -15.109 -11.117 -3.515  1.00 4.50  ? 116 THR A CG2 1 
ATOM   720  N N   . SER A 1 95  ? -14.099 -6.995  -4.742  1.00 5.32  ? 117 SER A N   1 
ATOM   721  C CA  . SER A 1 95  ? -13.617 -5.653  -5.117  1.00 5.94  ? 117 SER A CA  1 
ATOM   722  C C   . SER A 1 95  ? -12.643 -4.994  -4.149  1.00 6.02  ? 117 SER A C   1 
ATOM   723  O O   . SER A 1 95  ? -12.111 -3.911  -4.446  1.00 6.21  ? 117 SER A O   1 
ATOM   724  C CB  . SER A 1 95  ? -14.813 -4.713  -5.328  1.00 5.63  ? 117 SER A CB  1 
ATOM   725  O OG  . SER A 1 95  ? -15.452 -4.506  -4.095  1.00 7.55  ? 117 SER A OG  1 
ATOM   726  N N   . HIS A 1 96  ? -12.411 -5.621  -3.000  1.00 4.70  ? 118 HIS A N   1 
ATOM   727  C CA  . HIS A 1 96  ? -11.615 -5.006  -1.945  1.00 4.50  ? 118 HIS A CA  1 
ATOM   728  C C   . HIS A 1 96  ? -10.290 -5.723  -1.703  1.00 3.94  ? 118 HIS A C   1 
ATOM   729  O O   . HIS A 1 96  ? -10.244 -6.941  -1.535  1.00 3.32  ? 118 HIS A O   1 
ATOM   730  C CB  . HIS A 1 96  ? -12.420 -4.885  -0.642  1.00 4.53  ? 118 HIS A CB  1 
ATOM   731  C CG  . HIS A 1 96  ? -13.436 -3.780  -0.663  1.00 5.73  ? 118 HIS A CG  1 
ATOM   732  N ND1 . HIS A 1 96  ? -14.340 -3.610  -1.693  1.00 6.59  ? 118 HIS A ND1 1 
ATOM   733  C CD2 . HIS A 1 96  ? -13.720 -2.815  0.245   1.00 7.81  ? 118 HIS A CD2 1 
ATOM   734  C CE1 . HIS A 1 96  ? -15.108 -2.568  -1.436  1.00 7.11  ? 118 HIS A CE1 1 
ATOM   735  N NE2 . HIS A 1 96  ? -14.748 -2.062  -0.271  1.00 7.05  ? 118 HIS A NE2 1 
ATOM   736  N N   . TYR A 1 97  ? -9.210  -4.953  -1.688  1.00 2.73  ? 119 TYR A N   1 
ATOM   737  C CA  . TYR A 1 97  ? -7.876  -5.549  -1.579  1.00 2.57  ? 119 TYR A CA  1 
ATOM   738  C C   . TYR A 1 97  ? -7.019  -4.658  -0.667  1.00 2.29  ? 119 TYR A C   1 
ATOM   739  O O   . TYR A 1 97  ? -7.549  -3.807  0.056   1.00 2.31  ? 119 TYR A O   1 
ATOM   740  C CB  . TYR A 1 97  ? -7.249  -5.716  -2.983  1.00 2.18  ? 119 TYR A CB  1 
ATOM   741  C CG  . TYR A 1 97  ? -8.053  -6.600  -3.924  1.00 2.09  ? 119 TYR A CG  1 
ATOM   742  C CD1 . TYR A 1 97  ? -7.950  -7.999  -3.866  1.00 2.57  ? 119 TYR A CD1 1 
ATOM   743  C CD2 . TYR A 1 97  ? -8.918  -6.035  -4.871  1.00 2.00  ? 119 TYR A CD2 1 
ATOM   744  C CE1 . TYR A 1 97  ? -8.694  -8.811  -4.708  1.00 2.00  ? 119 TYR A CE1 1 
ATOM   745  C CE2 . TYR A 1 97  ? -9.679  -6.840  -5.731  1.00 2.00  ? 119 TYR A CE2 1 
ATOM   746  C CZ  . TYR A 1 97  ? -9.559  -8.221  -5.640  1.00 3.18  ? 119 TYR A CZ  1 
ATOM   747  O OH  . TYR A 1 97  ? -10.292 -9.028  -6.473  1.00 4.50  ? 119 TYR A OH  1 
ATOM   748  N N   . ASP A 1 98  ? -5.708  -4.865  -0.673  1.00 2.00  ? 120 ASP A N   1 
ATOM   749  C CA  . ASP A 1 98  ? -4.800  -3.866  -0.098  1.00 2.00  ? 120 ASP A CA  1 
ATOM   750  C C   . ASP A 1 98  ? -4.506  -2.832  -1.201  1.00 2.18  ? 120 ASP A C   1 
ATOM   751  O O   . ASP A 1 98  ? -5.117  -2.855  -2.266  1.00 2.00  ? 120 ASP A O   1 
ATOM   752  C CB  . ASP A 1 98  ? -3.494  -4.514  0.388   1.00 2.00  ? 120 ASP A CB  1 
ATOM   753  C CG  . ASP A 1 98  ? -3.698  -5.544  1.522   1.00 2.70  ? 120 ASP A CG  1 
ATOM   754  O OD1 . ASP A 1 98  ? -4.749  -5.559  2.234   1.00 2.55  ? 120 ASP A OD1 1 
ATOM   755  O OD2 . ASP A 1 98  ? -2.743  -6.329  1.715   1.00 3.17  ? 120 ASP A OD2 1 
ATOM   756  N N   . THR A 1 99  ? -3.585  -1.902  -0.936  1.00 2.73  ? 121 THR A N   1 
ATOM   757  C CA  . THR A 1 99  ? -3.114  -1.042  -2.008  1.00 2.85  ? 121 THR A CA  1 
ATOM   758  C C   . THR A 1 99  ? -1.598  -0.908  -2.024  1.00 2.92  ? 121 THR A C   1 
ATOM   759  O O   . THR A 1 99  ? -0.925  -1.063  -0.989  1.00 3.17  ? 121 THR A O   1 
ATOM   760  C CB  . THR A 1 99  ? -3.827  0.363   -2.036  1.00 3.31  ? 121 THR A CB  1 
ATOM   761  O OG1 . THR A 1 99  ? -3.552  1.009   -3.284  1.00 2.65  ? 121 THR A OG1 1 
ATOM   762  C CG2 . THR A 1 99  ? -3.361  1.255   -0.877  1.00 3.49  ? 121 THR A CG2 1 
ATOM   763  N N   . TYR A 1 100 ? -1.047  -0.625  -3.205  1.00 2.08  ? 122 TYR A N   1 
ATOM   764  C CA  . TYR A 1 100 ? 0.334   -0.150  -3.269  1.00 2.00  ? 122 TYR A CA  1 
ATOM   765  C C   . TYR A 1 100 ? 0.241   1.352   -3.473  1.00 2.00  ? 122 TYR A C   1 
ATOM   766  O O   . TYR A 1 100 ? -0.768  1.818   -3.972  1.00 2.41  ? 122 TYR A O   1 
ATOM   767  C CB  . TYR A 1 100 ? 1.088   -0.838  -4.420  1.00 2.00  ? 122 TYR A CB  1 
ATOM   768  C CG  . TYR A 1 100 ? 1.138   -2.302  -4.174  1.00 2.00  ? 122 TYR A CG  1 
ATOM   769  C CD1 . TYR A 1 100 ? 2.045   -2.815  -3.252  1.00 2.34  ? 122 TYR A CD1 1 
ATOM   770  C CD2 . TYR A 1 100 ? 0.237   -3.179  -4.791  1.00 2.31  ? 122 TYR A CD2 1 
ATOM   771  C CE1 . TYR A 1 100 ? 2.102   -4.158  -2.964  1.00 3.85  ? 122 TYR A CE1 1 
ATOM   772  C CE2 . TYR A 1 100 ? 0.289   -4.587  -4.516  1.00 3.25  ? 122 TYR A CE2 1 
ATOM   773  C CZ  . TYR A 1 100 ? 1.222   -5.052  -3.573  1.00 4.67  ? 122 TYR A CZ  1 
ATOM   774  O OH  . TYR A 1 100 ? 1.325   -6.401  -3.204  1.00 5.42  ? 122 TYR A OH  1 
ATOM   775  N N   . CYS A 1 101 ? 1.281   2.089   -3.097  1.00 2.00  ? 123 CYS A N   1 
ATOM   776  C CA  . CYS A 1 101 ? 1.357   3.537   -3.308  1.00 2.57  ? 123 CYS A CA  1 
ATOM   777  C C   . CYS A 1 101 ? 2.765   3.835   -3.787  1.00 3.00  ? 123 CYS A C   1 
ATOM   778  O O   . CYS A 1 101 ? 3.676   3.042   -3.538  1.00 2.83  ? 123 CYS A O   1 
ATOM   779  C CB  . CYS A 1 101 ? 1.092   4.291   -1.998  1.00 3.03  ? 123 CYS A CB  1 
ATOM   780  S SG  . CYS A 1 101 ? -0.581  4.119   -1.343  1.00 4.88  ? 123 CYS A SG  1 
ATOM   781  N N   . PHE A 1 102 ? 2.938   4.968   -4.467  1.00 2.61  ? 124 PHE A N   1 
ATOM   782  C CA  . PHE A 1 102 ? 4.231   5.361   -5.006  1.00 3.15  ? 124 PHE A CA  1 
ATOM   783  C C   . PHE A 1 102 ? 4.530   6.786   -4.575  1.00 3.90  ? 124 PHE A C   1 
ATOM   784  O O   . PHE A 1 102 ? 3.764   7.693   -4.906  1.00 3.76  ? 124 PHE A O   1 
ATOM   785  C CB  . PHE A 1 102 ? 4.243   5.317   -6.551  1.00 3.18  ? 124 PHE A CB  1 
ATOM   786  C CG  . PHE A 1 102 ? 5.399   6.054   -7.140  1.00 2.28  ? 124 PHE A CG  1 
ATOM   787  C CD1 . PHE A 1 102 ? 6.694   5.565   -6.974  1.00 3.25  ? 124 PHE A CD1 1 
ATOM   788  C CD2 . PHE A 1 102 ? 5.201   7.240   -7.838  1.00 3.38  ? 124 PHE A CD2 1 
ATOM   789  C CE1 . PHE A 1 102 ? 7.789   6.261   -7.492  1.00 5.42  ? 124 PHE A CE1 1 
ATOM   790  C CE2 . PHE A 1 102 ? 6.283   7.954   -8.345  1.00 4.47  ? 124 PHE A CE2 1 
ATOM   791  C CZ  . PHE A 1 102 ? 7.579   7.457   -8.189  1.00 2.67  ? 124 PHE A CZ  1 
ATOM   792  N N   . ASN A 1 103 ? 5.636   6.963   -3.851  1.00 4.71  ? 125 ASN A N   1 
ATOM   793  C CA  . ASN A 1 103 ? 6.098   8.280   -3.422  1.00 5.47  ? 125 ASN A CA  1 
ATOM   794  C C   . ASN A 1 103 ? 7.384   8.683   -4.153  1.00 5.27  ? 125 ASN A C   1 
ATOM   795  O O   . ASN A 1 103 ? 8.470   8.136   -3.890  1.00 4.87  ? 125 ASN A O   1 
ATOM   796  C CB  . ASN A 1 103 ? 6.328   8.328   -1.907  1.00 5.69  ? 125 ASN A CB  1 
ATOM   797  C CG  . ASN A 1 103 ? 6.518   9.759   -1.404  1.00 10.89 ? 125 ASN A CG  1 
ATOM   798  O OD1 . ASN A 1 103 ? 7.262   10.537  -1.994  1.00 13.74 ? 125 ASN A OD1 1 
ATOM   799  N ND2 . ASN A 1 103 ? 5.839   10.105  -0.317  1.00 15.49 ? 125 ASN A ND2 1 
ATOM   800  N N   . ALA A 1 104 ? 7.256   9.661   -5.042  1.00 5.43  ? 126 ALA A N   1 
ATOM   801  C CA  . ALA A 1 104 ? 8.363   10.064  -5.902  1.00 6.21  ? 126 ALA A CA  1 
ATOM   802  C C   . ALA A 1 104 ? 9.564   10.603  -5.110  1.00 6.94  ? 126 ALA A C   1 
ATOM   803  O O   . ALA A 1 104 ? 10.697  10.549  -5.600  1.00 7.34  ? 126 ALA A O   1 
ATOM   804  C CB  . ALA A 1 104 ? 7.876   11.102  -6.927  1.00 6.27  ? 126 ALA A CB  1 
ATOM   805  N N   . SER A 1 105 ? 9.309   11.110  -3.896  1.00 7.45  ? 127 SER A N   1 
ATOM   806  C CA  . SER A 1 105 ? 10.345  11.698  -3.007  1.00 7.76  ? 127 SER A CA  1 
ATOM   807  C C   . SER A 1 105 ? 11.154  10.692  -2.205  1.00 7.78  ? 127 SER A C   1 
ATOM   808  O O   . SER A 1 105 ? 12.130  11.069  -1.544  1.00 8.32  ? 127 SER A O   1 
ATOM   809  C CB  . SER A 1 105 ? 9.715   12.704  -2.034  1.00 8.26  ? 127 SER A CB  1 
ATOM   810  O OG  . SER A 1 105 ? 9.324   13.864  -2.750  1.00 13.51 ? 127 SER A OG  1 
ATOM   811  N N   . ALA A 1 106 ? 10.759  9.423   -2.242  1.00 7.38  ? 128 ALA A N   1 
ATOM   812  C CA  . ALA A 1 106 ? 11.478  8.374   -1.543  1.00 7.39  ? 128 ALA A CA  1 
ATOM   813  C C   . ALA A 1 106 ? 12.873  8.129   -2.146  1.00 7.07  ? 128 ALA A C   1 
ATOM   814  O O   . ALA A 1 106 ? 13.133  8.563   -3.279  1.00 7.79  ? 128 ALA A O   1 
ATOM   815  C CB  . ALA A 1 106 ? 10.647  7.076   -1.562  1.00 7.44  ? 128 ALA A CB  1 
ATOM   816  N N   . PRO A 1 107 ? 13.755  7.395   -1.428  1.00 6.77  ? 129 PRO A N   1 
ATOM   817  C CA  . PRO A 1 107 ? 15.040  7.009   -2.034  1.00 6.56  ? 129 PRO A CA  1 
ATOM   818  C C   . PRO A 1 107 ? 14.873  6.087   -3.254  1.00 6.33  ? 129 PRO A C   1 
ATOM   819  O O   . PRO A 1 107 ? 13.820  5.443   -3.387  1.00 5.80  ? 129 PRO A O   1 
ATOM   820  C CB  . PRO A 1 107 ? 15.763  6.262   -0.903  1.00 6.91  ? 129 PRO A CB  1 
ATOM   821  C CG  . PRO A 1 107 ? 15.120  6.739   0.369   1.00 7.03  ? 129 PRO A CG  1 
ATOM   822  C CD  . PRO A 1 107 ? 13.675  6.983   -0.006  1.00 6.67  ? 129 PRO A CD  1 
ATOM   823  N N   . PRO A 1 108 ? 15.905  6.021   -4.135  1.00 6.03  ? 130 PRO A N   1 
ATOM   824  C CA  . PRO A 1 108 ? 15.796  5.266   -5.397  1.00 5.48  ? 130 PRO A CA  1 
ATOM   825  C C   . PRO A 1 108 ? 15.738  3.752   -5.252  1.00 5.18  ? 130 PRO A C   1 
ATOM   826  O O   . PRO A 1 108 ? 15.225  3.078   -6.145  1.00 3.79  ? 130 PRO A O   1 
ATOM   827  C CB  . PRO A 1 108 ? 17.068  5.666   -6.183  1.00 5.96  ? 130 PRO A CB  1 
ATOM   828  C CG  . PRO A 1 108 ? 18.042  6.191   -5.118  1.00 5.65  ? 130 PRO A CG  1 
ATOM   829  C CD  . PRO A 1 108 ? 17.147  6.827   -4.072  1.00 5.58  ? 130 PRO A CD  1 
ATOM   830  N N   . GLU A 1 109 ? 16.295  3.213   -4.174  1.00 4.57  ? 131 GLU A N   1 
ATOM   831  C CA  . GLU A 1 109 ? 16.376  1.773   -4.048  1.00 5.36  ? 131 GLU A CA  1 
ATOM   832  C C   . GLU A 1 109 ? 15.602  1.335   -2.809  1.00 5.93  ? 131 GLU A C   1 
ATOM   833  O O   . GLU A 1 109 ? 14.492  1.818   -2.598  1.00 5.88  ? 131 GLU A O   1 
ATOM   834  C CB  . GLU A 1 109 ? 17.843  1.346   -4.112  1.00 5.67  ? 131 GLU A CB  1 
ATOM   835  C CG  . GLU A 1 109 ? 18.373  1.769   -5.513  1.00 9.53  ? 131 GLU A CG  1 
ATOM   836  C CD  . GLU A 1 109 ? 19.751  1.301   -5.830  1.00 14.68 ? 131 GLU A CD  1 
ATOM   837  O OE1 . GLU A 1 109 ? 20.683  1.740   -5.136  1.00 13.27 ? 131 GLU A OE1 1 
ATOM   838  O OE2 . GLU A 1 109 ? 19.893  0.534   -6.815  1.00 17.68 ? 131 GLU A OE2 1 
ATOM   839  N N   . GLU A 1 110 ? 16.155  0.439   -2.003  1.00 6.38  ? 132 GLU A N   1 
ATOM   840  C CA  . GLU A 1 110 ? 15.436  -0.039  -0.805  1.00 6.85  ? 132 GLU A CA  1 
ATOM   841  C C   . GLU A 1 110 ? 15.489  1.005   0.308   1.00 6.93  ? 132 GLU A C   1 
ATOM   842  O O   . GLU A 1 110 ? 16.575  1.469   0.677   1.00 6.78  ? 132 GLU A O   1 
ATOM   843  C CB  . GLU A 1 110 ? 16.040  -1.364  -0.326  1.00 7.30  ? 132 GLU A CB  1 
ATOM   844  C CG  . GLU A 1 110 ? 15.344  -1.963  0.921   1.00 8.36  ? 132 GLU A CG  1 
ATOM   845  C CD  . GLU A 1 110 ? 16.001  -3.252  1.363   1.00 11.26 ? 132 GLU A CD  1 
ATOM   846  O OE1 . GLU A 1 110 ? 17.159  -3.209  1.797   1.00 14.60 ? 132 GLU A OE1 1 
ATOM   847  O OE2 . GLU A 1 110 ? 15.359  -4.304  1.266   1.00 13.70 ? 132 GLU A OE2 1 
ATOM   848  N N   . ASP A 1 111 ? 14.335  1.388   0.839   1.00 6.43  ? 133 ASP A N   1 
ATOM   849  C CA  . ASP A 1 111 ? 14.318  2.288   1.985   1.00 6.46  ? 133 ASP A CA  1 
ATOM   850  C C   . ASP A 1 111 ? 13.503  1.600   3.065   1.00 7.02  ? 133 ASP A C   1 
ATOM   851  O O   . ASP A 1 111 ? 12.263  1.633   3.021   1.00 6.52  ? 133 ASP A O   1 
ATOM   852  C CB  . ASP A 1 111 ? 13.705  3.655   1.628   1.00 6.26  ? 133 ASP A CB  1 
ATOM   853  C CG  . ASP A 1 111 ? 13.539  4.559   2.840   1.00 6.07  ? 133 ASP A CG  1 
ATOM   854  O OD1 . ASP A 1 111 ? 14.175  4.297   3.896   1.00 5.19  ? 133 ASP A OD1 1 
ATOM   855  O OD2 . ASP A 1 111 ? 12.752  5.528   2.752   1.00 6.27  ? 133 ASP A OD2 1 
ATOM   856  N N   . CYS A 1 112 ? 14.198  0.956   4.009   1.00 6.77  ? 134 CYS A N   1 
ATOM   857  C CA  . CYS A 1 112 ? 13.517  0.216   5.090   1.00 8.17  ? 134 CYS A CA  1 
ATOM   858  C C   . CYS A 1 112 ? 13.521  0.974   6.402   1.00 8.00  ? 134 CYS A C   1 
ATOM   859  O O   . CYS A 1 112 ? 13.447  0.387   7.501   1.00 8.91  ? 134 CYS A O   1 
ATOM   860  C CB  . CYS A 1 112 ? 14.089  -1.216  5.253   1.00 7.71  ? 134 CYS A CB  1 
ATOM   861  S SG  . CYS A 1 112 ? 13.449  -2.373  4.014   1.00 9.93  ? 134 CYS A SG  1 
ATOM   862  N N   . THR A 1 113 ? 13.570  2.292   6.293   1.00 7.67  ? 135 THR A N   1 
ATOM   863  C CA  . THR A 1 113 ? 13.303  3.125   7.440   1.00 7.65  ? 135 THR A CA  1 
ATOM   864  C C   . THR A 1 113 ? 11.789  3.172   7.684   1.00 8.10  ? 135 THR A C   1 
ATOM   865  O O   . THR A 1 113 ? 10.985  2.813   6.791   1.00 7.66  ? 135 THR A O   1 
ATOM   866  C CB  . THR A 1 113 ? 13.866  4.536   7.281   1.00 7.61  ? 135 THR A CB  1 
ATOM   867  O OG1 . THR A 1 113 ? 13.317  5.155   6.106   1.00 6.68  ? 135 THR A OG1 1 
ATOM   868  C CG2 . THR A 1 113 ? 15.389  4.503   7.193   1.00 7.50  ? 135 THR A CG2 1 
ATOM   869  N N   A SER A 1 114 ? 11.415  3.602   8.887   0.50 7.98  ? 136 SER A N   1 
ATOM   870  N N   B SER A 1 114 ? 11.403  3.595   8.884   0.50 7.65  ? 136 SER A N   1 
ATOM   871  C CA  A SER A 1 114 ? 10.010  3.712   9.296   0.50 8.67  ? 136 SER A CA  1 
ATOM   872  C CA  B SER A 1 114 ? 9.987   3.656   9.267   0.50 7.90  ? 136 SER A CA  1 
ATOM   873  C C   A SER A 1 114 ? 9.295   4.876   8.637   0.50 8.89  ? 136 SER A C   1 
ATOM   874  C C   B SER A 1 114 ? 9.281   4.887   8.724   0.50 8.52  ? 136 SER A C   1 
ATOM   875  O O   A SER A 1 114 ? 9.922   5.869   8.277   0.50 9.07  ? 136 SER A O   1 
ATOM   876  O O   B SER A 1 114 ? 9.899   5.935   8.530   0.50 8.63  ? 136 SER A O   1 
ATOM   877  C CB  A SER A 1 114 ? 9.921   3.905   10.810  0.50 8.35  ? 136 SER A CB  1 
ATOM   878  C CB  B SER A 1 114 ? 9.851   3.647   10.787  0.50 7.62  ? 136 SER A CB  1 
ATOM   879  O OG  A SER A 1 114 ? 10.062  2.671   11.486  0.50 9.79  ? 136 SER A OG  1 
ATOM   880  O OG  B SER A 1 114 ? 10.707  4.605   11.373  0.50 5.70  ? 136 SER A OG  1 
ATOM   881  N N   . VAL A 1 115 ? 7.975   4.751   8.510   1.00 8.87  ? 137 VAL A N   1 
ATOM   882  C CA  . VAL A 1 115 ? 7.107   5.864   8.094   1.00 9.90  ? 137 VAL A CA  1 
ATOM   883  C C   . VAL A 1 115 ? 6.505   6.502   9.342   1.00 11.25 ? 137 VAL A C   1 
ATOM   884  O O   . VAL A 1 115 ? 5.883   5.812   10.168  1.00 10.15 ? 137 VAL A O   1 
ATOM   885  C CB  . VAL A 1 115 ? 5.988   5.363   7.165   1.00 10.06 ? 137 VAL A CB  1 
ATOM   886  C CG1 . VAL A 1 115 ? 5.065   6.520   6.710   1.00 9.98  ? 137 VAL A CG1 1 
ATOM   887  C CG2 . VAL A 1 115 ? 6.597   4.665   5.959   1.00 8.72  ? 137 VAL A CG2 1 
ATOM   888  N N   . THR A 1 116 ? 6.681   7.818   9.472   1.00 12.71 ? 138 THR A N   1 
ATOM   889  C CA  . THR A 1 116 ? 6.338   8.516   10.706  1.00 15.26 ? 138 THR A CA  1 
ATOM   890  C C   . THR A 1 116 ? 5.361   9.687   10.529  1.00 15.94 ? 138 THR A C   1 
ATOM   891  O O   . THR A 1 116 ? 5.254   10.543  11.410  1.00 17.05 ? 138 THR A O   1 
ATOM   892  C CB  . THR A 1 116 ? 7.612   9.069   11.363  1.00 15.65 ? 138 THR A CB  1 
ATOM   893  O OG1 . THR A 1 116 ? 8.328   9.830   10.380  1.00 17.13 ? 138 THR A OG1 1 
ATOM   894  C CG2 . THR A 1 116 ? 8.483   7.928   11.877  1.00 17.79 ? 138 THR A CG2 1 
ATOM   895  N N   . ASP A 1 117 ? 4.693   9.747   9.387   1.00 16.45 ? 139 ASP A N   1 
ATOM   896  C CA  . ASP A 1 117 ? 3.665   10.745  9.143   1.00 17.54 ? 139 ASP A CA  1 
ATOM   897  C C   . ASP A 1 117 ? 2.780   10.343  7.984   1.00 16.94 ? 139 ASP A C   1 
ATOM   898  O O   . ASP A 1 117 ? 3.156   9.530   7.133   1.00 16.12 ? 139 ASP A O   1 
ATOM   899  C CB  . ASP A 1 117 ? 4.246   12.150  8.899   1.00 18.46 ? 139 ASP A CB  1 
ATOM   900  C CG  . ASP A 1 117 ? 3.164   13.276  8.973   1.00 21.35 ? 139 ASP A CG  1 
ATOM   901  O OD1 . ASP A 1 117 ? 2.007   13.061  9.449   1.00 22.81 ? 139 ASP A OD1 1 
ATOM   902  O OD2 . ASP A 1 117 ? 3.488   14.392  8.541   1.00 24.12 ? 139 ASP A OD2 1 
ATOM   903  N N   . LEU A 1 118 ? 1.587   10.927  7.990   1.00 16.27 ? 140 LEU A N   1 
ATOM   904  C CA  . LEU A 1 118 ? 0.621   10.833  6.931   1.00 15.01 ? 140 LEU A CA  1 
ATOM   905  C C   . LEU A 1 118 ? 0.437   12.295  6.530   1.00 15.10 ? 140 LEU A C   1 
ATOM   906  O O   . LEU A 1 118 ? -0.539  12.949  6.962   1.00 15.09 ? 140 LEU A O   1 
ATOM   907  C CB  . LEU A 1 118 ? -0.670  10.236  7.506   1.00 14.86 ? 140 LEU A CB  1 
ATOM   908  C CG  . LEU A 1 118 ? -1.803  9.880   6.553   1.00 14.28 ? 140 LEU A CG  1 
ATOM   909  C CD1 . LEU A 1 118 ? -1.373  8.729   5.669   1.00 13.25 ? 140 LEU A CD1 1 
ATOM   910  C CD2 . LEU A 1 118 ? -3.069  9.510   7.336   1.00 13.17 ? 140 LEU A CD2 1 
ATOM   911  N N   . PRO A 1 119 ? 1.397   12.830  5.744   1.00 14.22 ? 141 PRO A N   1 
ATOM   912  C CA  . PRO A 1 119 ? 1.576   14.279  5.609   1.00 13.64 ? 141 PRO A CA  1 
ATOM   913  C C   . PRO A 1 119 ? 0.411   15.000  4.930   1.00 13.19 ? 141 PRO A C   1 
ATOM   914  O O   . PRO A 1 119 ? 0.274   16.232  5.062   1.00 12.55 ? 141 PRO A O   1 
ATOM   915  C CB  . PRO A 1 119 ? 2.849   14.399  4.750   1.00 13.90 ? 141 PRO A CB  1 
ATOM   916  C CG  . PRO A 1 119 ? 2.937   13.100  4.019   1.00 14.27 ? 141 PRO A CG  1 
ATOM   917  C CD  . PRO A 1 119 ? 2.422   12.084  4.977   1.00 13.84 ? 141 PRO A CD  1 
ATOM   918  N N   . ASN A 1 120 ? -0.430  14.255  4.226   1.00 11.14 ? 142 ASN A N   1 
ATOM   919  C CA  . ASN A 1 120 ? -1.481  14.903  3.495   1.00 11.30 ? 142 ASN A CA  1 
ATOM   920  C C   . ASN A 1 120 ? -2.884  14.459  3.878   1.00 10.50 ? 142 ASN A C   1 
ATOM   921  O O   . ASN A 1 120 ? -3.809  14.640  3.105   1.00 10.35 ? 142 ASN A O   1 
ATOM   922  C CB  . ASN A 1 120 ? -1.229  14.764  1.993   1.00 11.74 ? 142 ASN A CB  1 
ATOM   923  C CG  . ASN A 1 120 ? -1.990  15.774  1.179   1.00 13.07 ? 142 ASN A CG  1 
ATOM   924  O OD1 . ASN A 1 120 ? -2.065  16.970  1.522   1.00 13.62 ? 142 ASN A OD1 1 
ATOM   925  N ND2 . ASN A 1 120 ? -2.567  15.308  0.090   1.00 13.60 ? 142 ASN A ND2 1 
ATOM   926  N N   . SER A 1 121 ? -3.047  13.918  5.090   1.00 10.28 ? 143 SER A N   1 
ATOM   927  C CA  . SER A 1 121 ? -4.381  13.620  5.609   1.00 10.11 ? 143 SER A CA  1 
ATOM   928  C C   . SER A 1 121 ? -5.075  14.953  5.894   1.00 10.05 ? 143 SER A C   1 
ATOM   929  O O   . SER A 1 121 ? -4.405  15.977  6.115   1.00 8.88  ? 143 SER A O   1 
ATOM   930  C CB  . SER A 1 121 ? -4.286  12.825  6.911   1.00 10.01 ? 143 SER A CB  1 
ATOM   931  O OG  . SER A 1 121 ? -3.458  13.511  7.828   1.00 10.75 ? 143 SER A OG  1 
ATOM   932  N N   . PHE A 1 122 ? -6.400  14.949  5.871   1.00 9.42  ? 144 PHE A N   1 
ATOM   933  C CA  . PHE A 1 122 ? -7.137  16.177  6.163   1.00 9.66  ? 144 PHE A CA  1 
ATOM   934  C C   . PHE A 1 122 ? -7.834  16.155  7.530   1.00 8.69  ? 144 PHE A C   1 
ATOM   935  O O   . PHE A 1 122 ? -7.784  15.152  8.242   1.00 8.48  ? 144 PHE A O   1 
ATOM   936  C CB  . PHE A 1 122 ? -8.058  16.623  4.999   1.00 10.64 ? 144 PHE A CB  1 
ATOM   937  C CG  . PHE A 1 122 ? -9.039  15.589  4.527   1.00 12.19 ? 144 PHE A CG  1 
ATOM   938  C CD1 . PHE A 1 122 ? -10.246 15.394  5.191   1.00 15.11 ? 144 PHE A CD1 1 
ATOM   939  C CD2 . PHE A 1 122 ? -8.780  14.856  3.371   1.00 13.88 ? 144 PHE A CD2 1 
ATOM   940  C CE1 . PHE A 1 122 ? -11.176 14.428  4.735   1.00 16.43 ? 144 PHE A CE1 1 
ATOM   941  C CE2 . PHE A 1 122 ? -9.686  13.898  2.914   1.00 15.13 ? 144 PHE A CE2 1 
ATOM   942  C CZ  . PHE A 1 122 ? -10.888 13.687  3.598   1.00 16.34 ? 144 PHE A CZ  1 
ATOM   943  N N   . ASP A 1 123 ? -8.429  17.277  7.928   1.00 8.15  ? 145 ASP A N   1 
ATOM   944  C CA  . ASP A 1 123 ? -9.143  17.340  9.218   1.00 7.18  ? 145 ASP A CA  1 
ATOM   945  C C   . ASP A 1 123 ? -10.220 16.256  9.288   1.00 7.58  ? 145 ASP A C   1 
ATOM   946  O O   . ASP A 1 123 ? -10.920 16.001  8.314   1.00 6.59  ? 145 ASP A O   1 
ATOM   947  C CB  . ASP A 1 123 ? -9.817  18.704  9.399   1.00 6.86  ? 145 ASP A CB  1 
ATOM   948  C CG  . ASP A 1 123 ? -10.403 18.875  10.797  1.00 6.60  ? 145 ASP A CG  1 
ATOM   949  O OD1 . ASP A 1 123 ? -9.653  19.217  11.721  1.00 6.76  ? 145 ASP A OD1 1 
ATOM   950  O OD2 . ASP A 1 123 ? -11.605 18.665  10.963  1.00 9.54  ? 145 ASP A OD2 1 
ATOM   951  N N   . GLY A 1 124 ? -10.355 15.632  10.451  1.00 8.64  ? 146 GLY A N   1 
ATOM   952  C CA  . GLY A 1 124 ? -11.341 14.570  10.618  1.00 9.21  ? 146 GLY A CA  1 
ATOM   953  C C   . GLY A 1 124 ? -11.282 13.968  12.005  1.00 9.62  ? 146 GLY A C   1 
ATOM   954  O O   . GLY A 1 124 ? -10.398 14.317  12.787  1.00 8.60  ? 146 GLY A O   1 
ATOM   955  N N   . PRO A 1 125 ? -12.226 13.058  12.311  1.00 9.84  ? 147 PRO A N   1 
ATOM   956  C CA  . PRO A 1 125 ? -12.387 12.556  13.661  1.00 10.67 ? 147 PRO A CA  1 
ATOM   957  C C   . PRO A 1 125 ? -11.733 11.184  13.876  1.00 10.62 ? 147 PRO A C   1 
ATOM   958  O O   . PRO A 1 125 ? -11.762 10.680  14.990  1.00 11.61 ? 147 PRO A O   1 
ATOM   959  C CB  . PRO A 1 125 ? -13.902 12.404  13.766  1.00 11.01 ? 147 PRO A CB  1 
ATOM   960  C CG  . PRO A 1 125 ? -14.270 11.901  12.401  1.00 10.58 ? 147 PRO A CG  1 
ATOM   961  C CD  . PRO A 1 125 ? -13.314 12.587  11.434  1.00 10.51 ? 147 PRO A CD  1 
ATOM   962  N N   . VAL A 1 126 ? -11.183 10.581  12.821  1.00 9.87  ? 148 VAL A N   1 
ATOM   963  C CA  . VAL A 1 126 ? -10.603 9.241   12.929  1.00 8.79  ? 148 VAL A CA  1 
ATOM   964  C C   . VAL A 1 126 ? -9.210  9.261   13.567  1.00 8.73  ? 148 VAL A C   1 
ATOM   965  O O   . VAL A 1 126 ? -8.338  10.035  13.159  1.00 8.20  ? 148 VAL A O   1 
ATOM   966  C CB  . VAL A 1 126 ? -10.512 8.542   11.560  1.00 8.86  ? 148 VAL A CB  1 
ATOM   967  C CG1 . VAL A 1 126 ? -10.047 7.099   11.735  1.00 7.13  ? 148 VAL A CG1 1 
ATOM   968  C CG2 . VAL A 1 126 ? -11.852 8.607   10.794  1.00 9.64  ? 148 VAL A CG2 1 
ATOM   969  N N   . THR A 1 127 ? -8.986  8.392   14.550  1.00 7.96  ? 149 THR A N   1 
ATOM   970  C CA  . THR A 1 127 ? -7.614  8.113   14.994  1.00 7.86  ? 149 THR A CA  1 
ATOM   971  C C   . THR A 1 127 ? -6.892  7.198   13.978  1.00 7.83  ? 149 THR A C   1 
ATOM   972  O O   . THR A 1 127 ? -7.181  5.999   13.892  1.00 7.40  ? 149 THR A O   1 
ATOM   973  C CB  . THR A 1 127 ? -7.592  7.486   16.416  1.00 8.44  ? 149 THR A CB  1 
ATOM   974  O OG1 . THR A 1 127 ? -8.094  8.456   17.337  1.00 9.11  ? 149 THR A OG1 1 
ATOM   975  C CG2 . THR A 1 127 ? -6.146  7.128   16.850  1.00 8.98  ? 149 THR A CG2 1 
ATOM   976  N N   . ILE A 1 128 ? -5.963  7.762   13.219  1.00 6.93  ? 150 ILE A N   1 
ATOM   977  C CA  . ILE A 1 128 ? -5.303  6.995   12.164  1.00 7.12  ? 150 ILE A CA  1 
ATOM   978  C C   . ILE A 1 128 ? -3.921  6.617   12.657  1.00 7.04  ? 150 ILE A C   1 
ATOM   979  O O   . ILE A 1 128 ? -3.140  7.502   13.024  1.00 7.16  ? 150 ILE A O   1 
ATOM   980  C CB  . ILE A 1 128 ? -5.230  7.791   10.833  1.00 7.02  ? 150 ILE A CB  1 
ATOM   981  C CG1 . ILE A 1 128 ? -6.635  8.160   10.360  1.00 7.07  ? 150 ILE A CG1 1 
ATOM   982  C CG2 . ILE A 1 128 ? -4.456  7.021   9.765   1.00 7.35  ? 150 ILE A CG2 1 
ATOM   983  C CD1 . ILE A 1 128 ? -6.659  9.151   9.187   1.00 9.62  ? 150 ILE A CD1 1 
ATOM   984  N N   . THR A 1 129 ? -3.623  5.312   12.682  1.00 6.04  ? 151 THR A N   1 
ATOM   985  C CA  . THR A 1 129 ? -2.313  4.854   13.154  1.00 5.65  ? 151 THR A CA  1 
ATOM   986  C C   . THR A 1 129 ? -1.485  4.213   12.025  1.00 5.41  ? 151 THR A C   1 
ATOM   987  O O   . THR A 1 129 ? -1.897  3.213   11.447  1.00 5.42  ? 151 THR A O   1 
ATOM   988  C CB  . THR A 1 129 ? -2.439  3.879   14.366  1.00 5.31  ? 151 THR A CB  1 
ATOM   989  O OG1 . THR A 1 129 ? -3.130  4.542   15.432  1.00 5.32  ? 151 THR A OG1 1 
ATOM   990  C CG2 . THR A 1 129 ? -1.043  3.468   14.855  1.00 5.84  ? 151 THR A CG2 1 
ATOM   991  N N   . ILE A 1 130 ? -0.341  4.822   11.693  1.00 6.12  ? 152 ILE A N   1 
ATOM   992  C CA  . ILE A 1 130 ? 0.632   4.204   10.787  1.00 5.12  ? 152 ILE A CA  1 
ATOM   993  C C   . ILE A 1 130 ? 1.394   3.165   11.607  1.00 4.90  ? 152 ILE A C   1 
ATOM   994  O O   . ILE A 1 130 ? 2.050   3.499   12.621  1.00 4.37  ? 152 ILE A O   1 
ATOM   995  C CB  . ILE A 1 130 ? 1.666   5.214   10.201  1.00 5.70  ? 152 ILE A CB  1 
ATOM   996  C CG1 . ILE A 1 130 ? 1.003   6.360   9.394   1.00 7.41  ? 152 ILE A CG1 1 
ATOM   997  C CG2 . ILE A 1 130 ? 2.692   4.483   9.338   1.00 5.73  ? 152 ILE A CG2 1 
ATOM   998  C CD1 . ILE A 1 130 ? -0.294  5.961   8.646   1.00 10.46 ? 152 ILE A CD1 1 
ATOM   999  N N   . VAL A 1 131 ? 1.294   1.909   11.198  1.00 3.61  ? 153 VAL A N   1 
ATOM   1000 C CA  . VAL A 1 131 ? 2.046   0.854   11.862  1.00 3.20  ? 153 VAL A CA  1 
ATOM   1001 C C   . VAL A 1 131 ? 3.137   0.325   10.926  1.00 3.64  ? 153 VAL A C   1 
ATOM   1002 O O   . VAL A 1 131 ? 2.832   -0.248  9.856   1.00 2.75  ? 153 VAL A O   1 
ATOM   1003 C CB  . VAL A 1 131 ? 1.140   -0.344  12.289  1.00 3.01  ? 153 VAL A CB  1 
ATOM   1004 C CG1 . VAL A 1 131 ? 1.922   -1.298  13.177  1.00 4.73  ? 153 VAL A CG1 1 
ATOM   1005 C CG2 . VAL A 1 131 ? -0.177  0.132   12.976  1.00 2.00  ? 153 VAL A CG2 1 
ATOM   1006 N N   . ASN A 1 132 ? 4.394   0.440   11.362  1.00 2.90  ? 154 ASN A N   1 
ATOM   1007 C CA  . ASN A 1 132 ? 5.526   -0.117  10.615  1.00 3.13  ? 154 ASN A CA  1 
ATOM   1008 C C   . ASN A 1 132 ? 5.746   -1.602  10.890  1.00 3.54  ? 154 ASN A C   1 
ATOM   1009 O O   . ASN A 1 132 ? 5.231   -2.152  11.870  1.00 3.88  ? 154 ASN A O   1 
ATOM   1010 C CB  . ASN A 1 132 ? 6.777   0.716   10.898  1.00 3.53  ? 154 ASN A CB  1 
ATOM   1011 C CG  . ASN A 1 132 ? 6.648   2.138   10.334  1.00 2.91  ? 154 ASN A CG  1 
ATOM   1012 O OD1 . ASN A 1 132 ? 6.887   2.369   9.144   1.00 2.51  ? 154 ASN A OD1 1 
ATOM   1013 N ND2 . ASN A 1 132 ? 6.202   3.066   11.166  1.00 2.74  ? 154 ASN A ND2 1 
ATOM   1014 N N   . ARG A 1 133 ? 6.518   -2.265  10.046  1.00 3.61  ? 155 ARG A N   1 
ATOM   1015 C CA  . ARG A 1 133 ? 6.763   -3.691  10.264  1.00 4.01  ? 155 ARG A CA  1 
ATOM   1016 C C   . ARG A 1 133 ? 7.554   -3.946  11.547  1.00 3.96  ? 155 ARG A C   1 
ATOM   1017 O O   . ARG A 1 133 ? 7.398   -5.004  12.154  1.00 4.31  ? 155 ARG A O   1 
ATOM   1018 C CB  . ARG A 1 133 ? 7.436   -4.345  9.043   1.00 4.09  ? 155 ARG A CB  1 
ATOM   1019 C CG  . ARG A 1 133 ? 7.694   -5.880  9.114   1.00 6.11  ? 155 ARG A CG  1 
ATOM   1020 C CD  . ARG A 1 133 ? 6.417   -6.754  9.266   1.00 10.45 ? 155 ARG A CD  1 
ATOM   1021 N NE  . ARG A 1 133 ? 5.821   -6.694  10.609  1.00 9.30  ? 155 ARG A NE  1 
ATOM   1022 C CZ  . ARG A 1 133 ? 4.871   -7.521  11.058  1.00 10.16 ? 155 ARG A CZ  1 
ATOM   1023 N NH1 . ARG A 1 133 ? 4.388   -8.478  10.282  1.00 8.70  ? 155 ARG A NH1 1 
ATOM   1024 N NH2 . ARG A 1 133 ? 4.384   -7.376  12.279  1.00 9.36  ? 155 ARG A NH2 1 
ATOM   1025 N N   . ASP A 1 134 ? 8.360   -2.971  11.983  1.00 3.48  ? 156 ASP A N   1 
ATOM   1026 C CA  . ASP A 1 134 ? 9.109   -3.125  13.259  1.00 4.41  ? 156 ASP A CA  1 
ATOM   1027 C C   . ASP A 1 134 ? 8.290   -2.722  14.474  1.00 4.45  ? 156 ASP A C   1 
ATOM   1028 O O   . ASP A 1 134 ? 8.817   -2.668  15.590  1.00 4.90  ? 156 ASP A O   1 
ATOM   1029 C CB  . ASP A 1 134 ? 10.472  -2.384  13.245  1.00 4.48  ? 156 ASP A CB  1 
ATOM   1030 C CG  . ASP A 1 134 ? 10.324  -0.869  13.211  1.00 4.34  ? 156 ASP A CG  1 
ATOM   1031 O OD1 . ASP A 1 134 ? 9.171   -0.387  13.256  1.00 5.41  ? 156 ASP A OD1 1 
ATOM   1032 O OD2 . ASP A 1 134 ? 11.365  -0.157  13.108  1.00 4.08  ? 156 ASP A OD2 1 
ATOM   1033 N N   . GLY A 1 135 ? 7.006   -2.435  14.246  1.00 5.38  ? 157 GLY A N   1 
ATOM   1034 C CA  . GLY A 1 135 ? 6.064   -2.089  15.305  1.00 5.22  ? 157 GLY A CA  1 
ATOM   1035 C C   . GLY A 1 135 ? 6.007   -0.604  15.647  1.00 5.66  ? 157 GLY A C   1 
ATOM   1036 O O   . GLY A 1 135 ? 5.103   -0.160  16.353  1.00 6.40  ? 157 GLY A O   1 
ATOM   1037 N N   . THR A 1 136 ? 6.943   0.184   15.149  1.00 5.91  ? 158 THR A N   1 
ATOM   1038 C CA  . THR A 1 136 ? 6.927   1.619   15.476  1.00 6.91  ? 158 THR A CA  1 
ATOM   1039 C C   . THR A 1 136 ? 5.627   2.242   14.935  1.00 7.19  ? 158 THR A C   1 
ATOM   1040 O O   . THR A 1 136 ? 5.167   1.903   13.841  1.00 6.25  ? 158 THR A O   1 
ATOM   1041 C CB  . THR A 1 136 ? 8.153   2.333   14.953  1.00 7.14  ? 158 THR A CB  1 
ATOM   1042 O OG1 . THR A 1 136 ? 8.238   2.143   13.550  1.00 9.87  ? 158 THR A OG1 1 
ATOM   1043 C CG2 . THR A 1 136 ? 9.407   1.728   15.551  1.00 7.52  ? 158 THR A CG2 1 
ATOM   1044 N N   A ARG A 1 137 ? 5.041   3.138   15.720  0.50 7.29  ? 159 ARG A N   1 
ATOM   1045 N N   B ARG A 1 137 ? 5.054   3.152   15.709  0.50 7.19  ? 159 ARG A N   1 
ATOM   1046 C CA  A ARG A 1 137 ? 3.749   3.723   15.383  0.50 7.95  ? 159 ARG A CA  1 
ATOM   1047 C CA  B ARG A 1 137 ? 3.755   3.720   15.381  0.50 7.75  ? 159 ARG A CA  1 
ATOM   1048 C C   A ARG A 1 137 ? 3.787   5.244   15.375  0.50 8.82  ? 159 ARG A C   1 
ATOM   1049 C C   B ARG A 1 137 ? 3.771   5.243   15.390  0.50 8.72  ? 159 ARG A C   1 
ATOM   1050 O O   A ARG A 1 137 ? 4.545   5.876   16.129  0.50 8.07  ? 159 ARG A O   1 
ATOM   1051 O O   B ARG A 1 137 ? 4.503   5.874   16.167  0.50 7.99  ? 159 ARG A O   1 
ATOM   1052 C CB  A ARG A 1 137 ? 2.656   3.243   16.346  0.50 7.79  ? 159 ARG A CB  1 
ATOM   1053 C CB  B ARG A 1 137 ? 2.685   3.207   16.349  0.50 7.53  ? 159 ARG A CB  1 
ATOM   1054 C CG  A ARG A 1 137 ? 2.145   1.821   16.046  0.50 7.63  ? 159 ARG A CG  1 
ATOM   1055 C CG  B ARG A 1 137 ? 2.292   1.737   16.108  0.50 6.69  ? 159 ARG A CG  1 
ATOM   1056 C CD  A ARG A 1 137 ? 1.021   1.408   17.020  0.50 8.30  ? 159 ARG A CD  1 
ATOM   1057 C CD  B ARG A 1 137 ? 1.442   1.203   17.268  0.50 6.55  ? 159 ARG A CD  1 
ATOM   1058 N NE  A ARG A 1 137 ? 0.765   -0.023  16.934  0.50 6.77  ? 159 ARG A NE  1 
ATOM   1059 N NE  B ARG A 1 137 ? 0.671   0.034   16.873  0.50 4.00  ? 159 ARG A NE  1 
ATOM   1060 C CZ  A ARG A 1 137 ? -0.405  -0.577  16.644  0.50 8.45  ? 159 ARG A CZ  1 
ATOM   1061 C CZ  B ARG A 1 137 ? 1.176   -1.190  16.781  0.50 4.61  ? 159 ARG A CZ  1 
ATOM   1062 N NH1 A ARG A 1 137 ? -1.500  0.174   16.436  0.50 6.03  ? 159 ARG A NH1 1 
ATOM   1063 N NH1 B ARG A 1 137 ? 2.463   -1.418  17.069  0.50 3.30  ? 159 ARG A NH1 1 
ATOM   1064 N NH2 A ARG A 1 137 ? -0.486  -1.905  16.597  0.50 8.24  ? 159 ARG A NH2 1 
ATOM   1065 N NH2 B ARG A 1 137 ? 0.390   -2.187  16.417  0.50 5.14  ? 159 ARG A NH2 1 
ATOM   1066 N N   . TYR A 1 138 ? 2.964   5.811   14.502  1.00 9.22  ? 160 TYR A N   1 
ATOM   1067 C CA  . TYR A 1 138 ? 2.692   7.241   14.497  1.00 11.24 ? 160 TYR A CA  1 
ATOM   1068 C C   . TYR A 1 138 ? 1.186   7.382   14.293  1.00 11.27 ? 160 TYR A C   1 
ATOM   1069 O O   . TYR A 1 138 ? 0.626   6.818   13.345  1.00 10.77 ? 160 TYR A O   1 
ATOM   1070 C CB  . TYR A 1 138 ? 3.458   7.938   13.367  1.00 12.16 ? 160 TYR A CB  1 
ATOM   1071 C CG  . TYR A 1 138 ? 2.905   9.321   13.082  1.00 16.52 ? 160 TYR A CG  1 
ATOM   1072 C CD1 . TYR A 1 138 ? 3.266   10.418  13.880  1.00 19.95 ? 160 TYR A CD1 1 
ATOM   1073 C CD2 . TYR A 1 138 ? 1.985   9.527   12.040  1.00 20.32 ? 160 TYR A CD2 1 
ATOM   1074 C CE1 . TYR A 1 138 ? 2.752   11.692  13.631  1.00 21.38 ? 160 TYR A CE1 1 
ATOM   1075 C CE2 . TYR A 1 138 ? 1.454   10.801  11.788  1.00 21.36 ? 160 TYR A CE2 1 
ATOM   1076 C CZ  . TYR A 1 138 ? 1.848   11.878  12.588  1.00 21.50 ? 160 TYR A CZ  1 
ATOM   1077 O OH  . TYR A 1 138 ? 1.348   13.146  12.369  1.00 20.96 ? 160 TYR A OH  1 
ATOM   1078 N N   . SER A 1 139 ? 0.549   8.127   15.193  1.00 11.34 ? 161 SER A N   1 
ATOM   1079 C CA  . SER A 1 139 ? -0.887  8.297   15.212  1.00 12.23 ? 161 SER A CA  1 
ATOM   1080 C C   . SER A 1 139 ? -1.243  9.774   15.030  1.00 12.43 ? 161 SER A C   1 
ATOM   1081 O O   . SER A 1 139 ? -0.529  10.661  15.527  1.00 11.83 ? 161 SER A O   1 
ATOM   1082 C CB  . SER A 1 139 ? -1.448  7.830   16.553  1.00 12.12 ? 161 SER A CB  1 
ATOM   1083 O OG  . SER A 1 139 ? -1.580  6.429   16.561  1.00 15.33 ? 161 SER A OG  1 
ATOM   1084 N N   . LYS A 1 140 ? -2.331  10.023  14.308  1.00 11.68 ? 162 LYS A N   1 
ATOM   1085 C CA  . LYS A 1 140 ? -2.887  11.366  14.200  1.00 12.03 ? 162 LYS A CA  1 
ATOM   1086 C C   . LYS A 1 140 ? -4.397  11.287  13.994  1.00 12.07 ? 162 LYS A C   1 
ATOM   1087 O O   . LYS A 1 140 ? -4.928  10.283  13.464  1.00 11.93 ? 162 LYS A O   1 
ATOM   1088 C CB  . LYS A 1 140 ? -2.212  12.174  13.074  1.00 12.21 ? 162 LYS A CB  1 
ATOM   1089 C CG  . LYS A 1 140 ? -2.557  11.752  11.660  1.00 12.57 ? 162 LYS A CG  1 
ATOM   1090 C CD  . LYS A 1 140 ? -1.639  12.392  10.594  1.00 14.51 ? 162 LYS A CD  1 
ATOM   1091 C CE  . LYS A 1 140 ? -1.733  13.914  10.554  1.00 14.52 ? 162 LYS A CE  1 
ATOM   1092 N NZ  . LYS A 1 140 ? -1.177  14.521  9.289   1.00 15.10 ? 162 LYS A NZ  1 
ATOM   1093 N N   . LYS A 1 141 ? -5.089  12.331  14.447  1.00 11.07 ? 163 LYS A N   1 
ATOM   1094 C CA  . LYS A 1 141 ? -6.522  12.465  14.220  1.00 11.28 ? 163 LYS A CA  1 
ATOM   1095 C C   . LYS A 1 141 ? -6.740  13.096  12.842  1.00 10.09 ? 163 LYS A C   1 
ATOM   1096 O O   . LYS A 1 141 ? -6.102  14.086  12.490  1.00 9.72  ? 163 LYS A O   1 
ATOM   1097 C CB  . LYS A 1 141 ? -7.159  13.322  15.329  1.00 11.94 ? 163 LYS A CB  1 
ATOM   1098 C CG  . LYS A 1 141 ? -8.675  13.288  15.370  1.00 15.40 ? 163 LYS A CG  1 
ATOM   1099 C CD  . LYS A 1 141 ? -9.270  14.122  16.555  1.00 20.87 ? 163 LYS A CD  1 
ATOM   1100 C CE  . LYS A 1 141 ? -9.191  15.657  16.302  1.00 23.64 ? 163 LYS A CE  1 
ATOM   1101 N NZ  . LYS A 1 141 ? -10.025 16.438  17.275  1.00 23.17 ? 163 LYS A NZ  1 
ATOM   1102 N N   . GLY A 1 142 ? -7.609  12.492  12.039  1.00 9.33  ? 164 GLY A N   1 
ATOM   1103 C CA  . GLY A 1 142 ? -7.829  13.003  10.703  1.00 8.52  ? 164 GLY A CA  1 
ATOM   1104 C C   . GLY A 1 142 ? -8.803  12.198  9.881   1.00 8.58  ? 164 GLY A C   1 
ATOM   1105 O O   . GLY A 1 142 ? -9.649  11.462  10.422  1.00 8.25  ? 164 GLY A O   1 
ATOM   1106 N N   . GLU A 1 143 ? -8.688  12.364  8.566   1.00 8.12  ? 165 GLU A N   1 
ATOM   1107 C CA  . GLU A 1 143 ? -9.461  11.598  7.588   1.00 7.80  ? 165 GLU A CA  1 
ATOM   1108 C C   . GLU A 1 143 ? -8.725  11.668  6.241   1.00 7.77  ? 165 GLU A C   1 
ATOM   1109 O O   . GLU A 1 143 ? -7.923  12.597  6.007   1.00 6.93  ? 165 GLU A O   1 
ATOM   1110 C CB  . GLU A 1 143 ? -10.896 12.140  7.509   1.00 8.04  ? 165 GLU A CB  1 
ATOM   1111 C CG  . GLU A 1 143 ? -11.828 11.471  6.483   1.00 9.55  ? 165 GLU A CG  1 
ATOM   1112 C CD  . GLU A 1 143 ? -12.037 9.992   6.765   1.00 10.62 ? 165 GLU A CD  1 
ATOM   1113 O OE1 . GLU A 1 143 ? -12.937 9.641   7.567   1.00 10.96 ? 165 GLU A OE1 1 
ATOM   1114 O OE2 . GLU A 1 143 ? -11.290 9.184   6.183   1.00 10.98 ? 165 GLU A OE2 1 
ATOM   1115 N N   . TYR A 1 144 ? -8.961  10.671  5.382   1.00 7.47  ? 166 TYR A N   1 
ATOM   1116 C CA  . TYR A 1 144 ? -8.413  10.644  4.023   1.00 7.72  ? 166 TYR A CA  1 
ATOM   1117 C C   . TYR A 1 144 ? -9.470  10.257  2.971   1.00 8.66  ? 166 TYR A C   1 
ATOM   1118 O O   . TYR A 1 144 ? -9.269  10.458  1.778   1.00 8.46  ? 166 TYR A O   1 
ATOM   1119 C CB  . TYR A 1 144 ? -7.191  9.701   3.944   1.00 8.10  ? 166 TYR A CB  1 
ATOM   1120 C CG  . TYR A 1 144 ? -7.522  8.252   4.255   1.00 7.86  ? 166 TYR A CG  1 
ATOM   1121 C CD1 . TYR A 1 144 ? -7.926  7.375   3.249   1.00 9.86  ? 166 TYR A CD1 1 
ATOM   1122 C CD2 . TYR A 1 144 ? -7.443  7.766   5.556   1.00 7.76  ? 166 TYR A CD2 1 
ATOM   1123 C CE1 . TYR A 1 144 ? -8.246  6.031   3.549   1.00 9.78  ? 166 TYR A CE1 1 
ATOM   1124 C CE2 . TYR A 1 144 ? -7.757  6.461   5.856   1.00 9.54  ? 166 TYR A CE2 1 
ATOM   1125 C CZ  . TYR A 1 144 ? -8.151  5.599   4.860   1.00 8.27  ? 166 TYR A CZ  1 
ATOM   1126 O OH  . TYR A 1 144 ? -8.462  4.296   5.187   1.00 10.83 ? 166 TYR A OH  1 
ATOM   1127 N N   . ARG A 1 145 ? -10.602 9.718   3.415   1.00 9.41  ? 167 ARG A N   1 
ATOM   1128 C CA  . ARG A 1 145 ? -11.629 9.206   2.477   1.00 10.49 ? 167 ARG A CA  1 
ATOM   1129 C C   . ARG A 1 145 ? -12.503 10.340  1.972   1.00 11.50 ? 167 ARG A C   1 
ATOM   1130 O O   . ARG A 1 145 ? -13.002 11.155  2.771   1.00 11.50 ? 167 ARG A O   1 
ATOM   1131 C CB  . ARG A 1 145 ? -12.474 8.113   3.140   1.00 10.60 ? 167 ARG A CB  1 
ATOM   1132 C CG  . ARG A 1 145 ? -11.677 6.867   3.504   1.00 10.64 ? 167 ARG A CG  1 
ATOM   1133 C CD  . ARG A 1 145 ? -12.415 6.012   4.514   1.00 13.77 ? 167 ARG A CD  1 
ATOM   1134 N NE  . ARG A 1 145 ? -12.631 6.725   5.785   1.00 11.96 ? 167 ARG A NE  1 
ATOM   1135 C CZ  . ARG A 1 145 ? -13.298 6.198   6.812   1.00 15.13 ? 167 ARG A CZ  1 
ATOM   1136 N NH1 . ARG A 1 145 ? -13.799 4.971   6.714   1.00 12.43 ? 167 ARG A NH1 1 
ATOM   1137 N NH2 . ARG A 1 145 ? -13.461 6.883   7.932   1.00 11.47 ? 167 ARG A NH2 1 
ATOM   1138 N N   . THR A 1 146 ? -12.651 10.428  0.654   1.00 13.08 ? 168 THR A N   1 
ATOM   1139 C CA  . THR A 1 146 ? -13.435 11.500  0.058   1.00 15.67 ? 168 THR A CA  1 
ATOM   1140 C C   . THR A 1 146 ? -14.718 10.988  -0.588  1.00 17.83 ? 168 THR A C   1 
ATOM   1141 O O   . THR A 1 146 ? -15.544 11.785  -1.044  1.00 18.55 ? 168 THR A O   1 
ATOM   1142 C CB  . THR A 1 146 ? -12.637 12.295  -0.995  1.00 15.60 ? 168 THR A CB  1 
ATOM   1143 O OG1 . THR A 1 146 ? -12.479 11.501  -2.177  1.00 15.32 ? 168 THR A OG1 1 
ATOM   1144 C CG2 . THR A 1 146 ? -11.269 12.718  -0.452  1.00 15.41 ? 168 THR A CG2 1 
ATOM   1145 N N   . HIS A 1 147 ? -14.870 9.669   -0.665  1.00 19.42 ? 169 HIS A N   1 
ATOM   1146 C CA  . HIS A 1 147 ? -16.074 9.078   -1.258  1.00 22.10 ? 169 HIS A CA  1 
ATOM   1147 C C   . HIS A 1 147 ? -16.970 8.537   -0.155  1.00 23.15 ? 169 HIS A C   1 
ATOM   1148 O O   . HIS A 1 147 ? -16.530 7.727   0.655   1.00 23.20 ? 169 HIS A O   1 
ATOM   1149 C CB  . HIS A 1 147 ? -15.706 7.974   -2.263  1.00 21.93 ? 169 HIS A CB  1 
ATOM   1150 C CG  . HIS A 1 147 ? -14.964 8.480   -3.461  1.00 23.88 ? 169 HIS A CG  1 
ATOM   1151 N ND1 . HIS A 1 147 ? -13.585 8.540   -3.515  1.00 24.60 ? 169 HIS A ND1 1 
ATOM   1152 C CD2 . HIS A 1 147 ? -15.407 8.971   -4.640  1.00 25.14 ? 169 HIS A CD2 1 
ATOM   1153 C CE1 . HIS A 1 147 ? -13.212 9.031   -4.683  1.00 24.60 ? 169 HIS A CE1 1 
ATOM   1154 N NE2 . HIS A 1 147 ? -14.297 9.298   -5.385  1.00 27.64 ? 169 HIS A NE2 1 
ATOM   1155 N N   . GLN A 1 148 ? -18.219 9.010   -0.117  1.00 25.43 ? 170 GLN A N   1 
ATOM   1156 C CA  . GLN A 1 148 ? -19.199 8.612   0.899   1.00 27.10 ? 170 GLN A CA  1 
ATOM   1157 C C   . GLN A 1 148 ? -19.363 7.090   1.014   1.00 27.64 ? 170 GLN A C   1 
ATOM   1158 O O   . GLN A 1 148 ? -19.408 6.544   2.125   1.00 27.94 ? 170 GLN A O   1 
ATOM   1159 C CB  . GLN A 1 148 ? -20.567 9.267   0.613   1.00 27.90 ? 170 GLN A CB  1 
ATOM   1160 C CG  . GLN A 1 148 ? -21.597 9.120   1.741   1.00 29.13 ? 170 GLN A CG  1 
ATOM   1161 C CD  . GLN A 1 148 ? -21.161 9.776   3.056   1.00 31.69 ? 170 GLN A CD  1 
ATOM   1162 O OE1 . GLN A 1 148 ? -20.492 9.153   3.893   1.00 32.25 ? 170 GLN A OE1 1 
ATOM   1163 N NE2 . GLN A 1 148 ? -21.573 11.028  3.255   1.00 31.49 ? 170 GLN A NE2 1 
ATOM   1164 N N   . GLU A 1 149 ? -19.440 6.414   -0.134  1.00 28.22 ? 171 GLU A N   1 
ATOM   1165 C CA  . GLU A 1 149 ? -19.594 4.956   -0.167  1.00 28.70 ? 171 GLU A CA  1 
ATOM   1166 C C   . GLU A 1 149 ? -18.462 4.217   0.567   1.00 27.91 ? 171 GLU A C   1 
ATOM   1167 O O   . GLU A 1 149 ? -18.618 3.053   0.931   1.00 28.04 ? 171 GLU A O   1 
ATOM   1168 C CB  . GLU A 1 149 ? -19.776 4.437   -1.603  1.00 28.88 ? 171 GLU A CB  1 
ATOM   1169 C CG  . GLU A 1 149 ? -18.577 4.646   -2.539  1.00 32.26 ? 171 GLU A CG  1 
ATOM   1170 C CD  . GLU A 1 149 ? -18.556 6.019   -3.225  1.00 35.63 ? 171 GLU A CD  1 
ATOM   1171 O OE1 . GLU A 1 149 ? -18.940 7.040   -2.601  1.00 35.95 ? 171 GLU A OE1 1 
ATOM   1172 O OE2 . GLU A 1 149 ? -18.136 6.071   -4.404  1.00 37.44 ? 171 GLU A OE2 1 
ATOM   1173 N N   . ASP A 1 150 ? -17.346 4.908   0.809   1.00 27.02 ? 172 ASP A N   1 
ATOM   1174 C CA  . ASP A 1 150 ? -16.201 4.310   1.498   1.00 26.31 ? 172 ASP A CA  1 
ATOM   1175 C C   . ASP A 1 150 ? -16.252 4.435   3.027   1.00 27.10 ? 172 ASP A C   1 
ATOM   1176 O O   . ASP A 1 150 ? -15.528 3.722   3.732   1.00 27.63 ? 172 ASP A O   1 
ATOM   1177 C CB  . ASP A 1 150 ? -14.873 4.870   0.953   1.00 25.06 ? 172 ASP A CB  1 
ATOM   1178 C CG  . ASP A 1 150 ? -14.531 4.339   -0.438  1.00 22.12 ? 172 ASP A CG  1 
ATOM   1179 O OD1 . ASP A 1 150 ? -14.816 3.158   -0.738  1.00 18.12 ? 172 ASP A OD1 1 
ATOM   1180 O OD2 . ASP A 1 150 ? -13.958 5.102   -1.235  1.00 16.84 ? 172 ASP A OD2 1 
ATOM   1181 N N   . ILE A 1 151 ? -17.080 5.342   3.538   1.00 27.64 ? 173 ILE A N   1 
ATOM   1182 C CA  . ILE A 1 151 ? -17.145 5.573   4.981   1.00 28.12 ? 173 ILE A CA  1 
ATOM   1183 C C   . ILE A 1 151 ? -18.348 4.874   5.613   1.00 28.71 ? 173 ILE A C   1 
ATOM   1184 O O   . ILE A 1 151 ? -18.167 3.987   6.449   1.00 29.67 ? 173 ILE A O   1 
ATOM   1185 C CB  . ILE A 1 151 ? -17.142 7.067   5.333   1.00 28.22 ? 173 ILE A CB  1 
ATOM   1186 C CG1 . ILE A 1 151 ? -15.903 7.744   4.740   1.00 27.24 ? 173 ILE A CG1 1 
ATOM   1187 C CG2 . ILE A 1 151 ? -17.178 7.251   6.859   1.00 28.11 ? 173 ILE A CG2 1 
ATOM   1188 C CD1 . ILE A 1 151 ? -16.046 9.229   4.532   1.00 25.77 ? 173 ILE A CD1 1 
HETATM 1189 S S   . DMS B 2 .   ? -9.786  -6.088  -15.591 1.00 14.33 ? 201 DMS A S   1 
HETATM 1190 O O   . DMS B 2 .   ? -10.242 -7.549  -14.733 1.00 12.77 ? 201 DMS A O   1 
HETATM 1191 C C1  . DMS B 2 .   ? -8.274  -5.506  -14.760 1.00 12.62 ? 201 DMS A C1  1 
HETATM 1192 C C2  . DMS B 2 .   ? -9.172  -6.584  -17.236 1.00 12.47 ? 201 DMS A C2  1 
HETATM 1193 C CAJ . 4X1 C 3 .   ? 2.975   -7.511  6.440   1.00 24.02 ? 202 4X1 A CAJ 1 
HETATM 1194 C CAH . 4X1 C 3 .   ? 3.348   -6.033  6.360   1.00 22.83 ? 202 4X1 A CAH 1 
HETATM 1195 C CAL . 4X1 C 3 .   ? 3.095   -5.394  7.591   1.00 20.52 ? 202 4X1 A CAL 1 
HETATM 1196 C CAD . 4X1 C 3 .   ? 3.618   -4.113  7.763   1.00 19.11 ? 202 4X1 A CAD 1 
HETATM 1197 C CAB . 4X1 C 3 .   ? 3.429   -3.403  8.946   1.00 15.40 ? 202 4X1 A CAB 1 
HETATM 1198 C CAC . 4X1 C 3 .   ? 2.683   -3.980  9.983   1.00 18.04 ? 202 4X1 A CAC 1 
HETATM 1199 C CAE . 4X1 C 3 .   ? 2.143   -5.263  9.830   1.00 18.92 ? 202 4X1 A CAE 1 
HETATM 1200 C CAM . 4X1 C 3 .   ? 2.346   -5.984  8.645   1.00 21.03 ? 202 4X1 A CAM 1 
HETATM 1201 C CAK . 4X1 C 3 .   ? 1.783   -7.275  8.526   1.00 22.31 ? 202 4X1 A CAK 1 
HETATM 1202 N NAN . 4X1 C 3 .   ? 1.670   -7.640  7.094   1.00 22.28 ? 202 4X1 A NAN 1 
HETATM 1203 C CAI . 4X1 C 3 .   ? 1.073   -8.959  6.860   1.00 25.43 ? 202 4X1 A CAI 1 
HETATM 1204 C CAG . 4X1 C 3 .   ? -0.442  -8.848  7.042   1.00 26.62 ? 202 4X1 A CAG 1 
HETATM 1205 C CAF . 4X1 C 3 .   ? -1.208  -10.063 6.502   1.00 28.71 ? 202 4X1 A CAF 1 
HETATM 1206 N NAA . 4X1 C 3 .   ? -2.625  -9.695  6.383   1.00 26.62 ? 202 4X1 A NAA 1 
HETATM 1207 O O   . HOH D 4 .   ? -11.940 -8.444  -2.313  1.00 8.40  ? 301 HOH A O   1 
HETATM 1208 O O   . HOH D 4 .   ? -12.708 0.628   1.208   1.00 15.89 ? 302 HOH A O   1 
HETATM 1209 O O   . HOH D 4 .   ? -12.745 7.383   -0.239  1.00 14.60 ? 303 HOH A O   1 
HETATM 1210 O O   . HOH D 4 .   ? -6.325  -3.848  3.513   1.00 2.93  ? 304 HOH A O   1 
HETATM 1211 O O   . HOH D 4 .   ? 10.576  6.420   1.798   1.00 5.79  ? 305 HOH A O   1 
HETATM 1212 O O   . HOH D 4 .   ? -14.711 10.948  8.834   1.00 12.15 ? 306 HOH A O   1 
HETATM 1213 O O   . HOH D 4 .   ? -7.115  18.960  11.960  1.00 12.09 ? 307 HOH A O   1 
HETATM 1214 O O   . HOH D 4 .   ? -1.574  -2.238  -14.835 1.00 9.93  ? 308 HOH A O   1 
HETATM 1215 O O   . HOH D 4 .   ? 11.725  2.574   13.440  1.00 7.03  ? 309 HOH A O   1 
HETATM 1216 O O   . HOH D 4 .   ? -8.749  -9.540  -15.423 1.00 3.59  ? 310 HOH A O   1 
HETATM 1217 O O   . HOH D 4 .   ? 12.354  3.792   -2.015  1.00 4.82  ? 311 HOH A O   1 
HETATM 1218 O O   . HOH D 4 .   ? 3.241   -8.734  -15.068 1.00 16.96 ? 312 HOH A O   1 
HETATM 1219 O O   . HOH D 4 .   ? 5.360   -16.940 -5.468  1.00 8.98  ? 313 HOH A O   1 
HETATM 1220 O O   . HOH D 4 .   ? 5.219   4.735   -15.518 1.00 12.72 ? 314 HOH A O   1 
HETATM 1221 O O   . HOH D 4 .   ? -6.955  11.535  0.644   1.00 6.62  ? 315 HOH A O   1 
HETATM 1222 O O   . HOH D 4 .   ? -4.080  -13.483 -0.107  1.00 9.61  ? 316 HOH A O   1 
HETATM 1223 O O   . HOH D 4 .   ? -12.505 -13.699 -5.798  1.00 7.98  ? 317 HOH A O   1 
HETATM 1224 O O   . HOH D 4 .   ? 2.075   6.480   -10.105 1.00 8.46  ? 318 HOH A O   1 
HETATM 1225 O O   . HOH D 4 .   ? 16.808  1.194   4.562   1.00 13.62 ? 319 HOH A O   1 
HETATM 1226 O O   . HOH D 4 .   ? 7.376   -0.590  7.736   1.00 9.05  ? 320 HOH A O   1 
HETATM 1227 O O   . HOH D 4 .   ? -8.961  -16.686 -9.217  1.00 13.08 ? 321 HOH A O   1 
HETATM 1228 O O   . HOH D 4 .   ? -1.894  -13.215 -14.454 1.00 12.65 ? 322 HOH A O   1 
HETATM 1229 O O   . HOH D 4 .   ? -1.007  -3.828  12.696  1.00 7.85  ? 323 HOH A O   1 
HETATM 1230 O O   . HOH D 4 .   ? 13.754  -1.305  12.542  1.00 5.76  ? 324 HOH A O   1 
HETATM 1231 O O   . HOH D 4 .   ? 4.257   -4.335  13.157  1.00 3.78  ? 325 HOH A O   1 
HETATM 1232 O O   . HOH D 4 .   ? 11.135  -5.973  -12.922 1.00 5.92  ? 326 HOH A O   1 
HETATM 1233 O O   . HOH D 4 .   ? -3.883  8.936   -5.415  1.00 17.71 ? 327 HOH A O   1 
HETATM 1234 O O   . HOH D 4 .   ? 17.698  -2.272  -3.956  1.00 14.04 ? 328 HOH A O   1 
HETATM 1235 O O   . HOH D 4 .   ? -5.239  14.872  9.510   1.00 12.95 ? 329 HOH A O   1 
HETATM 1236 O O   . HOH D 4 .   ? 0.178   1.019   -15.248 1.00 17.58 ? 330 HOH A O   1 
HETATM 1237 O O   . HOH D 4 .   ? -8.097  16.069  12.369  1.00 13.77 ? 331 HOH A O   1 
HETATM 1238 O O   . HOH D 4 .   ? 18.039  4.191   -2.150  1.00 5.88  ? 332 HOH A O   1 
HETATM 1239 O O   . HOH D 4 .   ? 3.491   1.353   -16.719 1.00 15.74 ? 333 HOH A O   1 
HETATM 1240 O O   . HOH D 4 .   ? 4.927   11.594  -4.732  1.00 17.45 ? 334 HOH A O   1 
HETATM 1241 O O   . HOH D 4 .   ? 10.533  -6.941  -0.025  1.00 10.33 ? 335 HOH A O   1 
HETATM 1242 O O   . HOH D 4 .   ? 7.003   -8.647  -13.965 1.00 12.19 ? 336 HOH A O   1 
HETATM 1243 O O   . HOH D 4 .   ? -2.530  -5.055  -17.665 1.00 10.43 ? 337 HOH A O   1 
HETATM 1244 O O   . HOH D 4 .   ? -2.978  -5.270  11.531  1.00 17.14 ? 338 HOH A O   1 
HETATM 1245 O O   . HOH D 4 .   ? 0.617   -12.365 -14.162 1.00 9.17  ? 339 HOH A O   1 
HETATM 1246 O O   . HOH D 4 .   ? -3.270  7.647   -8.041  1.00 9.10  ? 340 HOH A O   1 
HETATM 1247 O O   . HOH D 4 .   ? -9.779  -14.727 -6.880  1.00 13.43 ? 341 HOH A O   1 
HETATM 1248 O O   . HOH D 4 .   ? 13.987  -8.784  -8.271  1.00 10.86 ? 342 HOH A O   1 
HETATM 1249 O O   . HOH D 4 .   ? -1.811  -15.396 -3.248  1.00 15.72 ? 343 HOH A O   1 
HETATM 1250 O O   . HOH D 4 .   ? 14.084  7.909   3.960   1.00 13.98 ? 344 HOH A O   1 
HETATM 1251 O O   . HOH D 4 .   ? -6.252  -8.808  -15.270 1.00 6.90  ? 345 HOH A O   1 
HETATM 1252 O O   . HOH D 4 .   ? 3.566   -7.026  2.849   1.00 13.52 ? 346 HOH A O   1 
HETATM 1253 O O   . HOH D 4 .   ? 8.509   -4.015  5.218   1.00 8.27  ? 347 HOH A O   1 
HETATM 1254 O O   . HOH D 4 .   ? 5.969   -16.877 -13.171 1.00 16.75 ? 348 HOH A O   1 
HETATM 1255 O O   . HOH D 4 .   ? 0.809   -7.608  12.475  1.00 10.45 ? 349 HOH A O   1 
HETATM 1256 O O   . HOH D 4 .   ? 1.779   -10.892 -16.072 1.00 22.16 ? 350 HOH A O   1 
HETATM 1257 O O   . HOH D 4 .   ? 9.295   -4.906  2.435   1.00 19.35 ? 351 HOH A O   1 
HETATM 1258 O O   . HOH D 4 .   ? -9.159  -10.688 -17.996 1.00 5.98  ? 352 HOH A O   1 
HETATM 1259 O O   . HOH D 4 .   ? 15.122  -3.964  7.568   1.00 9.70  ? 353 HOH A O   1 
# 
